data_3GKM
# 
_entry.id   3GKM 
# 
_audit_conform.dict_name       mmcif_pdbx.dic 
_audit_conform.dict_version    5.380 
_audit_conform.dict_location   http://mmcif.pdb.org/dictionaries/ascii/mmcif_pdbx.dic 
# 
loop_
_database_2.database_id 
_database_2.database_code 
_database_2.pdbx_database_accession 
_database_2.pdbx_DOI 
PDB   3GKM         pdb_00003gkm 10.2210/pdb3gkm/pdb 
RCSB  RCSB051978   ?            ?                   
WWPDB D_1000051978 ?            ?                   
# 
loop_
_pdbx_database_related.db_name 
_pdbx_database_related.db_id 
_pdbx_database_related.details 
_pdbx_database_related.content_type 
PDB 3GKK . unspecified 
PDB 3GKN . unspecified 
# 
_pdbx_database_status.entry_id                        3GKM 
_pdbx_database_status.deposit_site                    RCSB 
_pdbx_database_status.process_site                    PDBJ 
_pdbx_database_status.recvd_initial_deposition_date   2009-03-11 
_pdbx_database_status.status_code                     REL 
_pdbx_database_status.status_code_sf                  REL 
_pdbx_database_status.status_code_mr                  ? 
_pdbx_database_status.SG_entry                        ? 
_pdbx_database_status.pdb_format_compatible           Y 
_pdbx_database_status.status_code_cs                  ? 
_pdbx_database_status.methods_development_category    ? 
_pdbx_database_status.status_code_nmr_data            ? 
# 
_audit_author.name           'Liao, S.-J.' 
_audit_author.pdbx_ordinal   1 
# 
_citation.id                        primary 
_citation.title                     
;Insights into the alkyl peroxide reduction pathway of Xanthomonas campestris bacterioferritin comigratory protein from the trapped intermediate-ligand complex structures
;
_citation.journal_abbrev            J.Mol.Biol. 
_citation.journal_volume            390 
_citation.page_first                951 
_citation.page_last                 966 
_citation.year                      2009 
_citation.journal_id_ASTM           JMOBAK 
_citation.country                   UK 
_citation.journal_id_ISSN           0022-2836 
_citation.journal_id_CSD            0070 
_citation.book_publisher            ? 
_citation.pdbx_database_id_PubMed   19477183 
_citation.pdbx_database_id_DOI      10.1016/j.jmb.2009.05.030 
# 
loop_
_citation_author.citation_id 
_citation_author.name 
_citation_author.ordinal 
_citation_author.identifier_ORCID 
primary 'Liao, S.-J.'   1 ? 
primary 'Yang, C.-Y.'   2 ? 
primary 'Chin, K.-H.'   3 ? 
primary 'Wang, A.H.-J.' 4 ? 
primary 'Chou, S.-H.'   5 ? 
# 
_cell.length_a           35.397 
_cell.length_b           51.421 
_cell.length_c           39.844 
_cell.angle_alpha        90 
_cell.angle_beta         103.243 
_cell.angle_gamma        90 
_cell.entry_id           3GKM 
_cell.pdbx_unique_axis   ? 
_cell.Z_PDB              2 
_cell.length_a_esd       ? 
_cell.length_b_esd       ? 
_cell.length_c_esd       ? 
_cell.angle_alpha_esd    ? 
_cell.angle_beta_esd     ? 
_cell.angle_gamma_esd    ? 
# 
_symmetry.space_group_name_H-M             'P 1 21 1' 
_symmetry.entry_id                         3GKM 
_symmetry.pdbx_full_space_group_name_H-M   ? 
_symmetry.Int_Tables_number                4 
_symmetry.cell_setting                     ? 
_symmetry.space_group_name_Hall            ? 
# 
loop_
_entity.id 
_entity.type 
_entity.src_method 
_entity.pdbx_description 
_entity.formula_weight 
_entity.pdbx_number_of_molecules 
_entity.pdbx_ec 
_entity.pdbx_mutation 
_entity.pdbx_fragment 
_entity.details 
1 polymer     man 'Bacterioferritin comigratory protein' 17539.896 1   1.11.1.15 'C48S, C84S' ? ? 
2 non-polymer syn 'FORMIC ACID'                          46.025    12  ?         ?            ? ? 
3 water       nat water                                  18.015    247 ?         ?            ? ? 
# 
_entity_poly.entity_id                      1 
_entity_poly.type                           'polypeptide(L)' 
_entity_poly.nstd_linkage                   no 
_entity_poly.nstd_monomer                   no 
_entity_poly.pdbx_seq_one_letter_code       
;SNAMTDAVLELPAATFDLPLSLSGGTQTTLRAHAGHWLVIYFYPKDSTPGSTTEGLDFNALLPEFDKAGAKILGVSRDSV
KSHDNFSAKQGFAFPLVSDGDEALCRAFDVIKEKNMYGKQVLGIERSTFLLSPEGQVVQAWRKVKVAGHADAVLAALKAH
AKQ
;
_entity_poly.pdbx_seq_one_letter_code_can   
;SNAMTDAVLELPAATFDLPLSLSGGTQTTLRAHAGHWLVIYFYPKDSTPGSTTEGLDFNALLPEFDKAGAKILGVSRDSV
KSHDNFSAKQGFAFPLVSDGDEALCRAFDVIKEKNMYGKQVLGIERSTFLLSPEGQVVQAWRKVKVAGHADAVLAALKAH
AKQ
;
_entity_poly.pdbx_strand_id                 A 
_entity_poly.pdbx_target_identifier         ? 
# 
loop_
_entity_poly_seq.entity_id 
_entity_poly_seq.num 
_entity_poly_seq.mon_id 
_entity_poly_seq.hetero 
1 1   SER n 
1 2   ASN n 
1 3   ALA n 
1 4   MET n 
1 5   THR n 
1 6   ASP n 
1 7   ALA n 
1 8   VAL n 
1 9   LEU n 
1 10  GLU n 
1 11  LEU n 
1 12  PRO n 
1 13  ALA n 
1 14  ALA n 
1 15  THR n 
1 16  PHE n 
1 17  ASP n 
1 18  LEU n 
1 19  PRO n 
1 20  LEU n 
1 21  SER n 
1 22  LEU n 
1 23  SER n 
1 24  GLY n 
1 25  GLY n 
1 26  THR n 
1 27  GLN n 
1 28  THR n 
1 29  THR n 
1 30  LEU n 
1 31  ARG n 
1 32  ALA n 
1 33  HIS n 
1 34  ALA n 
1 35  GLY n 
1 36  HIS n 
1 37  TRP n 
1 38  LEU n 
1 39  VAL n 
1 40  ILE n 
1 41  TYR n 
1 42  PHE n 
1 43  TYR n 
1 44  PRO n 
1 45  LYS n 
1 46  ASP n 
1 47  SER n 
1 48  THR n 
1 49  PRO n 
1 50  GLY n 
1 51  SER n 
1 52  THR n 
1 53  THR n 
1 54  GLU n 
1 55  GLY n 
1 56  LEU n 
1 57  ASP n 
1 58  PHE n 
1 59  ASN n 
1 60  ALA n 
1 61  LEU n 
1 62  LEU n 
1 63  PRO n 
1 64  GLU n 
1 65  PHE n 
1 66  ASP n 
1 67  LYS n 
1 68  ALA n 
1 69  GLY n 
1 70  ALA n 
1 71  LYS n 
1 72  ILE n 
1 73  LEU n 
1 74  GLY n 
1 75  VAL n 
1 76  SER n 
1 77  ARG n 
1 78  ASP n 
1 79  SER n 
1 80  VAL n 
1 81  LYS n 
1 82  SER n 
1 83  HIS n 
1 84  ASP n 
1 85  ASN n 
1 86  PHE n 
1 87  SER n 
1 88  ALA n 
1 89  LYS n 
1 90  GLN n 
1 91  GLY n 
1 92  PHE n 
1 93  ALA n 
1 94  PHE n 
1 95  PRO n 
1 96  LEU n 
1 97  VAL n 
1 98  SER n 
1 99  ASP n 
1 100 GLY n 
1 101 ASP n 
1 102 GLU n 
1 103 ALA n 
1 104 LEU n 
1 105 CYS n 
1 106 ARG n 
1 107 ALA n 
1 108 PHE n 
1 109 ASP n 
1 110 VAL n 
1 111 ILE n 
1 112 LYS n 
1 113 GLU n 
1 114 LYS n 
1 115 ASN n 
1 116 MET n 
1 117 TYR n 
1 118 GLY n 
1 119 LYS n 
1 120 GLN n 
1 121 VAL n 
1 122 LEU n 
1 123 GLY n 
1 124 ILE n 
1 125 GLU n 
1 126 ARG n 
1 127 SER n 
1 128 THR n 
1 129 PHE n 
1 130 LEU n 
1 131 LEU n 
1 132 SER n 
1 133 PRO n 
1 134 GLU n 
1 135 GLY n 
1 136 GLN n 
1 137 VAL n 
1 138 VAL n 
1 139 GLN n 
1 140 ALA n 
1 141 TRP n 
1 142 ARG n 
1 143 LYS n 
1 144 VAL n 
1 145 LYS n 
1 146 VAL n 
1 147 ALA n 
1 148 GLY n 
1 149 HIS n 
1 150 ALA n 
1 151 ASP n 
1 152 ALA n 
1 153 VAL n 
1 154 LEU n 
1 155 ALA n 
1 156 ALA n 
1 157 LEU n 
1 158 LYS n 
1 159 ALA n 
1 160 HIS n 
1 161 ALA n 
1 162 LYS n 
1 163 GLN n 
# 
_entity_src_gen.entity_id                          1 
_entity_src_gen.pdbx_src_id                        1 
_entity_src_gen.pdbx_alt_source_flag               sample 
_entity_src_gen.pdbx_seq_type                      ? 
_entity_src_gen.pdbx_beg_seq_num                   ? 
_entity_src_gen.pdbx_end_seq_num                   ? 
_entity_src_gen.gene_src_common_name               ? 
_entity_src_gen.gene_src_genus                     ? 
_entity_src_gen.pdbx_gene_src_gene                 BCP 
_entity_src_gen.gene_src_species                   ? 
_entity_src_gen.gene_src_strain                    17 
_entity_src_gen.gene_src_tissue                    ? 
_entity_src_gen.gene_src_tissue_fraction           ? 
_entity_src_gen.gene_src_details                   ? 
_entity_src_gen.pdbx_gene_src_fragment             ? 
_entity_src_gen.pdbx_gene_src_scientific_name      'Xanthomonas campestris pv. campestris' 
_entity_src_gen.pdbx_gene_src_ncbi_taxonomy_id     340 
_entity_src_gen.pdbx_gene_src_variant              ? 
_entity_src_gen.pdbx_gene_src_cell_line            ? 
_entity_src_gen.pdbx_gene_src_atcc                 ? 
_entity_src_gen.pdbx_gene_src_organ                ? 
_entity_src_gen.pdbx_gene_src_organelle            ? 
_entity_src_gen.pdbx_gene_src_cell                 ? 
_entity_src_gen.pdbx_gene_src_cellular_location    ? 
_entity_src_gen.host_org_common_name               ? 
_entity_src_gen.pdbx_host_org_scientific_name      'Escherichia coli' 
_entity_src_gen.pdbx_host_org_ncbi_taxonomy_id     562 
_entity_src_gen.host_org_genus                     ? 
_entity_src_gen.pdbx_host_org_gene                 ? 
_entity_src_gen.pdbx_host_org_organ                ? 
_entity_src_gen.host_org_species                   ? 
_entity_src_gen.pdbx_host_org_tissue               ? 
_entity_src_gen.pdbx_host_org_tissue_fraction      ? 
_entity_src_gen.pdbx_host_org_strain               'BL21(DE3)' 
_entity_src_gen.pdbx_host_org_variant              ? 
_entity_src_gen.pdbx_host_org_cell_line            ? 
_entity_src_gen.pdbx_host_org_atcc                 ? 
_entity_src_gen.pdbx_host_org_culture_collection   ? 
_entity_src_gen.pdbx_host_org_cell                 ? 
_entity_src_gen.pdbx_host_org_organelle            ? 
_entity_src_gen.pdbx_host_org_cellular_location    ? 
_entity_src_gen.pdbx_host_org_vector_type          plasmid 
_entity_src_gen.pdbx_host_org_vector               ? 
_entity_src_gen.host_org_details                   ? 
_entity_src_gen.expression_system_id               ? 
_entity_src_gen.plasmid_name                       pET 
_entity_src_gen.plasmid_details                    ? 
_entity_src_gen.pdbx_description                   ? 
# 
_struct_ref.id                         1 
_struct_ref.db_name                    UNP 
_struct_ref.db_code                    Q8P9V9_XANCP 
_struct_ref.pdbx_db_accession          Q8P9V9 
_struct_ref.entity_id                  1 
_struct_ref.pdbx_seq_one_letter_code   
;MTDAVLELPAATFDLPLSLSGGTQTTLRAHAGHWLVIYFYPKDSTPGCTTEGLDFNALLPEFDKAGAKILGVSRDSVKSH
DNFCAKQGFAFPLVSDGDEALCRAFDVIKEKNMYGKQVLGIERSTFLLSPEGQVVQAWRKVKVAGHADAVLAALKAHAKQ

;
_struct_ref.pdbx_align_begin           1 
_struct_ref.pdbx_db_isoform            ? 
# 
_struct_ref_seq.align_id                      1 
_struct_ref_seq.ref_id                        1 
_struct_ref_seq.pdbx_PDB_id_code              3GKM 
_struct_ref_seq.pdbx_strand_id                A 
_struct_ref_seq.seq_align_beg                 4 
_struct_ref_seq.pdbx_seq_align_beg_ins_code   ? 
_struct_ref_seq.seq_align_end                 163 
_struct_ref_seq.pdbx_seq_align_end_ins_code   ? 
_struct_ref_seq.pdbx_db_accession             Q8P9V9 
_struct_ref_seq.db_align_beg                  1 
_struct_ref_seq.pdbx_db_align_beg_ins_code    ? 
_struct_ref_seq.db_align_end                  160 
_struct_ref_seq.pdbx_db_align_end_ins_code    ? 
_struct_ref_seq.pdbx_auth_seq_align_beg       1 
_struct_ref_seq.pdbx_auth_seq_align_end       160 
# 
loop_
_struct_ref_seq_dif.align_id 
_struct_ref_seq_dif.pdbx_pdb_id_code 
_struct_ref_seq_dif.mon_id 
_struct_ref_seq_dif.pdbx_pdb_strand_id 
_struct_ref_seq_dif.seq_num 
_struct_ref_seq_dif.pdbx_pdb_ins_code 
_struct_ref_seq_dif.pdbx_seq_db_name 
_struct_ref_seq_dif.pdbx_seq_db_accession_code 
_struct_ref_seq_dif.db_mon_id 
_struct_ref_seq_dif.pdbx_seq_db_seq_num 
_struct_ref_seq_dif.details 
_struct_ref_seq_dif.pdbx_auth_seq_num 
_struct_ref_seq_dif.pdbx_ordinal 
1 3GKM SER A 1  ? UNP Q8P9V9 ?   ?  'expression tag'      -2 1 
1 3GKM ASN A 2  ? UNP Q8P9V9 ?   ?  'expression tag'      -1 2 
1 3GKM ALA A 3  ? UNP Q8P9V9 ?   ?  'expression tag'      0  3 
1 3GKM SER A 51 ? UNP Q8P9V9 CYS 48 'engineered mutation' 48 4 
1 3GKM SER A 87 ? UNP Q8P9V9 CYS 84 'engineered mutation' 84 5 
# 
loop_
_chem_comp.id 
_chem_comp.type 
_chem_comp.mon_nstd_flag 
_chem_comp.name 
_chem_comp.pdbx_synonyms 
_chem_comp.formula 
_chem_comp.formula_weight 
ALA 'L-peptide linking' y ALANINE         ? 'C3 H7 N O2'     89.093  
ARG 'L-peptide linking' y ARGININE        ? 'C6 H15 N4 O2 1' 175.209 
ASN 'L-peptide linking' y ASPARAGINE      ? 'C4 H8 N2 O3'    132.118 
ASP 'L-peptide linking' y 'ASPARTIC ACID' ? 'C4 H7 N O4'     133.103 
CYS 'L-peptide linking' y CYSTEINE        ? 'C3 H7 N O2 S'   121.158 
FMT non-polymer         . 'FORMIC ACID'   ? 'C H2 O2'        46.025  
GLN 'L-peptide linking' y GLUTAMINE       ? 'C5 H10 N2 O3'   146.144 
GLU 'L-peptide linking' y 'GLUTAMIC ACID' ? 'C5 H9 N O4'     147.129 
GLY 'peptide linking'   y GLYCINE         ? 'C2 H5 N O2'     75.067  
HIS 'L-peptide linking' y HISTIDINE       ? 'C6 H10 N3 O2 1' 156.162 
HOH non-polymer         . WATER           ? 'H2 O'           18.015  
ILE 'L-peptide linking' y ISOLEUCINE      ? 'C6 H13 N O2'    131.173 
LEU 'L-peptide linking' y LEUCINE         ? 'C6 H13 N O2'    131.173 
LYS 'L-peptide linking' y LYSINE          ? 'C6 H15 N2 O2 1' 147.195 
MET 'L-peptide linking' y METHIONINE      ? 'C5 H11 N O2 S'  149.211 
PHE 'L-peptide linking' y PHENYLALANINE   ? 'C9 H11 N O2'    165.189 
PRO 'L-peptide linking' y PROLINE         ? 'C5 H9 N O2'     115.130 
SER 'L-peptide linking' y SERINE          ? 'C3 H7 N O3'     105.093 
THR 'L-peptide linking' y THREONINE       ? 'C4 H9 N O3'     119.119 
TRP 'L-peptide linking' y TRYPTOPHAN      ? 'C11 H12 N2 O2'  204.225 
TYR 'L-peptide linking' y TYROSINE        ? 'C9 H11 N O3'    181.189 
VAL 'L-peptide linking' y VALINE          ? 'C5 H11 N O2'    117.146 
# 
_exptl.entry_id          3GKM 
_exptl.method            'X-RAY DIFFRACTION' 
_exptl.crystals_number   1 
# 
_exptl_crystal.id                    1 
_exptl_crystal.density_meas          ? 
_exptl_crystal.density_Matthews      2.01 
_exptl_crystal.density_percent_sol   38.88 
_exptl_crystal.description           ? 
_exptl_crystal.F_000                 ? 
_exptl_crystal.preparation           ? 
# 
_exptl_crystal_grow.crystal_id      1 
_exptl_crystal_grow.method          ? 
_exptl_crystal_grow.temp            298 
_exptl_crystal_grow.temp_details    ? 
_exptl_crystal_grow.pH              5.5 
_exptl_crystal_grow.pdbx_pH_range   ? 
_exptl_crystal_grow.pdbx_details    '36% PEG 4000, 0.1M cacodylate, pH 5.5, VAPOR DIFFUSION, HANGING DROP, temperature 298K' 
# 
_diffrn.id                     1 
_diffrn.ambient_temp           100 
_diffrn.ambient_temp_details   ? 
_diffrn.crystal_id             1 
# 
_diffrn_detector.diffrn_id              1 
_diffrn_detector.detector               CCD 
_diffrn_detector.type                   'ADSC QUANTUM 315' 
_diffrn_detector.pdbx_collection_date   2009-02-19 
_diffrn_detector.details                ? 
# 
_diffrn_radiation.diffrn_id                        1 
_diffrn_radiation.wavelength_id                    1 
_diffrn_radiation.pdbx_monochromatic_or_laue_m_l   M 
_diffrn_radiation.monochromator                    ? 
_diffrn_radiation.pdbx_diffrn_protocol             'SINGLE WAVELENGTH' 
_diffrn_radiation.pdbx_scattering_type             x-ray 
# 
_diffrn_radiation_wavelength.id           1 
_diffrn_radiation_wavelength.wavelength   1.00000 
_diffrn_radiation_wavelength.wt           1.0 
# 
_diffrn_source.diffrn_id                   1 
_diffrn_source.source                      SYNCHROTRON 
_diffrn_source.type                        'NSRRC BEAMLINE BL13B1' 
_diffrn_source.pdbx_synchrotron_site       NSRRC 
_diffrn_source.pdbx_synchrotron_beamline   BL13B1 
_diffrn_source.pdbx_wavelength             1.00000 
_diffrn_source.pdbx_wavelength_list        ? 
# 
_reflns.entry_id                     3GKM 
_reflns.observed_criterion_sigma_I   -3.000 
_reflns.observed_criterion_sigma_F   ? 
_reflns.d_resolution_low             30.000 
_reflns.d_resolution_high            1.530 
_reflns.number_obs                   20772 
_reflns.number_all                   ? 
_reflns.percent_possible_obs         97.9 
_reflns.pdbx_Rmerge_I_obs            0.03300 
_reflns.pdbx_Rsym_value              0.03300 
_reflns.pdbx_netI_over_sigmaI        37.9080 
_reflns.B_iso_Wilson_estimate        ? 
_reflns.pdbx_redundancy              3.700 
_reflns.R_free_details               ? 
_reflns.limit_h_max                  ? 
_reflns.limit_h_min                  ? 
_reflns.limit_k_max                  ? 
_reflns.limit_k_min                  ? 
_reflns.limit_l_max                  ? 
_reflns.limit_l_min                  ? 
_reflns.observed_criterion_F_max     ? 
_reflns.observed_criterion_F_min     ? 
_reflns.pdbx_chi_squared             ? 
_reflns.pdbx_scaling_rejects         ? 
_reflns.pdbx_diffrn_id               1 
_reflns.pdbx_ordinal                 1 
# 
_reflns_shell.d_res_high             1.53 
_reflns_shell.d_res_low              1.58 
_reflns_shell.percent_possible_all   96.6 
_reflns_shell.Rmerge_I_obs           0.12700 
_reflns_shell.pdbx_Rsym_value        0.12700 
_reflns_shell.meanI_over_sigI_obs    10.836 
_reflns_shell.pdbx_redundancy        3.80 
_reflns_shell.percent_possible_obs   ? 
_reflns_shell.number_unique_all      ? 
_reflns_shell.number_measured_all    ? 
_reflns_shell.number_measured_obs    ? 
_reflns_shell.number_unique_obs      ? 
_reflns_shell.pdbx_chi_squared       ? 
_reflns_shell.pdbx_diffrn_id         ? 
_reflns_shell.pdbx_ordinal           1 
# 
_refine.pdbx_refine_id                           'X-RAY DIFFRACTION' 
_refine.entry_id                                 3GKM 
_refine.ls_number_reflns_obs                     19523 
_refine.ls_number_reflns_all                     20517 
_refine.pdbx_ls_sigma_I                          ? 
_refine.pdbx_ls_sigma_F                          0 
_refine.pdbx_data_cutoff_high_absF               ? 
_refine.pdbx_data_cutoff_low_absF                ? 
_refine.pdbx_data_cutoff_high_rms_absF           ? 
_refine.ls_d_res_low                             23.25 
_refine.ls_d_res_high                            1.53 
_refine.ls_percent_reflns_obs                    97.9 
_refine.ls_R_factor_obs                          0.170 
_refine.ls_R_factor_all                          ? 
_refine.ls_R_factor_R_work                       0.170 
_refine.ls_R_factor_R_free                       0.188 
_refine.ls_R_factor_R_free_error                 ? 
_refine.ls_R_factor_R_free_error_details         ? 
_refine.ls_percent_reflns_R_free                 5 
_refine.ls_number_reflns_R_free                  994 
_refine.ls_number_parameters                     ? 
_refine.ls_number_restraints                     ? 
_refine.occupancy_min                            1.00 
_refine.occupancy_max                            1.00 
_refine.correlation_coeff_Fo_to_Fc               ? 
_refine.correlation_coeff_Fo_to_Fc_free          ? 
_refine.B_iso_mean                               11.44 
_refine.aniso_B[1][1]                            ? 
_refine.aniso_B[2][2]                            ? 
_refine.aniso_B[3][3]                            ? 
_refine.aniso_B[1][2]                            ? 
_refine.aniso_B[1][3]                            ? 
_refine.aniso_B[2][3]                            ? 
_refine.solvent_model_details                    ? 
_refine.solvent_model_param_ksol                 ? 
_refine.solvent_model_param_bsol                 ? 
_refine.pdbx_solvent_vdw_probe_radii             ? 
_refine.pdbx_solvent_ion_probe_radii             ? 
_refine.pdbx_solvent_shrinkage_radii             ? 
_refine.pdbx_ls_cross_valid_method               THROUGHOUT 
_refine.details                                  ? 
_refine.pdbx_starting_model                      'PDB ENTRY 3GKK' 
_refine.pdbx_method_to_determine_struct          'MOLECULAR REPLACEMENT' 
_refine.pdbx_isotropic_thermal_model             ? 
_refine.pdbx_stereochemistry_target_values       ? 
_refine.pdbx_stereochem_target_val_spec_case     ? 
_refine.pdbx_R_Free_selection_details            RANDOM 
_refine.pdbx_overall_ESU_R                       ? 
_refine.pdbx_overall_ESU_R_Free                  ? 
_refine.overall_SU_ML                            ? 
_refine.pdbx_overall_phase_error                 ? 
_refine.overall_SU_B                             ? 
_refine.ls_redundancy_reflns_obs                 ? 
_refine.B_iso_min                                ? 
_refine.B_iso_max                                ? 
_refine.overall_SU_R_Cruickshank_DPI             ? 
_refine.overall_SU_R_free                        ? 
_refine.ls_wR_factor_R_free                      ? 
_refine.ls_wR_factor_R_work                      ? 
_refine.overall_FOM_free_R_set                   ? 
_refine.overall_FOM_work_R_set                   ? 
_refine.pdbx_diffrn_id                           1 
_refine.pdbx_TLS_residual_ADP_flag               ? 
_refine.pdbx_overall_SU_R_free_Cruickshank_DPI   ? 
_refine.pdbx_overall_SU_R_Blow_DPI               ? 
_refine.pdbx_overall_SU_R_free_Blow_DPI          ? 
# 
_refine_hist.pdbx_refine_id                   'X-RAY DIFFRACTION' 
_refine_hist.cycle_id                         LAST 
_refine_hist.pdbx_number_atoms_protein        1193 
_refine_hist.pdbx_number_atoms_nucleic_acid   0 
_refine_hist.pdbx_number_atoms_ligand         36 
_refine_hist.number_atoms_solvent             247 
_refine_hist.number_atoms_total               1476 
_refine_hist.d_res_high                       1.53 
_refine_hist.d_res_low                        23.25 
# 
loop_
_refine_ls_restr.type 
_refine_ls_restr.number 
_refine_ls_restr.dev_ideal 
_refine_ls_restr.dev_ideal_target 
_refine_ls_restr.weight 
_refine_ls_restr.pdbx_refine_id 
_refine_ls_restr.pdbx_restraint_function 
c_bond_d           ? 0.004189 ?     ? 'X-RAY DIFFRACTION' ? 
c_angle_deg        ? 1.26881  ?     ? 'X-RAY DIFFRACTION' ? 
c_dihedral_angle_d ? ?        ?     ? 'X-RAY DIFFRACTION' ? 
c_improper_angle_d ? ?        ?     ? 'X-RAY DIFFRACTION' ? 
c_mcbond_it        ? 1.022    1.500 ? 'X-RAY DIFFRACTION' ? 
c_mcangle_it       ? 1.575    2.000 ? 'X-RAY DIFFRACTION' ? 
c_scbond_it        ? 1.845    2.000 ? 'X-RAY DIFFRACTION' ? 
c_scangle_it       ? 2.577    2.500 ? 'X-RAY DIFFRACTION' ? 
# 
_refine_ls_shell.pdbx_refine_id                   'X-RAY DIFFRACTION' 
_refine_ls_shell.pdbx_total_number_of_bins_used   ? 
_refine_ls_shell.d_res_high                       1.53 
_refine_ls_shell.d_res_low                        1.58 
_refine_ls_shell.number_reflns_R_work             ? 
_refine_ls_shell.R_factor_R_work                  ? 
_refine_ls_shell.percent_reflns_obs               96.6 
_refine_ls_shell.R_factor_R_free                  ? 
_refine_ls_shell.R_factor_R_free_error            ? 
_refine_ls_shell.percent_reflns_R_free            5 
_refine_ls_shell.number_reflns_R_free             ? 
_refine_ls_shell.number_reflns_all                ? 
_refine_ls_shell.R_factor_all                     ? 
_refine_ls_shell.redundancy_reflns_obs            ? 
_refine_ls_shell.number_reflns_obs                ? 
# 
_pdbx_xplor_file.pdbx_refine_id   'X-RAY DIFFRACTION' 
_pdbx_xplor_file.serial_no        1 
_pdbx_xplor_file.param_file       protein_rep.param 
_pdbx_xplor_file.topol_file       protein_rep.top 
# 
_struct.entry_id                  3GKM 
_struct.title                     
;Insights into the Alkyl Peroxide Reduction Activity of Xanthomonas campestris Bacterioferritin Comigratory Protein from the Trapped Intermediate/Ligand Complex Structures
;
_struct.pdbx_model_details        ? 
_struct.pdbx_CASP_flag            ? 
_struct.pdbx_model_type_details   ? 
# 
_struct_keywords.entry_id        3GKM 
_struct_keywords.pdbx_keywords   OXIDOREDUCTASE 
_struct_keywords.text            'Xanthomonas campestris, Bcp, Prx, Atypical 2-Cys, OXIDOREDUCTASE' 
# 
loop_
_struct_asym.id 
_struct_asym.pdbx_blank_PDB_chainid_flag 
_struct_asym.pdbx_modified 
_struct_asym.entity_id 
_struct_asym.details 
A N N 1 ? 
B N N 2 ? 
C N N 2 ? 
D N N 2 ? 
E N N 2 ? 
F N N 2 ? 
G N N 2 ? 
H N N 2 ? 
I N N 2 ? 
J N N 2 ? 
K N N 2 ? 
L N N 2 ? 
M N N 2 ? 
N N N 3 ? 
# 
_struct_biol.id        1 
_struct_biol.details   ? 
# 
loop_
_struct_conf.conf_type_id 
_struct_conf.id 
_struct_conf.pdbx_PDB_helix_id 
_struct_conf.beg_label_comp_id 
_struct_conf.beg_label_asym_id 
_struct_conf.beg_label_seq_id 
_struct_conf.pdbx_beg_PDB_ins_code 
_struct_conf.end_label_comp_id 
_struct_conf.end_label_asym_id 
_struct_conf.end_label_seq_id 
_struct_conf.pdbx_end_PDB_ins_code 
_struct_conf.beg_auth_comp_id 
_struct_conf.beg_auth_asym_id 
_struct_conf.beg_auth_seq_id 
_struct_conf.end_auth_comp_id 
_struct_conf.end_auth_asym_id 
_struct_conf.end_auth_seq_id 
_struct_conf.pdbx_PDB_helix_class 
_struct_conf.details 
_struct_conf.pdbx_PDB_helix_length 
HELX_P HELX_P1 1 PRO A 12  ? LEU A 18  ? PRO A 9   LEU A 15  5 ? 7  
HELX_P HELX_P2 2 LEU A 30  ? ALA A 34  ? LEU A 27  ALA A 31  5 ? 5  
HELX_P HELX_P3 3 THR A 48  ? LEU A 61  ? THR A 45  LEU A 58  1 ? 14 
HELX_P HELX_P4 4 LEU A 61  ? ALA A 68  ? LEU A 58  ALA A 65  1 ? 8  
HELX_P HELX_P5 5 SER A 79  ? GLY A 91  ? SER A 76  GLY A 88  1 ? 13 
HELX_P HELX_P6 6 GLU A 102 ? PHE A 108 ? GLU A 99  PHE A 105 1 ? 7  
HELX_P HELX_P7 7 GLY A 148 ? LYS A 162 ? GLY A 145 LYS A 159 1 ? 15 
# 
_struct_conf_type.id          HELX_P 
_struct_conf_type.criteria    ? 
_struct_conf_type.reference   ? 
# 
loop_
_struct_sheet.id 
_struct_sheet.type 
_struct_sheet.number_strands 
_struct_sheet.details 
A ? 7 ? 
B ? 2 ? 
# 
loop_
_struct_sheet_order.sheet_id 
_struct_sheet_order.range_id_1 
_struct_sheet_order.range_id_2 
_struct_sheet_order.offset 
_struct_sheet_order.sense 
A 1 2 ? anti-parallel 
A 2 3 ? anti-parallel 
A 3 4 ? parallel      
A 4 5 ? parallel      
A 5 6 ? anti-parallel 
A 6 7 ? anti-parallel 
B 1 2 ? anti-parallel 
# 
loop_
_struct_sheet_range.sheet_id 
_struct_sheet_range.id 
_struct_sheet_range.beg_label_comp_id 
_struct_sheet_range.beg_label_asym_id 
_struct_sheet_range.beg_label_seq_id 
_struct_sheet_range.pdbx_beg_PDB_ins_code 
_struct_sheet_range.end_label_comp_id 
_struct_sheet_range.end_label_asym_id 
_struct_sheet_range.end_label_seq_id 
_struct_sheet_range.pdbx_end_PDB_ins_code 
_struct_sheet_range.beg_auth_comp_id 
_struct_sheet_range.beg_auth_asym_id 
_struct_sheet_range.beg_auth_seq_id 
_struct_sheet_range.end_auth_comp_id 
_struct_sheet_range.end_auth_asym_id 
_struct_sheet_range.end_auth_seq_id 
A 1 GLN A 27  ? THR A 28  ? GLN A 24  THR A 25  
A 2 LEU A 20  ? LEU A 22  ? LEU A 17  LEU A 19  
A 3 LEU A 96  ? SER A 98  ? LEU A 93  SER A 95  
A 4 LYS A 71  ? SER A 76  ? LYS A 68  SER A 73  
A 5 LEU A 38  ? PHE A 42  ? LEU A 35  PHE A 39  
A 6 SER A 127 ? LEU A 131 ? SER A 124 LEU A 128 
A 7 VAL A 137 ? ARG A 142 ? VAL A 134 ARG A 139 
B 1 ILE A 111 ? MET A 116 ? ILE A 108 MET A 113 
B 2 LYS A 119 ? ILE A 124 ? LYS A 116 ILE A 121 
# 
loop_
_pdbx_struct_sheet_hbond.sheet_id 
_pdbx_struct_sheet_hbond.range_id_1 
_pdbx_struct_sheet_hbond.range_id_2 
_pdbx_struct_sheet_hbond.range_1_label_atom_id 
_pdbx_struct_sheet_hbond.range_1_label_comp_id 
_pdbx_struct_sheet_hbond.range_1_label_asym_id 
_pdbx_struct_sheet_hbond.range_1_label_seq_id 
_pdbx_struct_sheet_hbond.range_1_PDB_ins_code 
_pdbx_struct_sheet_hbond.range_1_auth_atom_id 
_pdbx_struct_sheet_hbond.range_1_auth_comp_id 
_pdbx_struct_sheet_hbond.range_1_auth_asym_id 
_pdbx_struct_sheet_hbond.range_1_auth_seq_id 
_pdbx_struct_sheet_hbond.range_2_label_atom_id 
_pdbx_struct_sheet_hbond.range_2_label_comp_id 
_pdbx_struct_sheet_hbond.range_2_label_asym_id 
_pdbx_struct_sheet_hbond.range_2_label_seq_id 
_pdbx_struct_sheet_hbond.range_2_PDB_ins_code 
_pdbx_struct_sheet_hbond.range_2_auth_atom_id 
_pdbx_struct_sheet_hbond.range_2_auth_comp_id 
_pdbx_struct_sheet_hbond.range_2_auth_asym_id 
_pdbx_struct_sheet_hbond.range_2_auth_seq_id 
A 1 2 O THR A 28  ? O THR A 25  N LEU A 20  ? N LEU A 17  
A 2 3 N SER A 21  ? N SER A 18  O SER A 98  ? O SER A 95  
A 3 4 O VAL A 97  ? O VAL A 94  N GLY A 74  ? N GLY A 71  
A 4 5 O LYS A 71  ? O LYS A 68  N VAL A 39  ? N VAL A 36  
A 5 6 N PHE A 42  ? N PHE A 39  O SER A 127 ? O SER A 124 
A 6 7 N THR A 128 ? N THR A 125 O TRP A 141 ? O TRP A 138 
B 1 2 N LYS A 114 ? N LYS A 111 O VAL A 121 ? O VAL A 118 
# 
loop_
_struct_site.id 
_struct_site.pdbx_evidence_code 
_struct_site.pdbx_auth_asym_id 
_struct_site.pdbx_auth_comp_id 
_struct_site.pdbx_auth_seq_id 
_struct_site.pdbx_auth_ins_code 
_struct_site.pdbx_num_residues 
_struct_site.details 
AC1 Software A FMT 408 ? 2 'BINDING SITE FOR RESIDUE FMT A 408' 
AC2 Software A FMT 409 ? 5 'BINDING SITE FOR RESIDUE FMT A 409' 
AC3 Software A FMT 410 ? 5 'BINDING SITE FOR RESIDUE FMT A 410' 
AC4 Software A FMT 411 ? 6 'BINDING SITE FOR RESIDUE FMT A 411' 
AC5 Software A FMT 412 ? 3 'BINDING SITE FOR RESIDUE FMT A 412' 
AC6 Software A FMT 413 ? 4 'BINDING SITE FOR RESIDUE FMT A 413' 
AC7 Software A FMT 414 ? 6 'BINDING SITE FOR RESIDUE FMT A 414' 
AC8 Software A FMT 415 ? 5 'BINDING SITE FOR RESIDUE FMT A 415' 
AC9 Software A FMT 416 ? 4 'BINDING SITE FOR RESIDUE FMT A 416' 
BC1 Software A FMT 417 ? 4 'BINDING SITE FOR RESIDUE FMT A 417' 
BC2 Software A FMT 418 ? 3 'BINDING SITE FOR RESIDUE FMT A 418' 
BC3 Software A FMT 419 ? 4 'BINDING SITE FOR RESIDUE FMT A 419' 
# 
loop_
_struct_site_gen.id 
_struct_site_gen.site_id 
_struct_site_gen.pdbx_num_res 
_struct_site_gen.label_comp_id 
_struct_site_gen.label_asym_id 
_struct_site_gen.label_seq_id 
_struct_site_gen.pdbx_auth_ins_code 
_struct_site_gen.auth_comp_id 
_struct_site_gen.auth_asym_id 
_struct_site_gen.auth_seq_id 
_struct_site_gen.label_atom_id 
_struct_site_gen.label_alt_id 
_struct_site_gen.symmetry 
_struct_site_gen.details 
1  AC1 2 ALA A 93  ? ALA A 90  . ? 1_555 ? 
2  AC1 2 HOH N .   ? HOH A 391 . ? 1_555 ? 
3  AC2 5 VAL A 8   ? VAL A 5   . ? 1_555 ? 
4  AC2 5 LEU A 9   ? LEU A 6   . ? 1_555 ? 
5  AC2 5 ALA A 140 ? ALA A 137 . ? 1_555 ? 
6  AC2 5 ARG A 142 ? ARG A 139 . ? 1_555 ? 
7  AC2 5 HOH N .   ? HOH A 347 . ? 1_555 ? 
8  AC3 5 SER A 21  ? SER A 18  . ? 1_555 ? 
9  AC3 5 SER A 98  ? SER A 95  . ? 1_555 ? 
10 AC3 5 GLY A 100 ? GLY A 97  . ? 1_555 ? 
11 AC3 5 HOH N .   ? HOH A 269 . ? 1_555 ? 
12 AC3 5 FMT I .   ? FMT A 415 . ? 1_555 ? 
13 AC4 6 PRO A 44  ? PRO A 41  . ? 1_555 ? 
14 AC4 6 LYS A 45  ? LYS A 42  . ? 1_555 ? 
15 AC4 6 THR A 48  ? THR A 45  . ? 1_555 ? 
16 AC4 6 SER A 51  ? SER A 48  . ? 1_555 ? 
17 AC4 6 ARG A 126 ? ARG A 123 . ? 1_555 ? 
18 AC4 6 HOH N .   ? HOH A 396 . ? 1_555 ? 
19 AC5 3 ALA A 13  ? ALA A 10  . ? 1_555 ? 
20 AC5 3 HOH N .   ? HOH A 201 . ? 1_555 ? 
21 AC5 3 FMT G .   ? FMT A 413 . ? 1_555 ? 
22 AC6 4 PRO A 12  ? PRO A 9   . ? 1_555 ? 
23 AC6 4 ALA A 13  ? ALA A 10  . ? 1_555 ? 
24 AC6 4 HOH N .   ? HOH A 240 . ? 1_555 ? 
25 AC6 4 FMT F .   ? FMT A 412 . ? 1_555 ? 
26 AC7 6 ALA A 140 ? ALA A 137 . ? 1_555 ? 
27 AC7 6 HOH N .   ? HOH A 174 . ? 1_555 ? 
28 AC7 6 HOH N .   ? HOH A 220 . ? 1_555 ? 
29 AC7 6 HOH N .   ? HOH A 244 . ? 1_655 ? 
30 AC7 6 HOH N .   ? HOH A 288 . ? 1_555 ? 
31 AC7 6 HOH N .   ? HOH A 366 . ? 1_555 ? 
32 AC8 5 SER A 79  ? SER A 76  . ? 1_555 ? 
33 AC8 5 HOH N .   ? HOH A 165 . ? 1_555 ? 
34 AC8 5 HOH N .   ? HOH A 297 . ? 1_555 ? 
35 AC8 5 HOH N .   ? HOH A 394 . ? 1_555 ? 
36 AC8 5 FMT D .   ? FMT A 410 . ? 1_555 ? 
37 AC9 4 LEU A 9   ? LEU A 6   . ? 1_555 ? 
38 AC9 4 GLU A 10  ? GLU A 7   . ? 1_555 ? 
39 AC9 4 HOH N .   ? HOH A 320 . ? 1_555 ? 
40 AC9 4 HOH N .   ? HOH A 331 . ? 1_655 ? 
41 BC1 4 SER A 23  ? SER A 20  . ? 1_555 ? 
42 BC1 4 PRO A 95  ? PRO A 92  . ? 1_555 ? 
43 BC1 4 HOH N .   ? HOH A 233 . ? 1_555 ? 
44 BC1 4 HOH N .   ? HOH A 393 . ? 1_555 ? 
45 BC2 3 ALA A 32  ? ALA A 29  . ? 1_555 ? 
46 BC2 3 HIS A 36  ? HIS A 33  . ? 1_555 ? 
47 BC2 3 HOH N .   ? HOH A 276 . ? 1_555 ? 
48 BC3 4 GLU A 102 ? GLU A 99  . ? 1_555 ? 
49 BC3 4 LEU A 122 ? LEU A 119 . ? 1_555 ? 
50 BC3 4 GLY A 123 ? GLY A 120 . ? 1_555 ? 
51 BC3 4 HOH N .   ? HOH A 401 . ? 1_555 ? 
# 
_atom_sites.entry_id                    3GKM 
_atom_sites.fract_transf_matrix[1][1]   -0.02394289 
_atom_sites.fract_transf_matrix[1][2]   0.01552645 
_atom_sites.fract_transf_matrix[1][3]   -0.00529108 
_atom_sites.fract_transf_matrix[2][1]   0.00405863 
_atom_sites.fract_transf_matrix[2][2]   0.01143705 
_atom_sites.fract_transf_matrix[2][3]   0.01519563 
_atom_sites.fract_transf_matrix[3][1]   0.00830949 
_atom_sites.fract_transf_matrix[3][2]   0.01838391 
_atom_sites.fract_transf_matrix[3][3]   -0.01605612 
_atom_sites.fract_transf_vector[1]      0.156103 
_atom_sites.fract_transf_vector[2]      0.007943 
_atom_sites.fract_transf_vector[3]      0.240150 
# 
loop_
_atom_type.symbol 
C 
N 
O 
S 
# 
loop_
_atom_site.group_PDB 
_atom_site.id 
_atom_site.type_symbol 
_atom_site.label_atom_id 
_atom_site.label_alt_id 
_atom_site.label_comp_id 
_atom_site.label_asym_id 
_atom_site.label_entity_id 
_atom_site.label_seq_id 
_atom_site.pdbx_PDB_ins_code 
_atom_site.Cartn_x 
_atom_site.Cartn_y 
_atom_site.Cartn_z 
_atom_site.occupancy 
_atom_site.B_iso_or_equiv 
_atom_site.pdbx_formal_charge 
_atom_site.auth_seq_id 
_atom_site.auth_comp_id 
_atom_site.auth_asym_id 
_atom_site.auth_atom_id 
_atom_site.pdbx_PDB_model_num 
ATOM   1    N N   . ASP A 1 6   ? -7.679  15.551  -10.512 1.00 27.40 ? 3   ASP A N   1 
ATOM   2    C CA  . ASP A 1 6   ? -7.371  16.230  -9.222  1.00 26.28 ? 3   ASP A CA  1 
ATOM   3    C C   . ASP A 1 6   ? -7.158  15.230  -8.092  1.00 23.34 ? 3   ASP A C   1 
ATOM   4    O O   . ASP A 1 6   ? -7.345  14.025  -8.266  1.00 23.73 ? 3   ASP A O   1 
ATOM   5    C CB  . ASP A 1 6   ? -8.502  17.190  -8.848  1.00 29.02 ? 3   ASP A CB  1 
ATOM   6    C CG  . ASP A 1 6   ? -8.536  18.420  -9.731  1.00 32.50 ? 3   ASP A CG  1 
ATOM   7    O OD1 . ASP A 1 6   ? -7.558  19.197  -9.703  1.00 34.01 ? 3   ASP A OD1 1 
ATOM   8    O OD2 . ASP A 1 6   ? -9.538  18.609  -10.453 1.00 34.29 ? 3   ASP A OD2 1 
ATOM   9    N N   . ALA A 1 7   ? -6.769  15.743  -6.932  1.00 19.91 ? 4   ALA A N   1 
ATOM   10   C CA  . ALA A 1 7   ? -6.525  14.901  -5.769  1.00 15.60 ? 4   ALA A CA  1 
ATOM   11   C C   . ALA A 1 7   ? -7.831  14.537  -5.075  1.00 14.66 ? 4   ALA A C   1 
ATOM   12   O O   . ALA A 1 7   ? -8.720  15.374  -4.923  1.00 16.01 ? 4   ALA A O   1 
ATOM   13   C CB  . ALA A 1 7   ? -5.598  15.620  -4.795  1.00 15.47 ? 4   ALA A CB  1 
ATOM   14   N N   . VAL A 1 8   ? -7.949  13.279  -4.661  1.00 10.57 ? 5   VAL A N   1 
ATOM   15   C CA  . VAL A 1 8   ? -9.146  12.822  -3.968  1.00 10.23 ? 5   VAL A CA  1 
ATOM   16   C C   . VAL A 1 8   ? -8.873  12.781  -2.471  1.00 9.96  ? 5   VAL A C   1 
ATOM   17   O O   . VAL A 1 8   ? -9.774  12.558  -1.666  1.00 11.58 ? 5   VAL A O   1 
ATOM   18   C CB  . VAL A 1 8   ? -9.575  11.418  -4.440  1.00 8.24  ? 5   VAL A CB  1 
ATOM   19   C CG1 . VAL A 1 8   ? -9.941  11.461  -5.914  1.00 11.08 ? 5   VAL A CG1 1 
ATOM   20   C CG2 . VAL A 1 8   ? -8.454  10.415  -4.199  1.00 11.14 ? 5   VAL A CG2 1 
ATOM   21   N N   . LEU A 1 9   ? -7.614  13.006  -2.111  1.00 9.39  ? 6   LEU A N   1 
ATOM   22   C CA  . LEU A 1 9   ? -7.187  13.005  -0.719  1.00 9.75  ? 6   LEU A CA  1 
ATOM   23   C C   . LEU A 1 9   ? -5.986  13.930  -0.575  1.00 9.40  ? 6   LEU A C   1 
ATOM   24   O O   . LEU A 1 9   ? -5.050  13.860  -1.369  1.00 10.38 ? 6   LEU A O   1 
ATOM   25   C CB  . LEU A 1 9   ? -6.787  11.588  -0.289  1.00 10.37 ? 6   LEU A CB  1 
ATOM   26   C CG  . LEU A 1 9   ? -6.259  11.405  1.137   1.00 11.94 ? 6   LEU A CG  1 
ATOM   27   C CD1 . LEU A 1 9   ? -7.362  11.718  2.134   1.00 14.10 ? 6   LEU A CD1 1 
ATOM   28   C CD2 . LEU A 1 9   ? -5.762  9.978   1.322   1.00 11.71 ? 6   LEU A CD2 1 
ATOM   29   N N   . GLU A 1 10  ? -6.018  14.802  0.428   1.00 8.69  ? 7   GLU A N   1 
ATOM   30   C CA  . GLU A 1 10  ? -4.904  15.712  0.675   1.00 8.89  ? 7   GLU A CA  1 
ATOM   31   C C   . GLU A 1 10  ? -4.116  15.173  1.864   1.00 9.12  ? 7   GLU A C   1 
ATOM   32   O O   . GLU A 1 10  ? -4.654  15.035  2.961   1.00 9.40  ? 7   GLU A O   1 
ATOM   33   C CB  . GLU A 1 10  ? -5.410  17.122  0.997   1.00 9.33  ? 7   GLU A CB  1 
ATOM   34   C CG  . GLU A 1 10  ? -6.174  17.806  -0.127  1.00 11.05 ? 7   GLU A CG  1 
ATOM   35   C CD  . GLU A 1 10  ? -5.330  18.066  -1.363  1.00 12.21 ? 7   GLU A CD  1 
ATOM   36   O OE1 . GLU A 1 10  ? -4.087  17.942  -1.292  1.00 12.34 ? 7   GLU A OE1 1 
ATOM   37   O OE2 . GLU A 1 10  ? -5.918  18.410  -2.411  1.00 15.19 ? 7   GLU A OE2 1 
ATOM   38   N N   . LEU A 1 11  ? -2.845  14.866  1.639   1.00 9.30  ? 8   LEU A N   1 
ATOM   39   C CA  . LEU A 1 11  ? -1.987  14.337  2.692   1.00 8.45  ? 8   LEU A CA  1 
ATOM   40   C C   . LEU A 1 11  ? -1.208  15.443  3.384   1.00 9.35  ? 8   LEU A C   1 
ATOM   41   O O   . LEU A 1 11  ? -0.860  16.448  2.764   1.00 10.67 ? 8   LEU A O   1 
ATOM   42   C CB  . LEU A 1 11  ? -0.980  13.345  2.104   1.00 8.81  ? 8   LEU A CB  1 
ATOM   43   C CG  . LEU A 1 11  ? -1.513  12.090  1.415   1.00 8.05  ? 8   LEU A CG  1 
ATOM   44   C CD1 . LEU A 1 11  ? -0.376  11.372  0.706   1.00 9.28  ? 8   LEU A CD1 1 
ATOM   45   C CD2 . LEU A 1 11  ? -2.161  11.185  2.450   1.00 10.24 ? 8   LEU A CD2 1 
ATOM   46   N N   . PRO A 1 12  ? -0.936  15.280  4.687   1.00 10.93 ? 9   PRO A N   1 
ATOM   47   C CA  . PRO A 1 12  ? -0.172  16.317  5.382   1.00 12.05 ? 9   PRO A CA  1 
ATOM   48   C C   . PRO A 1 12  ? 1.187   16.389  4.681   1.00 11.02 ? 9   PRO A C   1 
ATOM   49   O O   . PRO A 1 12  ? 1.736   15.359  4.300   1.00 10.39 ? 9   PRO A O   1 
ATOM   50   C CB  . PRO A 1 12  ? -0.065  15.765  6.799   1.00 12.43 ? 9   PRO A CB  1 
ATOM   51   C CG  . PRO A 1 12  ? -1.347  15.023  6.961   1.00 12.60 ? 9   PRO A CG  1 
ATOM   52   C CD  . PRO A 1 12  ? -1.466  14.288  5.638   1.00 10.95 ? 9   PRO A CD  1 
ATOM   53   N N   . ALA A 1 13  ? 1.721   17.593  4.498   1.00 10.12 ? 10  ALA A N   1 
ATOM   54   C CA  . ALA A 1 13  ? 3.006   17.760  3.821   1.00 9.91  ? 10  ALA A CA  1 
ATOM   55   C C   . ALA A 1 13  ? 4.106   16.859  4.377   1.00 8.85  ? 10  ALA A C   1 
ATOM   56   O O   . ALA A 1 13  ? 4.921   16.322  3.622   1.00 8.52  ? 10  ALA A O   1 
ATOM   57   C CB  . ALA A 1 13  ? 3.446   19.219  3.894   1.00 12.04 ? 10  ALA A CB  1 
ATOM   58   N N   . ALA A 1 14  ? 4.130   16.693  5.694   1.00 8.54  ? 11  ALA A N   1 
ATOM   59   C CA  . ALA A 1 14  ? 5.147   15.867  6.335   1.00 6.60  ? 11  ALA A CA  1 
ATOM   60   C C   . ALA A 1 14  ? 5.089   14.405  5.902   1.00 6.79  ? 11  ALA A C   1 
ATOM   61   O O   . ALA A 1 14  ? 6.086   13.689  5.988   1.00 7.28  ? 11  ALA A O   1 
ATOM   62   C CB  . ALA A 1 14  ? 5.015   15.963  7.849   1.00 8.37  ? 11  ALA A CB  1 
ATOM   63   N N   . THR A 1 15  ? 3.926   13.963  5.438   1.00 5.49  ? 12  THR A N   1 
ATOM   64   C CA  . THR A 1 15  ? 3.758   12.575  5.019   1.00 6.44  ? 12  THR A CA  1 
ATOM   65   C C   . THR A 1 15  ? 4.797   12.152  3.987   1.00 5.72  ? 12  THR A C   1 
ATOM   66   O O   . THR A 1 15  ? 5.337   11.049  4.049   1.00 5.94  ? 12  THR A O   1 
ATOM   67   C CB  . THR A 1 15  ? 2.362   12.338  4.393   1.00 6.47  ? 12  THR A CB  1 
ATOM   68   O OG1 . THR A 1 15  ? 1.344   12.795  5.292   1.00 8.11  ? 12  THR A OG1 1 
ATOM   69   C CG2 . THR A 1 15  ? 2.146   10.855  4.111   1.00 7.85  ? 12  THR A CG2 1 
ATOM   70   N N   . PHE A 1 16  ? 5.080   13.047  3.050   1.00 5.70  ? 13  PHE A N   1 
ATOM   71   C CA  . PHE A 1 16  ? 6.013   12.763  1.972   1.00 4.90  ? 13  PHE A CA  1 
ATOM   72   C C   . PHE A 1 16  ? 7.469   12.589  2.384   1.00 4.48  ? 13  PHE A C   1 
ATOM   73   O O   . PHE A 1 16  ? 8.271   12.062  1.611   1.00 5.97  ? 13  PHE A O   1 
ATOM   74   C CB  . PHE A 1 16  ? 5.889   13.853  0.909   1.00 5.63  ? 13  PHE A CB  1 
ATOM   75   C CG  . PHE A 1 16  ? 4.513   13.942  0.304   1.00 6.02  ? 13  PHE A CG  1 
ATOM   76   C CD1 . PHE A 1 16  ? 4.095   13.019  -0.652  1.00 8.05  ? 13  PHE A CD1 1 
ATOM   77   C CD2 . PHE A 1 16  ? 3.624   14.933  0.709   1.00 5.95  ? 13  PHE A CD2 1 
ATOM   78   C CE1 . PHE A 1 16  ? 2.813   13.081  -1.196  1.00 7.91  ? 13  PHE A CE1 1 
ATOM   79   C CE2 . PHE A 1 16  ? 2.336   15.003  0.170   1.00 8.00  ? 13  PHE A CE2 1 
ATOM   80   C CZ  . PHE A 1 16  ? 1.933   14.073  -0.784  1.00 7.36  ? 13  PHE A CZ  1 
ATOM   81   N N   . ASP A 1 17  ? 7.816   13.028  3.590   1.00 4.94  ? 14  ASP A N   1 
ATOM   82   C CA  . ASP A 1 17  ? 9.189   12.889  4.060   1.00 5.17  ? 14  ASP A CA  1 
ATOM   83   C C   . ASP A 1 17  ? 9.330   11.870  5.193   1.00 6.47  ? 14  ASP A C   1 
ATOM   84   O O   . ASP A 1 17  ? 10.412  11.705  5.759   1.00 6.25  ? 14  ASP A O   1 
ATOM   85   C CB  . ASP A 1 17  ? 9.748   14.246  4.505   1.00 6.81  ? 14  ASP A CB  1 
ATOM   86   C CG  . ASP A 1 17  ? 9.722   15.285  3.394   1.00 8.21  ? 14  ASP A CG  1 
ATOM   87   O OD1 . ASP A 1 17  ? 9.809   14.916  2.202   1.00 8.06  ? 14  ASP A OD1 1 
ATOM   88   O OD2 . ASP A 1 17  ? 9.632   16.488  3.719   1.00 11.39 ? 14  ASP A OD2 1 
ATOM   89   N N   . LEU A 1 18  ? 8.239   11.187  5.527   1.00 4.95  ? 15  LEU A N   1 
ATOM   90   C CA  . LEU A 1 18  ? 8.286   10.174  6.581   1.00 6.00  ? 15  LEU A CA  1 
ATOM   91   C C   . LEU A 1 18  ? 9.208   9.042   6.147   1.00 6.51  ? 15  LEU A C   1 
ATOM   92   O O   . LEU A 1 18  ? 9.103   8.548   5.029   1.00 6.97  ? 15  LEU A O   1 
ATOM   93   C CB  . LEU A 1 18  ? 6.893   9.583   6.829   1.00 7.63  ? 15  LEU A CB  1 
ATOM   94   C CG  . LEU A 1 18  ? 5.819   10.423  7.515   1.00 7.82  ? 15  LEU A CG  1 
ATOM   95   C CD1 . LEU A 1 18  ? 4.499   9.676   7.457   1.00 9.54  ? 15  LEU A CD1 1 
ATOM   96   C CD2 . LEU A 1 18  ? 6.219   10.694  8.959   1.00 10.27 ? 15  LEU A CD2 1 
ATOM   97   N N   . PRO A 1 19  ? 10.148  8.637   7.015   1.00 6.04  ? 16  PRO A N   1 
ATOM   98   C CA  . PRO A 1 19  ? 11.043  7.540   6.636   1.00 5.72  ? 16  PRO A CA  1 
ATOM   99   C C   . PRO A 1 19  ? 10.248  6.240   6.755   1.00 5.69  ? 16  PRO A C   1 
ATOM   100  O O   . PRO A 1 19  ? 9.767   5.895   7.834   1.00 6.63  ? 16  PRO A O   1 
ATOM   101  C CB  . PRO A 1 19  ? 12.170  7.645   7.663   1.00 7.25  ? 16  PRO A CB  1 
ATOM   102  C CG  . PRO A 1 19  ? 11.473  8.181   8.873   1.00 8.23  ? 16  PRO A CG  1 
ATOM   103  C CD  . PRO A 1 19  ? 10.544  9.233   8.302   1.00 7.23  ? 16  PRO A CD  1 
ATOM   104  N N   . LEU A 1 20  ? 10.094  5.535   5.641   1.00 4.56  ? 17  LEU A N   1 
ATOM   105  C CA  . LEU A 1 20  ? 9.330   4.294   5.627   1.00 3.80  ? 17  LEU A CA  1 
ATOM   106  C C   . LEU A 1 20  ? 10.253  3.083   5.609   1.00 4.73  ? 17  LEU A C   1 
ATOM   107  O O   . LEU A 1 20  ? 10.974  2.859   4.638   1.00 5.44  ? 17  LEU A O   1 
ATOM   108  C CB  . LEU A 1 20  ? 8.404   4.272   4.405   1.00 5.51  ? 17  LEU A CB  1 
ATOM   109  C CG  . LEU A 1 20  ? 7.516   5.511   4.217   1.00 4.81  ? 17  LEU A CG  1 
ATOM   110  C CD1 . LEU A 1 20  ? 6.756   5.391   2.902   1.00 5.17  ? 17  LEU A CD1 1 
ATOM   111  C CD2 . LEU A 1 20  ? 6.551   5.655   5.385   1.00 6.41  ? 17  LEU A CD2 1 
ATOM   112  N N   . SER A 1 21  ? 10.220  2.312   6.692   1.00 5.60  ? 18  SER A N   1 
ATOM   113  C CA  . SER A 1 21  ? 11.041  1.114   6.832   1.00 6.25  ? 18  SER A CA  1 
ATOM   114  C C   . SER A 1 21  ? 10.557  0.040   5.871   1.00 5.31  ? 18  SER A C   1 
ATOM   115  O O   . SER A 1 21  ? 9.378   -0.311  5.868   1.00 6.64  ? 18  SER A O   1 
ATOM   116  C CB  . SER A 1 21  ? 10.962  0.591   8.265   1.00 6.45  ? 18  SER A CB  1 
ATOM   117  O OG  . SER A 1 21  ? 11.429  1.564   9.183   1.00 8.36  ? 18  SER A OG  1 
ATOM   118  N N   . LEU A 1 22  ? 11.470  -0.483  5.061   1.00 5.10  ? 19  LEU A N   1 
ATOM   119  C CA  . LEU A 1 22  ? 11.114  -1.504  4.084   1.00 5.22  ? 19  LEU A CA  1 
ATOM   120  C C   . LEU A 1 22  ? 11.692  -2.875  4.371   1.00 6.06  ? 19  LEU A C   1 
ATOM   121  O O   . LEU A 1 22  ? 12.696  -3.015  5.070   1.00 6.68  ? 19  LEU A O   1 
ATOM   122  C CB  . LEU A 1 22  ? 11.599  -1.099  2.692   1.00 6.46  ? 19  LEU A CB  1 
ATOM   123  C CG  . LEU A 1 22  ? 11.106  0.204   2.078   1.00 6.04  ? 19  LEU A CG  1 
ATOM   124  C CD1 . LEU A 1 22  ? 11.731  0.374   0.697   1.00 6.06  ? 19  LEU A CD1 1 
ATOM   125  C CD2 . LEU A 1 22  ? 9.590   0.182   1.989   1.00 7.07  ? 19  LEU A CD2 1 
ATOM   126  N N   . SER A 1 23  ? 11.039  -3.891  3.819   1.00 6.84  ? 20  SER A N   1 
ATOM   127  C CA  . SER A 1 23  ? 11.543  -5.246  3.929   1.00 6.46  ? 20  SER A CA  1 
ATOM   128  C C   . SER A 1 23  ? 12.910  -5.128  3.255   1.00 7.40  ? 20  SER A C   1 
ATOM   129  O O   . SER A 1 23  ? 13.057  -4.376  2.293   1.00 8.11  ? 20  SER A O   1 
ATOM   130  C CB  . SER A 1 23  ? 10.640  -6.202  3.147   1.00 6.51  ? 20  SER A CB  1 
ATOM   131  O OG  . SER A 1 23  ? 10.317  -5.681  1.865   1.00 7.23  ? 20  SER A OG  1 
ATOM   132  N N   . GLY A 1 24  ? 13.911  -5.838  3.761   1.00 7.76  ? 21  GLY A N   1 
ATOM   133  C CA  . GLY A 1 24  ? 15.230  -5.745  3.158   1.00 8.15  ? 21  GLY A CA  1 
ATOM   134  C C   . GLY A 1 24  ? 16.173  -4.855  3.948   1.00 9.44  ? 21  GLY A C   1 
ATOM   135  O O   . GLY A 1 24  ? 17.385  -4.886  3.739   1.00 9.79  ? 21  GLY A O   1 
ATOM   136  N N   . GLY A 1 25  ? 15.618  -4.037  4.839   1.00 8.86  ? 22  GLY A N   1 
ATOM   137  C CA  . GLY A 1 25  ? 16.452  -3.186  5.671   1.00 10.20 ? 22  GLY A CA  1 
ATOM   138  C C   . GLY A 1 25  ? 16.673  -1.739  5.269   1.00 10.56 ? 22  GLY A C   1 
ATOM   139  O O   . GLY A 1 25  ? 17.305  -0.988  6.013   1.00 12.80 ? 22  GLY A O   1 
ATOM   140  N N   . THR A 1 26  ? 16.168  -1.335  4.109   1.00 9.60  ? 23  THR A N   1 
ATOM   141  C CA  . THR A 1 26  ? 16.340  0.044   3.660   1.00 9.18  ? 23  THR A CA  1 
ATOM   142  C C   . THR A 1 26  ? 15.094  0.860   3.976   1.00 8.01  ? 23  THR A C   1 
ATOM   143  O O   . THR A 1 26  ? 14.110  0.334   4.490   1.00 7.55  ? 23  THR A O   1 
ATOM   144  C CB  . THR A 1 26  ? 16.571  0.120   2.135   1.00 10.29 ? 23  THR A CB  1 
ATOM   145  O OG1 . THR A 1 26  ? 15.390  -0.319  1.449   1.00 10.68 ? 23  THR A OG1 1 
ATOM   146  C CG2 . THR A 1 26  ? 17.742  -0.756  1.728   1.00 12.10 ? 23  THR A CG2 1 
ATOM   147  N N   . GLN A 1 27  ? 15.156  2.156   3.686   1.00 7.51  ? 24  GLN A N   1 
ATOM   148  C CA  . GLN A 1 27  ? 14.017  3.041   3.890   1.00 7.62  ? 24  GLN A CA  1 
ATOM   149  C C   . GLN A 1 27  ? 13.746  3.773   2.594   1.00 6.70  ? 24  GLN A C   1 
ATOM   150  O O   . GLN A 1 27  ? 14.604  3.846   1.711   1.00 7.83  ? 24  GLN A O   1 
ATOM   151  C CB  . GLN A 1 27  ? 14.288  4.103   4.964   1.00 11.41 ? 24  GLN A CB  1 
ATOM   152  C CG  . GLN A 1 27  ? 14.350  3.606   6.389   1.00 12.52 ? 24  GLN A CG  1 
ATOM   153  C CD  . GLN A 1 27  ? 15.662  2.944   6.703   1.00 14.94 ? 24  GLN A CD  1 
ATOM   154  O OE1 . GLN A 1 27  ? 16.727  3.544   6.545   1.00 17.95 ? 24  GLN A OE1 1 
ATOM   155  N NE2 . GLN A 1 27  ? 15.599  1.701   7.154   1.00 14.04 ? 24  GLN A NE2 1 
ATOM   156  N N   . THR A 1 28  ? 12.539  4.308   2.484   1.00 6.56  ? 25  THR A N   1 
ATOM   157  C CA  . THR A 1 28  ? 12.157  5.107   1.331   1.00 5.07  ? 25  THR A CA  1 
ATOM   158  C C   . THR A 1 28  ? 11.210  6.178   1.862   1.00 5.80  ? 25  THR A C   1 
ATOM   159  O O   . THR A 1 28  ? 10.892  6.195   3.053   1.00 5.85  ? 25  THR A O   1 
ATOM   160  C CB  . THR A 1 28  ? 11.433  4.275   0.236   1.00 5.83  ? 25  THR A CB  1 
ATOM   161  O OG1 . THR A 1 28  ? 11.287  5.082   -0.942  1.00 6.70  ? 25  THR A OG1 1 
ATOM   162  C CG2 . THR A 1 28  ? 10.049  3.826   0.700   1.00 7.46  ? 25  THR A CG2 1 
ATOM   163  N N   . THR A 1 29  ? 10.802  7.091   0.991   1.00 4.82  ? 26  THR A N   1 
ATOM   164  C CA  . THR A 1 29  ? 9.846   8.135   1.351   1.00 4.43  ? 26  THR A CA  1 
ATOM   165  C C   . THR A 1 29  ? 8.998   8.325   0.106   1.00 5.10  ? 26  THR A C   1 
ATOM   166  O O   . THR A 1 29  ? 9.427   7.979   -0.999  1.00 6.17  ? 26  THR A O   1 
ATOM   167  C CB  . THR A 1 29  ? 10.511  9.493   1.698   1.00 4.15  ? 26  THR A CB  1 
ATOM   168  O OG1 . THR A 1 29  ? 11.027  10.099  0.506   1.00 5.73  ? 26  THR A OG1 1 
ATOM   169  C CG2 . THR A 1 29  ? 11.630  9.307   2.708   1.00 4.68  ? 26  THR A CG2 1 
ATOM   170  N N   . LEU A 1 30  ? 7.793   8.857   0.268   1.00 4.82  ? 27  LEU A N   1 
ATOM   171  C CA  . LEU A 1 30  ? 6.936   9.068   -0.891  1.00 5.20  ? 27  LEU A CA  1 
ATOM   172  C C   . LEU A 1 30  ? 7.560   10.082  -1.845  1.00 5.33  ? 27  LEU A C   1 
ATOM   173  O O   . LEU A 1 30  ? 7.442   9.944   -3.061  1.00 6.21  ? 27  LEU A O   1 
ATOM   174  C CB  . LEU A 1 30  ? 5.546   9.537   -0.457  1.00 5.82  ? 27  LEU A CB  1 
ATOM   175  C CG  . LEU A 1 30  ? 4.767   8.583   0.456   1.00 4.54  ? 27  LEU A CG  1 
ATOM   176  C CD1 . LEU A 1 30  ? 3.349   9.111   0.616   1.00 6.57  ? 27  LEU A CD1 1 
ATOM   177  C CD2 . LEU A 1 30  ? 4.737   7.175   -0.129  1.00 6.58  ? 27  LEU A CD2 1 
ATOM   178  N N   . ARG A 1 31  ? 8.232   11.093  -1.297  1.00 4.75  ? 28  ARG A N   1 
ATOM   179  C CA  . ARG A 1 31  ? 8.876   12.113  -2.123  1.00 5.70  ? 28  ARG A CA  1 
ATOM   180  C C   . ARG A 1 31  ? 9.953   11.486  -3.009  1.00 5.62  ? 28  ARG A C   1 
ATOM   181  O O   . ARG A 1 31  ? 10.166  11.922  -4.144  1.00 6.63  ? 28  ARG A O   1 
ATOM   182  C CB  . ARG A 1 31  ? 9.496   13.202  -1.234  1.00 6.30  ? 28  ARG A CB  1 
ATOM   183  C CG  . ARG A 1 31  ? 10.208  14.324  -1.992  1.00 7.95  ? 28  ARG A CG  1 
ATOM   184  C CD  . ARG A 1 31  ? 9.272   15.059  -2.955  1.00 9.92  ? 28  ARG A CD  1 
ATOM   185  N NE  . ARG A 1 31  ? 9.957   16.135  -3.673  1.00 11.83 ? 28  ARG A NE  1 
ATOM   186  C CZ  . ARG A 1 31  ? 10.203  17.342  -3.171  1.00 11.76 ? 28  ARG A CZ  1 
ATOM   187  N NH1 . ARG A 1 31  ? 10.843  18.246  -3.905  1.00 12.37 ? 28  ARG A NH1 1 
ATOM   188  N NH2 . ARG A 1 31  ? 9.792   17.657  -1.950  1.00 12.68 ? 28  ARG A NH2 1 
ATOM   189  N N   . ALA A 1 32  ? 10.625  10.461  -2.492  1.00 6.44  ? 29  ALA A N   1 
ATOM   190  C CA  . ALA A 1 32  ? 11.675  9.784   -3.247  1.00 6.44  ? 29  ALA A CA  1 
ATOM   191  C C   . ALA A 1 32  ? 11.122  9.099   -4.498  1.00 7.38  ? 29  ALA A C   1 
ATOM   192  O O   . ALA A 1 32  ? 11.869  8.812   -5.436  1.00 9.73  ? 29  ALA A O   1 
ATOM   193  C CB  . ALA A 1 32  ? 12.383  8.762   -2.360  1.00 7.99  ? 29  ALA A CB  1 
ATOM   194  N N   . HIS A 1 33  ? 9.816   8.845   -4.514  1.00 7.66  ? 30  HIS A N   1 
ATOM   195  C CA  . HIS A 1 33  ? 9.176   8.196   -5.653  1.00 7.29  ? 30  HIS A CA  1 
ATOM   196  C C   . HIS A 1 33  ? 8.663   9.175   -6.709  1.00 7.90  ? 30  HIS A C   1 
ATOM   197  O O   . HIS A 1 33  ? 7.944   8.792   -7.634  1.00 8.50  ? 30  HIS A O   1 
ATOM   198  C CB  . HIS A 1 33  ? 8.032   7.290   -5.179  1.00 7.74  ? 30  HIS A CB  1 
ATOM   199  C CG  . HIS A 1 33  ? 8.488   5.938   -4.724  1.00 7.78  ? 30  HIS A CG  1 
ATOM   200  N ND1 . HIS A 1 33  ? 9.120   5.728   -3.516  1.00 9.65  ? 30  HIS A ND1 1 
ATOM   201  C CD2 . HIS A 1 33  ? 8.445   4.733   -5.339  1.00 8.65  ? 30  HIS A CD2 1 
ATOM   202  C CE1 . HIS A 1 33  ? 9.449   4.454   -3.410  1.00 7.84  ? 30  HIS A CE1 1 
ATOM   203  N NE2 . HIS A 1 33  ? 9.052   3.828   -4.504  1.00 11.91 ? 30  HIS A NE2 1 
ATOM   204  N N   . ALA A 1 34  ? 9.040   10.441  -6.575  1.00 6.91  ? 31  ALA A N   1 
ATOM   205  C CA  . ALA A 1 34  ? 8.626   11.456  -7.539  1.00 7.91  ? 31  ALA A CA  1 
ATOM   206  C C   . ALA A 1 34  ? 9.067   11.065  -8.952  1.00 7.69  ? 31  ALA A C   1 
ATOM   207  O O   . ALA A 1 34  ? 10.165  10.544  -9.148  1.00 8.75  ? 31  ALA A O   1 
ATOM   208  C CB  . ALA A 1 34  ? 9.234   12.808  -7.163  1.00 8.44  ? 31  ALA A CB  1 
ATOM   209  N N   . GLY A 1 35  ? 8.203   11.303  -9.933  1.00 7.51  ? 32  GLY A N   1 
ATOM   210  C CA  . GLY A 1 35  ? 8.563   10.986  -11.303 1.00 8.39  ? 32  GLY A CA  1 
ATOM   211  C C   . GLY A 1 35  ? 7.877   9.778   -11.902 1.00 9.19  ? 32  GLY A C   1 
ATOM   212  O O   . GLY A 1 35  ? 7.936   9.568   -13.115 1.00 10.88 ? 32  GLY A O   1 
ATOM   213  N N   . HIS A 1 36  ? 7.240   8.969   -11.066 1.00 8.09  ? 33  HIS A N   1 
ATOM   214  C CA  . HIS A 1 36  ? 6.540   7.798   -11.571 1.00 7.88  ? 33  HIS A CA  1 
ATOM   215  C C   . HIS A 1 36  ? 5.319   7.485   -10.724 1.00 7.12  ? 33  HIS A C   1 
ATOM   216  O O   . HIS A 1 36  ? 5.166   8.002   -9.614  1.00 6.83  ? 33  HIS A O   1 
ATOM   217  C CB  . HIS A 1 36  ? 7.486   6.590   -11.620 1.00 8.49  ? 33  HIS A CB  1 
ATOM   218  C CG  . HIS A 1 36  ? 8.152   6.279   -10.314 1.00 8.73  ? 33  HIS A CG  1 
ATOM   219  N ND1 . HIS A 1 36  ? 7.520   5.597   -9.298  1.00 11.44 ? 33  HIS A ND1 1 
ATOM   220  C CD2 . HIS A 1 36  ? 9.397   6.558   -9.864  1.00 7.29  ? 33  HIS A CD2 1 
ATOM   221  C CE1 . HIS A 1 36  ? 8.350   5.467   -8.278  1.00 7.54  ? 33  HIS A CE1 1 
ATOM   222  N NE2 . HIS A 1 36  ? 9.495   6.042   -8.595  1.00 11.11 ? 33  HIS A NE2 1 
ATOM   223  N N   . TRP A 1 37  ? 4.435   6.654   -11.263 1.00 6.05  ? 34  TRP A N   1 
ATOM   224  C CA  . TRP A 1 37  ? 3.237   6.272   -10.539 1.00 5.16  ? 34  TRP A CA  1 
ATOM   225  C C   . TRP A 1 37  ? 3.586   5.321   -9.411  1.00 5.63  ? 34  TRP A C   1 
ATOM   226  O O   . TRP A 1 37  ? 4.488   4.491   -9.532  1.00 5.33  ? 34  TRP A O   1 
ATOM   227  C CB  . TRP A 1 37  ? 2.228   5.608   -11.474 1.00 6.32  ? 34  TRP A CB  1 
ATOM   228  C CG  . TRP A 1 37  ? 1.629   6.562   -12.451 1.00 8.54  ? 34  TRP A CG  1 
ATOM   229  C CD1 . TRP A 1 37  ? 2.127   6.910   -13.672 1.00 10.19 ? 34  TRP A CD1 1 
ATOM   230  C CD2 . TRP A 1 37  ? 0.442   7.336   -12.263 1.00 9.22  ? 34  TRP A CD2 1 
ATOM   231  N NE1 . TRP A 1 37  ? 1.320   7.857   -14.259 1.00 11.26 ? 34  TRP A NE1 1 
ATOM   232  C CE2 . TRP A 1 37  ? 0.279   8.137   -13.413 1.00 10.68 ? 34  TRP A CE2 1 
ATOM   233  C CE3 . TRP A 1 37  ? -0.502  7.433   -11.230 1.00 10.42 ? 34  TRP A CE3 1 
ATOM   234  C CZ2 . TRP A 1 37  ? -0.792  9.027   -13.562 1.00 10.23 ? 34  TRP A CZ2 1 
ATOM   235  C CZ3 . TRP A 1 37  ? -1.568  8.317   -11.378 1.00 12.29 ? 34  TRP A CZ3 1 
ATOM   236  C CH2 . TRP A 1 37  ? -1.702  9.102   -12.535 1.00 10.65 ? 34  TRP A CH2 1 
ATOM   237  N N   . LEU A 1 38  ? 2.861   5.450   -8.308  1.00 4.90  ? 35  LEU A N   1 
ATOM   238  C CA  . LEU A 1 38  ? 3.086   4.601   -7.156  1.00 5.32  ? 35  LEU A CA  1 
ATOM   239  C C   . LEU A 1 38  ? 1.768   4.069   -6.620  1.00 5.10  ? 35  LEU A C   1 
ATOM   240  O O   . LEU A 1 38  ? 0.844   4.834   -6.337  1.00 5.53  ? 35  LEU A O   1 
ATOM   241  C CB  . LEU A 1 38  ? 3.804   5.388   -6.057  1.00 5.32  ? 35  LEU A CB  1 
ATOM   242  C CG  . LEU A 1 38  ? 4.019   4.662   -4.725  1.00 7.90  ? 35  LEU A CG  1 
ATOM   243  C CD1 . LEU A 1 38  ? 4.919   3.449   -4.924  1.00 8.52  ? 35  LEU A CD1 1 
ATOM   244  C CD2 . LEU A 1 38  ? 4.636   5.623   -3.724  1.00 9.77  ? 35  LEU A CD2 1 
ATOM   245  N N   . VAL A 1 39  ? 1.682   2.752   -6.501  1.00 4.79  ? 36  VAL A N   1 
ATOM   246  C CA  . VAL A 1 39  ? 0.498   2.104   -5.961  1.00 4.70  ? 36  VAL A CA  1 
ATOM   247  C C   . VAL A 1 39  ? 0.838   1.770   -4.516  1.00 3.96  ? 36  VAL A C   1 
ATOM   248  O O   . VAL A 1 39  ? 1.836   1.108   -4.254  1.00 5.76  ? 36  VAL A O   1 
ATOM   249  C CB  . VAL A 1 39  ? 0.187   0.781   -6.690  1.00 5.65  ? 36  VAL A CB  1 
ATOM   250  C CG1 . VAL A 1 39  ? -0.965  0.066   -6.006  1.00 7.27  ? 36  VAL A CG1 1 
ATOM   251  C CG2 . VAL A 1 39  ? -0.148  1.053   -8.145  1.00 8.26  ? 36  VAL A CG2 1 
ATOM   252  N N   . ILE A 1 40  ? 0.016   2.239   -3.584  1.00 4.47  ? 37  ILE A N   1 
ATOM   253  C CA  . ILE A 1 40  ? 0.240   1.959   -2.170  1.00 4.10  ? 37  ILE A CA  1 
ATOM   254  C C   . ILE A 1 40  ? -0.951  1.162   -1.675  1.00 3.73  ? 37  ILE A C   1 
ATOM   255  O O   . ILE A 1 40  ? -2.062  1.687   -1.600  1.00 4.76  ? 37  ILE A O   1 
ATOM   256  C CB  . ILE A 1 40  ? 0.343   3.258   -1.339  1.00 4.02  ? 37  ILE A CB  1 
ATOM   257  C CG1 . ILE A 1 40  ? 1.431   4.167   -1.914  1.00 4.99  ? 37  ILE A CG1 1 
ATOM   258  C CG2 . ILE A 1 40  ? 0.664   2.918   0.113   1.00 5.34  ? 37  ILE A CG2 1 
ATOM   259  C CD1 . ILE A 1 40  ? 1.521   5.514   -1.227  1.00 7.79  ? 37  ILE A CD1 1 
ATOM   260  N N   . TYR A 1 41  ? -0.743  -0.112  -1.364  1.00 4.22  ? 38  TYR A N   1 
ATOM   261  C CA  . TYR A 1 41  ? -1.853  -0.909  -0.876  1.00 4.33  ? 38  TYR A CA  1 
ATOM   262  C C   . TYR A 1 41  ? -1.639  -1.299  0.578   1.00 4.32  ? 38  TYR A C   1 
ATOM   263  O O   . TYR A 1 41  ? -0.596  -1.832  0.957   1.00 5.35  ? 38  TYR A O   1 
ATOM   264  C CB  . TYR A 1 41  ? -2.104  -2.143  -1.770  1.00 4.78  ? 38  TYR A CB  1 
ATOM   265  C CG  . TYR A 1 41  ? -1.232  -3.363  -1.543  1.00 4.08  ? 38  TYR A CG  1 
ATOM   266  C CD1 . TYR A 1 41  ? -0.049  -3.549  -2.262  1.00 3.89  ? 38  TYR A CD1 1 
ATOM   267  C CD2 . TYR A 1 41  ? -1.616  -4.356  -0.642  1.00 4.75  ? 38  TYR A CD2 1 
ATOM   268  C CE1 . TYR A 1 41  ? 0.727   -4.704  -2.092  1.00 5.35  ? 38  TYR A CE1 1 
ATOM   269  C CE2 . TYR A 1 41  ? -0.851  -5.507  -0.466  1.00 4.41  ? 38  TYR A CE2 1 
ATOM   270  C CZ  . TYR A 1 41  ? 0.317   -5.676  -1.191  1.00 4.36  ? 38  TYR A CZ  1 
ATOM   271  O OH  . TYR A 1 41  ? 1.080   -6.810  -1.006  1.00 6.15  ? 38  TYR A OH  1 
ATOM   272  N N   . PHE A 1 42  ? -2.640  -0.983  1.390   1.00 3.72  ? 39  PHE A N   1 
ATOM   273  C CA  . PHE A 1 42  ? -2.619  -1.261  2.818   1.00 4.02  ? 39  PHE A CA  1 
ATOM   274  C C   . PHE A 1 42  ? -3.386  -2.540  3.119   1.00 4.59  ? 39  PHE A C   1 
ATOM   275  O O   . PHE A 1 42  ? -4.484  -2.745  2.602   1.00 4.67  ? 39  PHE A O   1 
ATOM   276  C CB  . PHE A 1 42  ? -3.282  -0.111  3.586   1.00 4.52  ? 39  PHE A CB  1 
ATOM   277  C CG  . PHE A 1 42  ? -2.522  1.184   3.541   1.00 4.10  ? 39  PHE A CG  1 
ATOM   278  C CD1 . PHE A 1 42  ? -1.663  1.535   4.579   1.00 5.00  ? 39  PHE A CD1 1 
ATOM   279  C CD2 . PHE A 1 42  ? -2.686  2.068   2.480   1.00 4.10  ? 39  PHE A CD2 1 
ATOM   280  C CE1 . PHE A 1 42  ? -0.980  2.753   4.564   1.00 4.83  ? 39  PHE A CE1 1 
ATOM   281  C CE2 . PHE A 1 42  ? -2.003  3.287   2.459   1.00 4.93  ? 39  PHE A CE2 1 
ATOM   282  C CZ  . PHE A 1 42  ? -1.150  3.627   3.505   1.00 5.50  ? 39  PHE A CZ  1 
ATOM   283  N N   . TYR A 1 43  ? -2.803  -3.397  3.949   1.00 4.77  ? 40  TYR A N   1 
ATOM   284  C CA  . TYR A 1 43  ? -3.468  -4.630  4.355   1.00 6.43  ? 40  TYR A CA  1 
ATOM   285  C C   . TYR A 1 43  ? -3.292  -4.786  5.867   1.00 6.93  ? 40  TYR A C   1 
ATOM   286  O O   . TYR A 1 43  ? -2.314  -4.315  6.446   1.00 5.88  ? 40  TYR A O   1 
ATOM   287  C CB  . TYR A 1 43  ? -2.918  -5.844  3.598   1.00 7.04  ? 40  TYR A CB  1 
ATOM   288  C CG  . TYR A 1 43  ? -1.444  -6.076  3.771   1.00 6.35  ? 40  TYR A CG  1 
ATOM   289  C CD1 . TYR A 1 43  ? -0.510  -5.362  3.017   1.00 5.77  ? 40  TYR A CD1 1 
ATOM   290  C CD2 . TYR A 1 43  ? -0.976  -6.998  4.705   1.00 5.31  ? 40  TYR A CD2 1 
ATOM   291  C CE1 . TYR A 1 43  ? 0.854   -5.563  3.189   1.00 5.89  ? 40  TYR A CE1 1 
ATOM   292  C CE2 . TYR A 1 43  ? 0.383   -7.205  4.886   1.00 5.50  ? 40  TYR A CE2 1 
ATOM   293  C CZ  . TYR A 1 43  ? 1.292   -6.483  4.126   1.00 5.15  ? 40  TYR A CZ  1 
ATOM   294  O OH  . TYR A 1 43  ? 2.636   -6.677  4.314   1.00 5.40  ? 40  TYR A OH  1 
ATOM   295  N N   . PRO A 1 44  ? -4.244  -5.456  6.530   1.00 9.07  ? 41  PRO A N   1 
ATOM   296  C CA  . PRO A 1 44  ? -4.205  -5.661  7.980   1.00 9.31  ? 41  PRO A CA  1 
ATOM   297  C C   . PRO A 1 44  ? -3.052  -6.436  8.616   1.00 9.61  ? 41  PRO A C   1 
ATOM   298  O O   . PRO A 1 44  ? -2.459  -5.974  9.593   1.00 10.89 ? 41  PRO A O   1 
ATOM   299  C CB  . PRO A 1 44  ? -5.553  -6.333  8.270   1.00 10.99 ? 41  PRO A CB  1 
ATOM   300  C CG  . PRO A 1 44  ? -6.425  -5.887  7.130   1.00 10.95 ? 41  PRO A CG  1 
ATOM   301  C CD  . PRO A 1 44  ? -5.491  -5.993  5.961   1.00 9.13  ? 41  PRO A CD  1 
ATOM   302  N N   . LYS A 1 45  ? -2.725  -7.602  8.070   1.00 8.28  ? 42  LYS A N   1 
ATOM   303  C CA  . LYS A 1 45  ? -1.694  -8.434  8.676   1.00 9.05  ? 42  LYS A CA  1 
ATOM   304  C C   . LYS A 1 45  ? -0.945  -9.337  7.703   1.00 7.90  ? 42  LYS A C   1 
ATOM   305  O O   . LYS A 1 45  ? -1.533  -9.891  6.773   1.00 6.78  ? 42  LYS A O   1 
ATOM   306  C CB  . LYS A 1 45  ? -2.352  -9.304  9.752   1.00 11.34 ? 42  LYS A CB  1 
ATOM   307  C CG  . LYS A 1 45  ? -1.410  -10.186 10.544  1.00 14.05 ? 42  LYS A CG  1 
ATOM   308  C CD  . LYS A 1 45  ? -0.621  -9.378  11.552  1.00 17.83 ? 42  LYS A CD  1 
ATOM   309  C CE  . LYS A 1 45  ? 0.248   -10.276 12.417  1.00 19.88 ? 42  LYS A CE  1 
ATOM   310  N NZ  . LYS A 1 45  ? 0.982   -9.498  13.448  1.00 23.74 ? 42  LYS A NZ  1 
ATOM   311  N N   . ASP A 1 46  ? 0.355   -9.494  7.943   1.00 6.32  ? 43  ASP A N   1 
ATOM   312  C CA  . ASP A 1 46  ? 1.199   -10.355 7.121   1.00 6.69  ? 43  ASP A CA  1 
ATOM   313  C C   . ASP A 1 46  ? 0.759   -11.810 7.219   1.00 7.95  ? 43  ASP A C   1 
ATOM   314  O O   . ASP A 1 46  ? 0.253   -12.253 8.252   1.00 7.95  ? 43  ASP A O   1 
ATOM   315  C CB  . ASP A 1 46  ? 2.656   -10.320 7.600   1.00 5.47  ? 43  ASP A CB  1 
ATOM   316  C CG  . ASP A 1 46  ? 3.414   -9.100  7.138   1.00 5.89  ? 43  ASP A CG  1 
ATOM   317  O OD1 . ASP A 1 46  ? 4.618   -9.029  7.470   1.00 5.90  ? 43  ASP A OD1 1 
ATOM   318  O OD2 . ASP A 1 46  ? 2.831   -8.230  6.460   1.00 7.27  ? 43  ASP A OD2 1 
ATOM   319  N N   . SER A 1 47  ? 0.964   -12.539 6.128   1.00 8.01  ? 44  SER A N   1 
ATOM   320  C CA  . SER A 1 47  ? 0.699   -13.971 6.065   1.00 10.56 ? 44  SER A CA  1 
ATOM   321  C C   . SER A 1 47  ? -0.699  -14.510 6.342   1.00 10.58 ? 44  SER A C   1 
ATOM   322  O O   . SER A 1 47  ? -0.843  -15.661 6.761   1.00 12.42 ? 44  SER A O   1 
ATOM   323  C CB  . SER A 1 47  ? 1.696   -14.684 6.977   1.00 11.03 ? 44  SER A CB  1 
ATOM   324  O OG  . SER A 1 47  ? 3.019   -14.266 6.686   1.00 15.34 ? 44  SER A OG  1 
ATOM   325  N N   . THR A 1 48  ? -1.724  -13.698 6.118   1.00 9.59  ? 45  THR A N   1 
ATOM   326  C CA  . THR A 1 48  ? -3.096  -14.157 6.315   1.00 7.93  ? 45  THR A CA  1 
ATOM   327  C C   . THR A 1 48  ? -3.603  -14.538 4.929   1.00 6.63  ? 45  THR A C   1 
ATOM   328  O O   . THR A 1 48  ? -3.024  -14.132 3.921   1.00 7.06  ? 45  THR A O   1 
ATOM   329  C CB  . THR A 1 48  ? -3.997  -13.049 6.879   1.00 9.38  ? 45  THR A CB  1 
ATOM   330  O OG1 . THR A 1 48  ? -4.033  -11.953 5.960   1.00 11.16 ? 45  THR A OG1 1 
ATOM   331  C CG2 . THR A 1 48  ? -3.476  -12.575 8.225   1.00 9.35  ? 45  THR A CG2 1 
ATOM   332  N N   . PRO A 1 49  ? -4.688  -15.321 4.851   1.00 6.78  ? 46  PRO A N   1 
ATOM   333  C CA  . PRO A 1 49  ? -5.201  -15.713 3.535   1.00 6.60  ? 46  PRO A CA  1 
ATOM   334  C C   . PRO A 1 49  ? -5.482  -14.539 2.595   1.00 6.47  ? 46  PRO A C   1 
ATOM   335  O O   . PRO A 1 49  ? -4.994  -14.513 1.466   1.00 5.95  ? 46  PRO A O   1 
ATOM   336  C CB  . PRO A 1 49  ? -6.458  -16.505 3.882   1.00 7.10  ? 46  PRO A CB  1 
ATOM   337  C CG  . PRO A 1 49  ? -6.087  -17.147 5.183   1.00 6.47  ? 46  PRO A CG  1 
ATOM   338  C CD  . PRO A 1 49  ? -5.431  -15.999 5.927   1.00 6.42  ? 46  PRO A CD  1 
ATOM   339  N N   . GLY A 1 50  ? -6.253  -13.565 3.065   1.00 6.49  ? 47  GLY A N   1 
ATOM   340  C CA  . GLY A 1 50  ? -6.585  -12.424 2.229   1.00 6.74  ? 47  GLY A CA  1 
ATOM   341  C C   . GLY A 1 50  ? -5.407  -11.578 1.783   1.00 5.40  ? 47  GLY A C   1 
ATOM   342  O O   . GLY A 1 50  ? -5.304  -11.215 0.609   1.00 6.00  ? 47  GLY A O   1 
ATOM   343  N N   . SER A 1 51  ? -4.511  -11.265 2.713   1.00 5.47  ? 48  SER A N   1 
ATOM   344  C CA  . SER A 1 51  ? -3.352  -10.442 2.387   1.00 5.66  ? 48  SER A CA  1 
ATOM   345  C C   . SER A 1 51  ? -2.310  -11.178 1.557   1.00 5.37  ? 48  SER A C   1 
ATOM   346  O O   . SER A 1 51  ? -1.547  -10.552 0.818   1.00 6.02  ? 48  SER A O   1 
ATOM   347  C CB  . SER A 1 51  ? -2.735  -9.882  3.667   1.00 7.10  ? 48  SER A CB  1 
ATOM   348  O OG  . SER A 1 51  ? -3.656  -9.005  4.296   1.00 7.74  ? 48  SER A OG  1 
ATOM   349  N N   . THR A 1 52  ? -2.268  -12.503 1.673   1.00 4.88  ? 49  THR A N   1 
ATOM   350  C CA  . THR A 1 52  ? -1.332  -13.286 0.876   1.00 4.64  ? 49  THR A CA  1 
ATOM   351  C C   . THR A 1 52  ? -1.869  -13.293 -0.553  1.00 4.29  ? 49  THR A C   1 
ATOM   352  O O   . THR A 1 52  ? -1.118  -13.116 -1.512  1.00 4.50  ? 49  THR A O   1 
ATOM   353  C CB  . THR A 1 52  ? -1.219  -14.735 1.390   1.00 5.58  ? 49  THR A CB  1 
ATOM   354  O OG1 . THR A 1 52  ? -0.670  -14.727 2.711   1.00 6.31  ? 49  THR A OG1 1 
ATOM   355  C CG2 . THR A 1 52  ? -0.314  -15.559 0.480   1.00 5.93  ? 49  THR A CG2 1 
ATOM   356  N N   . THR A 1 53  ? -3.178  -13.489 -0.689  1.00 4.89  ? 50  THR A N   1 
ATOM   357  C CA  . THR A 1 53  ? -3.812  -13.493 -2.002  1.00 4.67  ? 50  THR A CA  1 
ATOM   358  C C   . THR A 1 53  ? -3.592  -12.136 -2.683  1.00 4.65  ? 50  THR A C   1 
ATOM   359  O O   . THR A 1 53  ? -3.209  -12.073 -3.851  1.00 4.66  ? 50  THR A O   1 
ATOM   360  C CB  . THR A 1 53  ? -5.334  -13.765 -1.885  1.00 4.63  ? 50  THR A CB  1 
ATOM   361  O OG1 . THR A 1 53  ? -5.549  -15.048 -1.279  1.00 6.34  ? 50  THR A OG1 1 
ATOM   362  C CG2 . THR A 1 53  ? -5.990  -13.752 -3.261  1.00 5.69  ? 50  THR A CG2 1 
ATOM   363  N N   . GLU A 1 54  ? -3.828  -11.051 -1.950  1.00 4.27  ? 51  GLU A N   1 
ATOM   364  C CA  . GLU A 1 54  ? -3.646  -9.718  -2.513  1.00 3.74  ? 51  GLU A CA  1 
ATOM   365  C C   . GLU A 1 54  ? -2.195  -9.498  -2.951  1.00 4.82  ? 51  GLU A C   1 
ATOM   366  O O   . GLU A 1 54  ? -1.939  -9.016  -4.055  1.00 4.62  ? 51  GLU A O   1 
ATOM   367  C CB  . GLU A 1 54  ? -4.057  -8.644  -1.498  1.00 3.95  ? 51  GLU A CB  1 
ATOM   368  C CG  . GLU A 1 54  ? -3.986  -7.232  -2.065  1.00 3.94  ? 51  GLU A CG  1 
ATOM   369  C CD  . GLU A 1 54  ? -4.542  -6.165  -1.133  1.00 5.11  ? 51  GLU A CD  1 
ATOM   370  O OE1 . GLU A 1 54  ? -4.667  -6.419  0.085   1.00 4.98  ? 51  GLU A OE1 1 
ATOM   371  O OE2 . GLU A 1 54  ? -4.839  -5.057  -1.626  1.00 5.60  ? 51  GLU A OE2 1 
ATOM   372  N N   . GLY A 1 55  ? -1.250  -9.861  -2.087  1.00 3.75  ? 52  GLY A N   1 
ATOM   373  C CA  . GLY A 1 55  ? 0.158   -9.692  -2.415  1.00 3.97  ? 52  GLY A CA  1 
ATOM   374  C C   . GLY A 1 55  ? 0.567   -10.499 -3.634  1.00 3.86  ? 52  GLY A C   1 
ATOM   375  O O   . GLY A 1 55  ? 1.285   -10.001 -4.509  1.00 4.89  ? 52  GLY A O   1 
ATOM   376  N N   . LEU A 1 56  ? 0.117   -11.749 -3.699  1.00 3.53  ? 53  LEU A N   1 
ATOM   377  C CA  . LEU A 1 56  ? 0.449   -12.599 -4.836  1.00 4.34  ? 53  LEU A CA  1 
ATOM   378  C C   . LEU A 1 56  ? -0.190  -12.073 -6.119  1.00 5.20  ? 53  LEU A C   1 
ATOM   379  O O   . LEU A 1 56  ? 0.398   -12.184 -7.194  1.00 5.41  ? 53  LEU A O   1 
ATOM   380  C CB  . LEU A 1 56  ? 0.012   -14.047 -4.580  1.00 3.76  ? 53  LEU A CB  1 
ATOM   381  C CG  . LEU A 1 56  ? 0.863   -14.825 -3.569  1.00 4.79  ? 53  LEU A CG  1 
ATOM   382  C CD1 . LEU A 1 56  ? 0.188   -16.152 -3.264  1.00 4.89  ? 53  LEU A CD1 1 
ATOM   383  C CD2 . LEU A 1 56  ? 2.271   -15.043 -4.120  1.00 7.33  ? 53  LEU A CD2 1 
ATOM   384  N N   . ASP A 1 57  ? -1.388  -11.500 -6.006  1.00 4.49  ? 54  ASP A N   1 
ATOM   385  C CA  . ASP A 1 57  ? -2.071  -10.946 -7.175  1.00 5.40  ? 54  ASP A CA  1 
ATOM   386  C C   . ASP A 1 57  ? -1.258  -9.786  -7.753  1.00 4.88  ? 54  ASP A C   1 
ATOM   387  O O   . ASP A 1 57  ? -1.034  -9.712  -8.960  1.00 6.20  ? 54  ASP A O   1 
ATOM   388  C CB  . ASP A 1 57  ? -3.480  -10.454 -6.812  1.00 5.16  ? 54  ASP A CB  1 
ATOM   389  C CG  . ASP A 1 57  ? -4.497  -11.583 -6.689  1.00 7.00  ? 54  ASP A CG  1 
ATOM   390  O OD1 . ASP A 1 57  ? -4.203  -12.727 -7.101  1.00 7.62  ? 54  ASP A OD1 1 
ATOM   391  O OD2 . ASP A 1 57  ? -5.610  -11.313 -6.189  1.00 9.59  ? 54  ASP A OD2 1 
ATOM   392  N N   . PHE A 1 58  ? -0.822  -8.869  -6.895  1.00 4.01  ? 55  PHE A N   1 
ATOM   393  C CA  . PHE A 1 58  ? -0.020  -7.748  -7.369  1.00 4.50  ? 55  PHE A CA  1 
ATOM   394  C C   . PHE A 1 58  ? 1.301   -8.249  -7.935  1.00 5.16  ? 55  PHE A C   1 
ATOM   395  O O   . PHE A 1 58  ? 1.770   -7.758  -8.960  1.00 5.70  ? 55  PHE A O   1 
ATOM   396  C CB  . PHE A 1 58  ? 0.254   -6.759  -6.231  1.00 3.73  ? 55  PHE A CB  1 
ATOM   397  C CG  . PHE A 1 58  ? -0.855  -5.769  -6.007  1.00 4.72  ? 55  PHE A CG  1 
ATOM   398  C CD1 . PHE A 1 58  ? -1.138  -4.794  -6.961  1.00 4.23  ? 55  PHE A CD1 1 
ATOM   399  C CD2 . PHE A 1 58  ? -1.618  -5.810  -4.844  1.00 3.54  ? 55  PHE A CD2 1 
ATOM   400  C CE1 . PHE A 1 58  ? -2.170  -3.873  -6.760  1.00 5.83  ? 55  PHE A CE1 1 
ATOM   401  C CE2 . PHE A 1 58  ? -2.651  -4.895  -4.632  1.00 4.73  ? 55  PHE A CE2 1 
ATOM   402  C CZ  . PHE A 1 58  ? -2.926  -3.925  -5.592  1.00 5.81  ? 55  PHE A CZ  1 
ATOM   403  N N   . ASN A 1 59  ? 1.893   -9.240  -7.278  1.00 4.92  ? 56  ASN A N   1 
ATOM   404  C CA  . ASN A 1 59  ? 3.172   -9.774  -7.729  1.00 4.66  ? 56  ASN A CA  1 
ATOM   405  C C   . ASN A 1 59  ? 3.074   -10.374 -9.127  1.00 4.90  ? 56  ASN A C   1 
ATOM   406  O O   . ASN A 1 59  ? 3.975   -10.197 -9.949  1.00 5.72  ? 56  ASN A O   1 
ATOM   407  C CB  . ASN A 1 59  ? 3.680   -10.828 -6.740  1.00 5.47  ? 56  ASN A CB  1 
ATOM   408  C CG  . ASN A 1 59  ? 5.187   -10.974 -6.773  1.00 5.98  ? 56  ASN A CG  1 
ATOM   409  O OD1 . ASN A 1 59  ? 5.914   -9.983  -6.746  1.00 7.62  ? 56  ASN A OD1 1 
ATOM   410  N ND2 . ASN A 1 59  ? 5.666   -12.211 -6.818  1.00 9.38  ? 56  ASN A ND2 1 
ATOM   411  N N   . ALA A 1 60  ? 1.979   -11.074 -9.404  1.00 6.27  ? 57  ALA A N   1 
ATOM   412  C CA  . ALA A 1 60  ? 1.793   -11.696 -10.712 1.00 7.17  ? 57  ALA A CA  1 
ATOM   413  C C   . ALA A 1 60  ? 1.615   -10.659 -11.815 1.00 7.38  ? 57  ALA A C   1 
ATOM   414  O O   . ALA A 1 60  ? 1.888   -10.937 -12.986 1.00 9.14  ? 57  ALA A O   1 
ATOM   415  C CB  . ALA A 1 60  ? 0.592   -12.625 -10.681 1.00 7.88  ? 57  ALA A CB  1 
ATOM   416  N N   . LEU A 1 61  ? 1.165   -9.465  -11.437 1.00 6.95  ? 58  LEU A N   1 
ATOM   417  C CA  . LEU A 1 61  ? 0.936   -8.385  -12.395 1.00 7.05  ? 58  LEU A CA  1 
ATOM   418  C C   . LEU A 1 61  ? 2.083   -7.385  -12.479 1.00 7.49  ? 58  LEU A C   1 
ATOM   419  O O   . LEU A 1 61  ? 1.996   -6.401  -13.209 1.00 7.04  ? 58  LEU A O   1 
ATOM   420  C CB  . LEU A 1 61  ? -0.344  -7.627  -12.030 1.00 8.15  ? 58  LEU A CB  1 
ATOM   421  C CG  . LEU A 1 61  ? -1.684  -8.347  -12.176 1.00 8.86  ? 58  LEU A CG  1 
ATOM   422  C CD1 . LEU A 1 61  ? -2.786  -7.514  -11.523 1.00 8.92  ? 58  LEU A CD1 1 
ATOM   423  C CD2 . LEU A 1 61  ? -1.977  -8.582  -13.650 1.00 10.79 ? 58  LEU A CD2 1 
ATOM   424  N N   . LEU A 1 62  ? 3.161   -7.637  -11.744 1.00 6.77  ? 59  LEU A N   1 
ATOM   425  C CA  . LEU A 1 62  ? 4.289   -6.715  -11.731 1.00 7.69  ? 59  LEU A CA  1 
ATOM   426  C C   . LEU A 1 62  ? 4.758   -6.251  -13.114 1.00 6.68  ? 59  LEU A C   1 
ATOM   427  O O   . LEU A 1 62  ? 4.987   -5.064  -13.320 1.00 7.03  ? 59  LEU A O   1 
ATOM   428  C CB  . LEU A 1 62  ? 5.455   -7.329  -10.948 1.00 9.47  ? 59  LEU A CB  1 
ATOM   429  C CG  . LEU A 1 62  ? 6.295   -6.350  -10.122 1.00 14.77 ? 59  LEU A CG  1 
ATOM   430  C CD1 . LEU A 1 62  ? 5.389   -5.449  -9.297  1.00 12.38 ? 59  LEU A CD1 1 
ATOM   431  C CD2 . LEU A 1 62  ? 7.232   -7.133  -9.214  1.00 13.55 ? 59  LEU A CD2 1 
ATOM   432  N N   . PRO A 1 63  ? 4.907   -7.175  -14.079 1.00 6.97  ? 60  PRO A N   1 
ATOM   433  C CA  . PRO A 1 63  ? 5.353   -6.733  -15.406 1.00 6.84  ? 60  PRO A CA  1 
ATOM   434  C C   . PRO A 1 63  ? 4.415   -5.694  -16.028 1.00 7.32  ? 60  PRO A C   1 
ATOM   435  O O   . PRO A 1 63  ? 4.861   -4.791  -16.739 1.00 6.51  ? 60  PRO A O   1 
ATOM   436  C CB  . PRO A 1 63  ? 5.401   -8.035  -16.203 1.00 6.99  ? 60  PRO A CB  1 
ATOM   437  C CG  . PRO A 1 63  ? 5.771   -9.043  -15.157 1.00 7.72  ? 60  PRO A CG  1 
ATOM   438  C CD  . PRO A 1 63  ? 4.866   -8.646  -14.005 1.00 7.07  ? 60  PRO A CD  1 
ATOM   439  N N   . GLU A 1 64  ? 3.118   -5.817  -15.759 1.00 6.07  ? 61  GLU A N   1 
ATOM   440  C CA  . GLU A 1 64  ? 2.149   -4.869  -16.301 1.00 6.92  ? 61  GLU A CA  1 
ATOM   441  C C   . GLU A 1 64  ? 2.360   -3.504  -15.655 1.00 7.01  ? 61  GLU A C   1 
ATOM   442  O O   . GLU A 1 64  ? 2.256   -2.469  -16.313 1.00 7.48  ? 61  GLU A O   1 
ATOM   443  C CB  . GLU A 1 64  ? 0.719   -5.362  -16.056 1.00 8.84  ? 61  GLU A CB  1 
ATOM   444  C CG  . GLU A 1 64  ? 0.440   -6.729  -16.669 1.00 11.79 ? 61  GLU A CG  1 
ATOM   445  C CD  . GLU A 1 64  ? 0.588   -6.748  -18.181 1.00 15.75 ? 61  GLU A CD  1 
ATOM   446  O OE1 . GLU A 1 64  ? 0.790   -7.844  -18.743 1.00 21.24 ? 61  GLU A OE1 1 
ATOM   447  O OE2 . GLU A 1 64  ? 0.489   -5.675  -18.811 1.00 17.27 ? 61  GLU A OE2 1 
ATOM   448  N N   . PHE A 1 65  ? 2.656   -3.498  -14.360 1.00 5.56  ? 62  PHE A N   1 
ATOM   449  C CA  . PHE A 1 65  ? 2.909   -2.246  -13.669 1.00 5.92  ? 62  PHE A CA  1 
ATOM   450  C C   . PHE A 1 65  ? 4.226   -1.655  -14.169 1.00 5.80  ? 62  PHE A C   1 
ATOM   451  O O   . PHE A 1 65  ? 4.355   -0.434  -14.297 1.00 6.85  ? 62  PHE A O   1 
ATOM   452  C CB  . PHE A 1 65  ? 2.934   -2.477  -12.153 1.00 6.08  ? 62  PHE A CB  1 
ATOM   453  C CG  . PHE A 1 65  ? 1.565   -2.641  -11.554 1.00 6.21  ? 62  PHE A CG  1 
ATOM   454  C CD1 . PHE A 1 65  ? 0.740   -1.537  -11.374 1.00 6.74  ? 62  PHE A CD1 1 
ATOM   455  C CD2 . PHE A 1 65  ? 1.080   -3.900  -11.211 1.00 7.77  ? 62  PHE A CD2 1 
ATOM   456  C CE1 . PHE A 1 65  ? -0.551  -1.680  -10.866 1.00 7.32  ? 62  PHE A CE1 1 
ATOM   457  C CE2 . PHE A 1 65  ? -0.209  -4.054  -10.703 1.00 7.32  ? 62  PHE A CE2 1 
ATOM   458  C CZ  . PHE A 1 65  ? -1.024  -2.940  -10.531 1.00 6.95  ? 62  PHE A CZ  1 
ATOM   459  N N   . ASP A 1 66  ? 5.192   -2.520  -14.476 1.00 6.10  ? 63  ASP A N   1 
ATOM   460  C CA  . ASP A 1 66  ? 6.484   -2.060  -14.988 1.00 6.37  ? 63  ASP A CA  1 
ATOM   461  C C   . ASP A 1 66  ? 6.283   -1.357  -16.331 1.00 8.57  ? 63  ASP A C   1 
ATOM   462  O O   . ASP A 1 66  ? 6.914   -0.338  -16.607 1.00 9.64  ? 63  ASP A O   1 
ATOM   463  C CB  . ASP A 1 66  ? 7.455   -3.230  -15.196 1.00 6.27  ? 63  ASP A CB  1 
ATOM   464  C CG  . ASP A 1 66  ? 7.880   -3.896  -13.898 1.00 6.92  ? 63  ASP A CG  1 
ATOM   465  O OD1 . ASP A 1 66  ? 7.958   -3.213  -12.852 1.00 7.62  ? 63  ASP A OD1 1 
ATOM   466  O OD2 . ASP A 1 66  ? 8.167   -5.112  -13.937 1.00 7.79  ? 63  ASP A OD2 1 
ATOM   467  N N   . LYS A 1 67  ? 5.413   -1.914  -17.169 1.00 6.19  ? 64  LYS A N   1 
ATOM   468  C CA  . LYS A 1 67  ? 5.141   -1.332  -18.482 1.00 7.22  ? 64  LYS A CA  1 
ATOM   469  C C   . LYS A 1 67  ? 4.719   0.126   -18.349 1.00 10.27 ? 64  LYS A C   1 
ATOM   470  O O   . LYS A 1 67  ? 4.967   0.938   -19.240 1.00 11.38 ? 64  LYS A O   1 
ATOM   471  C CB  . LYS A 1 67  ? 4.038   -2.115  -19.202 1.00 6.96  ? 64  LYS A CB  1 
ATOM   472  C CG  . LYS A 1 67  ? 4.435   -3.513  -19.646 1.00 8.23  ? 64  LYS A CG  1 
ATOM   473  C CD  . LYS A 1 67  ? 3.256   -4.191  -20.326 1.00 9.90  ? 64  LYS A CD  1 
ATOM   474  C CE  . LYS A 1 67  ? 3.551   -5.631  -20.686 1.00 12.33 ? 64  LYS A CE  1 
ATOM   475  N NZ  . LYS A 1 67  ? 2.326   -6.283  -21.241 1.00 13.41 ? 64  LYS A NZ  1 
ATOM   476  N N   . ALA A 1 68  ? 4.082   0.452   -17.230 1.00 11.01 ? 65  ALA A N   1 
ATOM   477  C CA  . ALA A 1 68  ? 3.629   1.816   -16.977 1.00 13.90 ? 65  ALA A CA  1 
ATOM   478  C C   . ALA A 1 68  ? 4.663   2.592   -16.161 1.00 13.55 ? 65  ALA A C   1 
ATOM   479  O O   . ALA A 1 68  ? 4.467   3.770   -15.846 1.00 16.63 ? 65  ALA A O   1 
ATOM   480  C CB  . ALA A 1 68  ? 2.296   1.789   -16.245 1.00 14.30 ? 65  ALA A CB  1 
ATOM   481  N N   . GLY A 1 69  ? 5.769   1.932   -15.833 1.00 14.34 ? 66  GLY A N   1 
ATOM   482  C CA  . GLY A 1 69  ? 6.816   2.572   -15.056 1.00 14.18 ? 66  GLY A CA  1 
ATOM   483  C C   . GLY A 1 69  ? 6.420   2.737   -13.600 1.00 13.29 ? 66  GLY A C   1 
ATOM   484  O O   . GLY A 1 69  ? 7.143   3.357   -12.819 1.00 14.79 ? 66  GLY A O   1 
ATOM   485  N N   . ALA A 1 70  ? 5.273   2.170   -13.237 1.00 10.21 ? 67  ALA A N   1 
ATOM   486  C CA  . ALA A 1 70  ? 4.759   2.260   -11.874 1.00 7.86  ? 67  ALA A CA  1 
ATOM   487  C C   . ALA A 1 70  ? 5.478   1.339   -10.896 1.00 7.09  ? 67  ALA A C   1 
ATOM   488  O O   . ALA A 1 70  ? 6.054   0.321   -11.285 1.00 8.32  ? 67  ALA A O   1 
ATOM   489  C CB  . ALA A 1 70  ? 3.269   1.947   -11.866 1.00 8.49  ? 67  ALA A CB  1 
ATOM   490  N N   . LYS A 1 71  ? 5.443   1.720   -9.624  1.00 6.48  ? 68  LYS A N   1 
ATOM   491  C CA  . LYS A 1 71  ? 6.050   0.936   -8.556  1.00 4.93  ? 68  LYS A CA  1 
ATOM   492  C C   . LYS A 1 71  ? 4.946   0.595   -7.565  1.00 5.18  ? 68  LYS A C   1 
ATOM   493  O O   . LYS A 1 71  ? 3.947   1.309   -7.473  1.00 6.31  ? 68  LYS A O   1 
ATOM   494  C CB  . LYS A 1 71  ? 7.155   1.731   -7.848  1.00 6.60  ? 68  LYS A CB  1 
ATOM   495  C CG  . LYS A 1 71  ? 8.374   2.028   -8.716  1.00 8.84  ? 68  LYS A CG  1 
ATOM   496  C CD  . LYS A 1 71  ? 9.033   0.750   -9.209  1.00 13.10 ? 68  LYS A CD  1 
ATOM   497  C CE  . LYS A 1 71  ? 10.256  1.056   -10.063 1.00 15.27 ? 68  LYS A CE  1 
ATOM   498  N NZ  . LYS A 1 71  ? 10.869  -0.184  -10.616 1.00 16.84 ? 68  LYS A NZ  1 
ATOM   499  N N   . ILE A 1 72  ? 5.121   -0.505  -6.843  1.00 4.90  ? 69  ILE A N   1 
ATOM   500  C CA  . ILE A 1 72  ? 4.138   -0.941  -5.860  1.00 5.77  ? 69  ILE A CA  1 
ATOM   501  C C   . ILE A 1 72  ? 4.750   -1.034  -4.470  1.00 4.85  ? 69  ILE A C   1 
ATOM   502  O O   . ILE A 1 72  ? 5.902   -1.440  -4.308  1.00 5.24  ? 69  ILE A O   1 
ATOM   503  C CB  . ILE A 1 72  ? 3.579   -2.342  -6.201  1.00 7.18  ? 69  ILE A CB  1 
ATOM   504  C CG1 . ILE A 1 72  ? 2.899   -2.322  -7.571  1.00 9.48  ? 69  ILE A CG1 1 
ATOM   505  C CG2 . ILE A 1 72  ? 2.607   -2.801  -5.109  1.00 9.68  ? 69  ILE A CG2 1 
ATOM   506  C CD1 . ILE A 1 72  ? 2.432   -3.689  -8.029  1.00 14.21 ? 69  ILE A CD1 1 
ATOM   507  N N   . LEU A 1 73  ? 3.966   -0.648  -3.471  1.00 4.20  ? 70  LEU A N   1 
ATOM   508  C CA  . LEU A 1 73  ? 4.380   -0.745  -2.076  1.00 4.20  ? 70  LEU A CA  1 
ATOM   509  C C   . LEU A 1 73  ? 3.221   -1.318  -1.276  1.00 4.75  ? 70  LEU A C   1 
ATOM   510  O O   . LEU A 1 73  ? 2.105   -0.796  -1.335  1.00 4.47  ? 70  LEU A O   1 
ATOM   511  C CB  . LEU A 1 73  ? 4.739   0.624   -1.492  1.00 5.37  ? 70  LEU A CB  1 
ATOM   512  C CG  . LEU A 1 73  ? 6.036   1.307   -1.931  1.00 5.47  ? 70  LEU A CG  1 
ATOM   513  C CD1 . LEU A 1 73  ? 6.127   2.663   -1.243  1.00 7.98  ? 70  LEU A CD1 1 
ATOM   514  C CD2 . LEU A 1 73  ? 7.237   0.445   -1.560  1.00 7.51  ? 70  LEU A CD2 1 
ATOM   515  N N   . GLY A 1 74  ? 3.486   -2.405  -0.558  1.00 4.02  ? 71  GLY A N   1 
ATOM   516  C CA  . GLY A 1 74  ? 2.478   -3.005  0.298   1.00 4.86  ? 71  GLY A CA  1 
ATOM   517  C C   . GLY A 1 74  ? 2.739   -2.428  1.680   1.00 3.76  ? 71  GLY A C   1 
ATOM   518  O O   . GLY A 1 74  ? 3.893   -2.167  2.027   1.00 6.42  ? 71  GLY A O   1 
ATOM   519  N N   . VAL A 1 75  ? 1.691   -2.225  2.472   1.00 4.00  ? 72  VAL A N   1 
ATOM   520  C CA  . VAL A 1 75  ? 1.857   -1.638  3.797   1.00 4.86  ? 72  VAL A CA  1 
ATOM   521  C C   . VAL A 1 75  ? 1.007   -2.283  4.886   1.00 4.49  ? 72  VAL A C   1 
ATOM   522  O O   . VAL A 1 75  ? -0.179  -2.524  4.690   1.00 4.92  ? 72  VAL A O   1 
ATOM   523  C CB  . VAL A 1 75  ? 1.473   -0.134  3.782   1.00 4.34  ? 72  VAL A CB  1 
ATOM   524  C CG1 . VAL A 1 75  ? 1.812   0.509   5.122   1.00 4.59  ? 72  VAL A CG1 1 
ATOM   525  C CG2 . VAL A 1 75  ? 2.168   0.582   2.633   1.00 5.18  ? 72  VAL A CG2 1 
ATOM   526  N N   . SER A 1 76  ? 1.624   -2.559  6.031   1.00 5.06  ? 73  SER A N   1 
ATOM   527  C CA  . SER A 1 76  ? 0.914   -3.086  7.197   1.00 5.05  ? 73  SER A CA  1 
ATOM   528  C C   . SER A 1 76  ? 1.759   -2.624  8.374   1.00 5.86  ? 73  SER A C   1 
ATOM   529  O O   . SER A 1 76  ? 2.818   -2.029  8.171   1.00 6.13  ? 73  SER A O   1 
ATOM   530  C CB  . SER A 1 76  ? 0.802   -4.614  7.170   1.00 5.26  ? 73  SER A CB  1 
ATOM   531  O OG  . SER A 1 76  ? 1.968   -5.234  7.668   1.00 5.22  ? 73  SER A OG  1 
ATOM   532  N N   . ARG A 1 77  ? 1.309   -2.870  9.600   1.00 5.94  ? 74  ARG A N   1 
ATOM   533  C CA  . ARG A 1 77  ? 2.098   -2.429  10.744  1.00 6.30  ? 74  ARG A CA  1 
ATOM   534  C C   . ARG A 1 77  ? 3.013   -3.514  11.296  1.00 6.89  ? 74  ARG A C   1 
ATOM   535  O O   . ARG A 1 77  ? 3.585   -3.367  12.373  1.00 7.38  ? 74  ARG A O   1 
ATOM   536  C CB  . ARG A 1 77  ? 1.197   -1.871  11.854  1.00 9.13  ? 74  ARG A CB  1 
ATOM   537  C CG  . ARG A 1 77  ? 0.379   -2.882  12.635  1.00 8.09  ? 74  ARG A CG  1 
ATOM   538  C CD  . ARG A 1 77  ? -0.023  -2.252  13.966  1.00 12.03 ? 74  ARG A CD  1 
ATOM   539  N NE  . ARG A 1 77  ? 1.172   -1.782  14.657  1.00 12.40 ? 74  ARG A NE  1 
ATOM   540  C CZ  . ARG A 1 77  ? 1.896   -2.513  15.500  1.00 10.25 ? 74  ARG A CZ  1 
ATOM   541  N NH1 . ARG A 1 77  ? 1.541   -3.760  15.790  1.00 12.96 ? 74  ARG A NH1 1 
ATOM   542  N NH2 . ARG A 1 77  ? 3.010   -2.011  16.015  1.00 6.87  ? 74  ARG A NH2 1 
ATOM   543  N N   . ASP A 1 78  ? 3.157   -4.601  10.546  1.00 5.76  ? 75  ASP A N   1 
ATOM   544  C CA  . ASP A 1 78  ? 4.023   -5.695  10.964  1.00 6.94  ? 75  ASP A CA  1 
ATOM   545  C C   . ASP A 1 78  ? 5.488   -5.275  10.887  1.00 6.04  ? 75  ASP A C   1 
ATOM   546  O O   . ASP A 1 78  ? 5.837   -4.334  10.175  1.00 6.20  ? 75  ASP A O   1 
ATOM   547  C CB  . ASP A 1 78  ? 3.773   -6.923  10.087  1.00 7.71  ? 75  ASP A CB  1 
ATOM   548  C CG  . ASP A 1 78  ? 2.399   -7.520  10.315  1.00 10.82 ? 75  ASP A CG  1 
ATOM   549  O OD1 . ASP A 1 78  ? 2.167   -8.059  11.416  1.00 14.34 ? 75  ASP A OD1 1 
ATOM   550  O OD2 . ASP A 1 78  ? 1.548   -7.445  9.404   1.00 8.21  ? 75  ASP A OD2 1 
ATOM   551  N N   . SER A 1 79  ? 6.337   -5.981  11.625  1.00 5.55  ? 76  SER A N   1 
ATOM   552  C CA  . SER A 1 79  ? 7.764   -5.683  11.676  1.00 4.20  ? 76  SER A CA  1 
ATOM   553  C C   . SER A 1 79  ? 8.502   -5.968  10.377  1.00 5.05  ? 76  SER A C   1 
ATOM   554  O O   . SER A 1 79  ? 7.995   -6.647  9.485   1.00 5.58  ? 76  SER A O   1 
ATOM   555  C CB  . SER A 1 79  ? 8.428   -6.492  12.793  1.00 5.70  ? 76  SER A CB  1 
ATOM   556  O OG  . SER A 1 79  ? 8.435   -7.876  12.471  1.00 6.94  ? 76  SER A OG  1 
ATOM   557  N N   . VAL A 1 80  ? 9.718   -5.446  10.284  1.00 5.16  ? 77  VAL A N   1 
ATOM   558  C CA  . VAL A 1 80  ? 10.537  -5.668  9.104   1.00 5.20  ? 77  VAL A CA  1 
ATOM   559  C C   . VAL A 1 80  ? 10.836  -7.166  9.010   1.00 6.15  ? 77  VAL A C   1 
ATOM   560  O O   . VAL A 1 80  ? 10.801  -7.746  7.927   1.00 6.22  ? 77  VAL A O   1 
ATOM   561  C CB  . VAL A 1 80  ? 11.857  -4.864  9.184   1.00 6.07  ? 77  VAL A CB  1 
ATOM   562  C CG1 . VAL A 1 80  ? 12.777  -5.241  8.031   1.00 6.57  ? 77  VAL A CG1 1 
ATOM   563  C CG2 . VAL A 1 80  ? 11.554  -3.367  9.137   1.00 7.54  ? 77  VAL A CG2 1 
ATOM   564  N N   . LYS A 1 81  ? 11.115  -7.793  10.151  1.00 7.24  ? 78  LYS A N   1 
ATOM   565  C CA  . LYS A 1 81  ? 11.406  -9.225  10.180  1.00 8.36  ? 78  LYS A CA  1 
ATOM   566  C C   . LYS A 1 81  ? 10.223  -10.021 9.632   1.00 6.70  ? 78  LYS A C   1 
ATOM   567  O O   . LYS A 1 81  ? 10.396  -10.937 8.825   1.00 6.68  ? 78  LYS A O   1 
ATOM   568  C CB  . LYS A 1 81  ? 11.716  -9.676  11.610  1.00 10.20 ? 78  LYS A CB  1 
ATOM   569  C CG  . LYS A 1 81  ? 12.056  -11.152 11.731  1.00 16.32 ? 78  LYS A CG  1 
ATOM   570  C CD  . LYS A 1 81  ? 12.394  -11.528 13.167  1.00 20.42 ? 78  LYS A CD  1 
ATOM   571  C CE  . LYS A 1 81  ? 13.617  -10.770 13.669  1.00 23.69 ? 78  LYS A CE  1 
ATOM   572  N NZ  . LYS A 1 81  ? 13.939  -11.114 15.083  1.00 26.95 ? 78  LYS A NZ  1 
ATOM   573  N N   . SER A 1 82  ? 9.019   -9.666  10.075  1.00 6.67  ? 79  SER A N   1 
ATOM   574  C CA  . SER A 1 82  ? 7.810   -10.334 9.615   1.00 6.07  ? 79  SER A CA  1 
ATOM   575  C C   . SER A 1 82  ? 7.685   -10.148 8.110   1.00 6.14  ? 79  SER A C   1 
ATOM   576  O O   . SER A 1 82  ? 7.396   -11.094 7.375   1.00 5.41  ? 79  SER A O   1 
ATOM   577  C CB  . SER A 1 82  ? 6.583   -9.750  10.316  1.00 6.26  ? 79  SER A CB  1 
ATOM   578  O OG  . SER A 1 82  ? 5.388   -10.304 9.794   1.00 7.48  ? 79  SER A OG  1 
ATOM   579  N N   . HIS A 1 83  ? 7.907   -8.918  7.657   1.00 5.67  ? 80  HIS A N   1 
ATOM   580  C CA  . HIS A 1 83  ? 7.836   -8.606  6.234   1.00 5.65  ? 80  HIS A CA  1 
ATOM   581  C C   . HIS A 1 83  ? 8.862   -9.415  5.444   1.00 5.52  ? 80  HIS A C   1 
ATOM   582  O O   . HIS A 1 83  ? 8.570   -9.905  4.356   1.00 5.34  ? 80  HIS A O   1 
ATOM   583  C CB  . HIS A 1 83  ? 8.077   -7.113  5.998   1.00 5.78  ? 80  HIS A CB  1 
ATOM   584  C CG  . HIS A 1 83  ? 6.874   -6.253  6.241   1.00 5.11  ? 80  HIS A CG  1 
ATOM   585  N ND1 . HIS A 1 83  ? 5.652   -6.762  6.629   1.00 5.34  ? 80  HIS A ND1 1 
ATOM   586  C CD2 . HIS A 1 83  ? 6.704   -4.915  6.124   1.00 6.43  ? 80  HIS A CD2 1 
ATOM   587  C CE1 . HIS A 1 83  ? 4.781   -5.774  6.738   1.00 3.76  ? 80  HIS A CE1 1 
ATOM   588  N NE2 . HIS A 1 83  ? 5.393   -4.642  6.435   1.00 5.51  ? 80  HIS A NE2 1 
ATOM   589  N N   . ASP A 1 84  ? 10.068  -9.544  5.988   1.00 4.78  ? 81  ASP A N   1 
ATOM   590  C CA  . ASP A 1 84  ? 11.117  -10.298 5.316   1.00 5.70  ? 81  ASP A CA  1 
ATOM   591  C C   . ASP A 1 84  ? 10.694  -11.756 5.135   1.00 6.29  ? 81  ASP A C   1 
ATOM   592  O O   . ASP A 1 84  ? 10.855  -12.326 4.055   1.00 6.97  ? 81  ASP A O   1 
ATOM   593  C CB  . ASP A 1 84  ? 12.418  -10.225 6.121   1.00 5.88  ? 81  ASP A CB  1 
ATOM   594  C CG  . ASP A 1 84  ? 13.138  -8.890  5.965   1.00 7.71  ? 81  ASP A CG  1 
ATOM   595  O OD1 . ASP A 1 84  ? 14.074  -8.633  6.750   1.00 9.27  ? 81  ASP A OD1 1 
ATOM   596  O OD2 . ASP A 1 84  ? 12.780  -8.106  5.057   1.00 7.59  ? 81  ASP A OD2 1 
ATOM   597  N N   . ASN A 1 85  ? 10.147  -12.354 6.190   1.00 5.81  ? 82  ASN A N   1 
ATOM   598  C CA  . ASN A 1 85  ? 9.713   -13.746 6.120   1.00 7.06  ? 82  ASN A CA  1 
ATOM   599  C C   . ASN A 1 85  ? 8.561   -13.918 5.136   1.00 7.20  ? 82  ASN A C   1 
ATOM   600  O O   . ASN A 1 85  ? 8.539   -14.860 4.343   1.00 8.03  ? 82  ASN A O   1 
ATOM   601  C CB  . ASN A 1 85  ? 9.292   -14.245 7.507   1.00 8.22  ? 82  ASN A CB  1 
ATOM   602  C CG  . ASN A 1 85  ? 10.437  -14.223 8.506   1.00 14.09 ? 82  ASN A CG  1 
ATOM   603  O OD1 . ASN A 1 85  ? 11.584  -14.505 8.158   1.00 18.29 ? 82  ASN A OD1 1 
ATOM   604  N ND2 . ASN A 1 85  ? 10.128  -13.903 9.756   1.00 18.47 ? 82  ASN A ND2 1 
ATOM   605  N N   . PHE A 1 86  ? 7.612   -12.991 5.192   1.00 5.74  ? 83  PHE A N   1 
ATOM   606  C CA  . PHE A 1 86  ? 6.438   -12.998 4.327   1.00 5.67  ? 83  PHE A CA  1 
ATOM   607  C C   . PHE A 1 86  ? 6.879   -12.875 2.866   1.00 6.14  ? 83  PHE A C   1 
ATOM   608  O O   . PHE A 1 86  ? 6.493   -13.678 2.017   1.00 7.21  ? 83  PHE A O   1 
ATOM   609  C CB  . PHE A 1 86  ? 5.545   -11.817 4.729   1.00 5.19  ? 83  PHE A CB  1 
ATOM   610  C CG  . PHE A 1 86  ? 4.210   -11.767 4.035   1.00 5.18  ? 83  PHE A CG  1 
ATOM   611  C CD1 . PHE A 1 86  ? 3.543   -10.548 3.923   1.00 5.97  ? 83  PHE A CD1 1 
ATOM   612  C CD2 . PHE A 1 86  ? 3.597   -12.917 3.540   1.00 6.84  ? 83  PHE A CD2 1 
ATOM   613  C CE1 . PHE A 1 86  ? 2.288   -10.468 3.330   1.00 6.13  ? 83  PHE A CE1 1 
ATOM   614  C CE2 . PHE A 1 86  ? 2.334   -12.845 2.943   1.00 6.12  ? 83  PHE A CE2 1 
ATOM   615  C CZ  . PHE A 1 86  ? 1.681   -11.617 2.839   1.00 6.09  ? 83  PHE A CZ  1 
ATOM   616  N N   . SER A 1 87  ? 7.701   -11.871 2.586   1.00 5.77  ? 84  SER A N   1 
ATOM   617  C CA  . SER A 1 87  ? 8.197   -11.635 1.232   1.00 6.34  ? 84  SER A CA  1 
ATOM   618  C C   . SER A 1 87  ? 9.019   -12.798 0.679   1.00 6.95  ? 84  SER A C   1 
ATOM   619  O O   . SER A 1 87  ? 8.898   -13.152 -0.496  1.00 8.27  ? 84  SER A O   1 
ATOM   620  C CB  . SER A 1 87  ? 9.039   -10.356 1.200   1.00 7.71  ? 84  SER A CB  1 
ATOM   621  O OG  . SER A 1 87  ? 9.479   -10.067 -0.115  1.00 8.29  ? 84  SER A OG  1 
ATOM   622  N N   . ALA A 1 88  ? 9.859   -13.390 1.520   1.00 6.47  ? 85  ALA A N   1 
ATOM   623  C CA  . ALA A 1 88  ? 10.692  -14.506 1.086   1.00 6.60  ? 85  ALA A CA  1 
ATOM   624  C C   . ALA A 1 88  ? 9.852   -15.749 0.809   1.00 6.84  ? 85  ALA A C   1 
ATOM   625  O O   . ALA A 1 88  ? 10.075  -16.456 -0.174  1.00 7.76  ? 85  ALA A O   1 
ATOM   626  C CB  . ALA A 1 88  ? 11.748  -14.812 2.140   1.00 8.33  ? 85  ALA A CB  1 
ATOM   627  N N   . LYS A 1 89  ? 8.882   -16.014 1.675   1.00 6.17  ? 86  LYS A N   1 
ATOM   628  C CA  . LYS A 1 89  ? 8.032   -17.184 1.507   1.00 7.04  ? 86  LYS A CA  1 
ATOM   629  C C   . LYS A 1 89  ? 7.161   -17.088 0.258   1.00 6.78  ? 86  LYS A C   1 
ATOM   630  O O   . LYS A 1 89  ? 6.993   -18.070 -0.467  1.00 8.17  ? 86  LYS A O   1 
ATOM   631  C CB  . LYS A 1 89  ? 7.143   -17.367 2.742   1.00 8.24  ? 86  LYS A CB  1 
ATOM   632  C CG  . LYS A 1 89  ? 6.162   -18.534 2.651   1.00 11.93 ? 86  LYS A CG  1 
ATOM   633  C CD  . LYS A 1 89  ? 6.869   -19.879 2.548   1.00 16.68 ? 86  LYS A CD  1 
ATOM   634  C CE  . LYS A 1 89  ? 7.621   -20.220 3.824   1.00 19.32 ? 86  LYS A CE  1 
ATOM   635  N NZ  . LYS A 1 89  ? 8.274   -21.559 3.743   1.00 21.57 ? 86  LYS A NZ  1 
ATOM   636  N N   . GLN A 1 90  ? 6.618   -15.902 0.002   1.00 6.62  ? 87  GLN A N   1 
ATOM   637  C CA  . GLN A 1 90  ? 5.735   -15.702 -1.141  1.00 6.25  ? 87  GLN A CA  1 
ATOM   638  C C   . GLN A 1 90  ? 6.440   -15.302 -2.432  1.00 6.32  ? 87  GLN A C   1 
ATOM   639  O O   . GLN A 1 90  ? 5.841   -15.353 -3.506  1.00 8.52  ? 87  GLN A O   1 
ATOM   640  C CB  . GLN A 1 90  ? 4.669   -14.652 -0.805  1.00 5.60  ? 87  GLN A CB  1 
ATOM   641  C CG  . GLN A 1 90  ? 3.826   -14.967 0.430   1.00 5.64  ? 87  GLN A CG  1 
ATOM   642  C CD  . GLN A 1 90  ? 3.167   -16.331 0.366   1.00 6.61  ? 87  GLN A CD  1 
ATOM   643  O OE1 . GLN A 1 90  ? 2.777   -16.794 -0.703  1.00 7.89  ? 87  GLN A OE1 1 
ATOM   644  N NE2 . GLN A 1 90  ? 3.020   -16.974 1.522   1.00 6.84  ? 87  GLN A NE2 1 
ATOM   645  N N   . GLY A 1 91  ? 7.700   -14.896 -2.329  1.00 5.39  ? 88  GLY A N   1 
ATOM   646  C CA  . GLY A 1 91  ? 8.442   -14.505 -3.514  1.00 6.45  ? 88  GLY A CA  1 
ATOM   647  C C   . GLY A 1 91  ? 8.100   -13.127 -4.054  1.00 6.78  ? 88  GLY A C   1 
ATOM   648  O O   . GLY A 1 91  ? 8.238   -12.878 -5.250  1.00 6.51  ? 88  GLY A O   1 
ATOM   649  N N   . PHE A 1 92  ? 7.659   -12.227 -3.182  1.00 5.49  ? 89  PHE A N   1 
ATOM   650  C CA  . PHE A 1 92  ? 7.309   -10.872 -3.605  1.00 5.75  ? 89  PHE A CA  1 
ATOM   651  C C   . PHE A 1 92  ? 8.514   -10.156 -4.206  1.00 5.75  ? 89  PHE A C   1 
ATOM   652  O O   . PHE A 1 92  ? 9.623   -10.241 -3.675  1.00 6.55  ? 89  PHE A O   1 
ATOM   653  C CB  . PHE A 1 92  ? 6.793   -10.057 -2.414  1.00 5.92  ? 89  PHE A CB  1 
ATOM   654  C CG  . PHE A 1 92  ? 5.481   -10.535 -1.858  1.00 5.26  ? 89  PHE A CG  1 
ATOM   655  C CD1 . PHE A 1 92  ? 5.087   -10.149 -0.580  1.00 6.08  ? 89  PHE A CD1 1 
ATOM   656  C CD2 . PHE A 1 92  ? 4.628   -11.345 -2.606  1.00 5.38  ? 89  PHE A CD2 1 
ATOM   657  C CE1 . PHE A 1 92  ? 3.863   -10.561 -0.050  1.00 6.87  ? 89  PHE A CE1 1 
ATOM   658  C CE2 . PHE A 1 92  ? 3.398   -11.763 -2.084  1.00 5.20  ? 89  PHE A CE2 1 
ATOM   659  C CZ  . PHE A 1 92  ? 3.018   -11.369 -0.806  1.00 6.12  ? 89  PHE A CZ  1 
ATOM   660  N N   . ALA A 1 93  ? 8.289   -9.450  -5.310  1.00 6.17  ? 90  ALA A N   1 
ATOM   661  C CA  . ALA A 1 93  ? 9.359   -8.717  -5.973  1.00 5.71  ? 90  ALA A CA  1 
ATOM   662  C C   . ALA A 1 93  ? 9.181   -7.203  -5.844  1.00 6.56  ? 90  ALA A C   1 
ATOM   663  O O   . ALA A 1 93  ? 9.730   -6.429  -6.631  1.00 7.57  ? 90  ALA A O   1 
ATOM   664  C CB  . ALA A 1 93  ? 9.445   -9.121  -7.437  1.00 7.75  ? 90  ALA A CB  1 
ATOM   665  N N   . PHE A 1 94  ? 8.397   -6.794  -4.849  1.00 5.49  ? 91  PHE A N   1 
ATOM   666  C CA  . PHE A 1 94  ? 8.165   -5.383  -4.553  1.00 4.82  ? 91  PHE A CA  1 
ATOM   667  C C   . PHE A 1 94  ? 8.319   -5.250  -3.038  1.00 4.72  ? 91  PHE A C   1 
ATOM   668  O O   . PHE A 1 94  ? 8.184   -6.231  -2.310  1.00 4.96  ? 91  PHE A O   1 
ATOM   669  C CB  . PHE A 1 94  ? 6.773   -4.936  -5.018  1.00 6.53  ? 91  PHE A CB  1 
ATOM   670  C CG  . PHE A 1 94  ? 5.646   -5.713  -4.413  1.00 5.74  ? 91  PHE A CG  1 
ATOM   671  C CD1 . PHE A 1 94  ? 5.157   -5.395  -3.147  1.00 5.17  ? 91  PHE A CD1 1 
ATOM   672  C CD2 . PHE A 1 94  ? 5.078   -6.780  -5.103  1.00 6.37  ? 91  PHE A CD2 1 
ATOM   673  C CE1 . PHE A 1 94  ? 4.116   -6.132  -2.577  1.00 6.11  ? 91  PHE A CE1 1 
ATOM   674  C CE2 . PHE A 1 94  ? 4.038   -7.522  -4.543  1.00 6.37  ? 91  PHE A CE2 1 
ATOM   675  C CZ  . PHE A 1 94  ? 3.556   -7.197  -3.274  1.00 5.82  ? 91  PHE A CZ  1 
ATOM   676  N N   . PRO A 1 95  ? 8.604   -4.037  -2.545  1.00 5.38  ? 92  PRO A N   1 
ATOM   677  C CA  . PRO A 1 95  ? 8.785   -3.835  -1.105  1.00 5.03  ? 92  PRO A CA  1 
ATOM   678  C C   . PRO A 1 95  ? 7.530   -3.773  -0.260  1.00 4.90  ? 92  PRO A C   1 
ATOM   679  O O   . PRO A 1 95  ? 6.454   -3.410  -0.737  1.00 4.85  ? 92  PRO A O   1 
ATOM   680  C CB  . PRO A 1 95  ? 9.550   -2.509  -1.022  1.00 6.22  ? 92  PRO A CB  1 
ATOM   681  C CG  . PRO A 1 95  ? 10.040  -2.258  -2.432  1.00 5.33  ? 92  PRO A CG  1 
ATOM   682  C CD  . PRO A 1 95  ? 8.945   -2.812  -3.282  1.00 5.24  ? 92  PRO A CD  1 
ATOM   683  N N   . LEU A 1 96  ? 7.696   -4.131  1.008   1.00 4.53  ? 93  LEU A N   1 
ATOM   684  C CA  . LEU A 1 96  ? 6.623   -4.073  1.986   1.00 3.76  ? 93  LEU A CA  1 
ATOM   685  C C   . LEU A 1 96  ? 7.079   -3.071  3.035   1.00 3.82  ? 93  LEU A C   1 
ATOM   686  O O   . LEU A 1 96  ? 8.199   -3.158  3.547   1.00 5.04  ? 93  LEU A O   1 
ATOM   687  C CB  . LEU A 1 96  ? 6.400   -5.432  2.642   1.00 4.22  ? 93  LEU A CB  1 
ATOM   688  C CG  . LEU A 1 96  ? 5.897   -6.563  1.747   1.00 4.47  ? 93  LEU A CG  1 
ATOM   689  C CD1 . LEU A 1 96  ? 5.757   -7.817  2.590   1.00 5.14  ? 93  LEU A CD1 1 
ATOM   690  C CD2 . LEU A 1 96  ? 4.563   -6.193  1.109   1.00 5.74  ? 93  LEU A CD2 1 
ATOM   691  N N   . VAL A 1 97  ? 6.215   -2.116  3.342   1.00 3.78  ? 94  VAL A N   1 
ATOM   692  C CA  . VAL A 1 97  ? 6.521   -1.090  4.329   1.00 3.74  ? 94  VAL A CA  1 
ATOM   693  C C   . VAL A 1 97  ? 6.126   -1.548  5.725   1.00 3.57  ? 94  VAL A C   1 
ATOM   694  O O   . VAL A 1 97  ? 4.994   -1.983  5.948   1.00 4.65  ? 94  VAL A O   1 
ATOM   695  C CB  . VAL A 1 97  ? 5.755   0.223   4.025   1.00 3.93  ? 94  VAL A CB  1 
ATOM   696  C CG1 . VAL A 1 97  ? 6.062   1.272   5.094   1.00 4.38  ? 94  VAL A CG1 1 
ATOM   697  C CG2 . VAL A 1 97  ? 6.127   0.736   2.644   1.00 5.61  ? 94  VAL A CG2 1 
ATOM   698  N N   . SER A 1 98  ? 7.069   -1.462  6.656   1.00 3.73  ? 95  SER A N   1 
ATOM   699  C CA  . SER A 1 98  ? 6.799   -1.807  8.044   1.00 4.50  ? 95  SER A CA  1 
ATOM   700  C C   . SER A 1 98  ? 6.406   -0.489  8.712   1.00 5.05  ? 95  SER A C   1 
ATOM   701  O O   . SER A 1 98  ? 7.261   0.261   9.182   1.00 6.42  ? 95  SER A O   1 
ATOM   702  C CB  . SER A 1 98  ? 8.046   -2.380  8.715   1.00 4.97  ? 95  SER A CB  1 
ATOM   703  O OG  . SER A 1 98  ? 7.794   -2.626  10.087  1.00 6.19  ? 95  SER A OG  1 
ATOM   704  N N   . ASP A 1 99  ? 5.107   -0.208  8.728   1.00 4.56  ? 96  ASP A N   1 
ATOM   705  C CA  . ASP A 1 99  ? 4.575   1.019   9.308   1.00 4.66  ? 96  ASP A CA  1 
ATOM   706  C C   . ASP A 1 99  ? 4.186   0.730   10.757  1.00 4.39  ? 96  ASP A C   1 
ATOM   707  O O   . ASP A 1 99  ? 3.030   0.880   11.153  1.00 4.89  ? 96  ASP A O   1 
ATOM   708  C CB  . ASP A 1 99  ? 3.367   1.465   8.473   1.00 4.31  ? 96  ASP A CB  1 
ATOM   709  C CG  . ASP A 1 99  ? 2.875   2.858   8.819   1.00 4.14  ? 96  ASP A CG  1 
ATOM   710  O OD1 . ASP A 1 99  ? 3.707   3.746   9.103   1.00 5.52  ? 96  ASP A OD1 1 
ATOM   711  O OD2 . ASP A 1 99  ? 1.642   3.064   8.771   1.00 5.12  ? 96  ASP A OD2 1 
ATOM   712  N N   . GLY A 1 100 ? 5.185   0.322   11.539  1.00 5.36  ? 97  GLY A N   1 
ATOM   713  C CA  . GLY A 1 100 ? 4.979   -0.039  12.931  1.00 5.33  ? 97  GLY A CA  1 
ATOM   714  C C   . GLY A 1 100 ? 4.250   0.965   13.799  1.00 5.53  ? 97  GLY A C   1 
ATOM   715  O O   . GLY A 1 100 ? 3.454   0.581   14.659  1.00 6.22  ? 97  GLY A O   1 
ATOM   716  N N   . ASP A 1 101 ? 4.521   2.247   13.584  1.00 5.22  ? 98  ASP A N   1 
ATOM   717  C CA  . ASP A 1 101 ? 3.877   3.294   14.368  1.00 5.82  ? 98  ASP A CA  1 
ATOM   718  C C   . ASP A 1 101 ? 2.630   3.849   13.681  1.00 5.25  ? 98  ASP A C   1 
ATOM   719  O O   . ASP A 1 101 ? 2.037   4.816   14.152  1.00 5.97  ? 98  ASP A O   1 
ATOM   720  C CB  . ASP A 1 101 ? 4.865   4.434   14.650  1.00 5.07  ? 98  ASP A CB  1 
ATOM   721  C CG  . ASP A 1 101 ? 5.446   5.042   13.385  1.00 7.44  ? 98  ASP A CG  1 
ATOM   722  O OD1 . ASP A 1 101 ? 5.911   6.198   13.449  1.00 9.50  ? 98  ASP A OD1 1 
ATOM   723  O OD2 . ASP A 1 101 ? 5.452   4.369   12.333  1.00 11.54 ? 98  ASP A OD2 1 
ATOM   724  N N   . GLU A 1 102 ? 2.241   3.222   12.574  1.00 5.59  ? 99  GLU A N   1 
ATOM   725  C CA  . GLU A 1 102 ? 1.072   3.618   11.789  1.00 4.90  ? 99  GLU A CA  1 
ATOM   726  C C   . GLU A 1 102 ? 1.063   5.072   11.322  1.00 5.12  ? 99  GLU A C   1 
ATOM   727  O O   . GLU A 1 102 ? -0.001  5.661   11.108  1.00 5.25  ? 99  GLU A O   1 
ATOM   728  C CB  . GLU A 1 102 ? -0.224  3.292   12.548  1.00 5.26  ? 99  GLU A CB  1 
ATOM   729  C CG  . GLU A 1 102 ? -0.399  1.792   12.790  1.00 7.85  ? 99  GLU A CG  1 
ATOM   730  C CD  . GLU A 1 102 ? -1.770  1.404   13.314  1.00 7.62  ? 99  GLU A CD  1 
ATOM   731  O OE1 . GLU A 1 102 ? -2.436  2.237   13.963  1.00 8.74  ? 99  GLU A OE1 1 
ATOM   732  O OE2 . GLU A 1 102 ? -2.173  0.241   13.087  1.00 9.80  ? 99  GLU A OE2 1 
ATOM   733  N N   . ALA A 1 103 ? 2.250   5.643   11.144  1.00 4.88  ? 100 ALA A N   1 
ATOM   734  C CA  . ALA A 1 103 ? 2.365   7.017   10.672  1.00 5.02  ? 100 ALA A CA  1 
ATOM   735  C C   . ALA A 1 103 ? 1.778   7.137   9.262   1.00 4.90  ? 100 ALA A C   1 
ATOM   736  O O   . ALA A 1 103 ? 0.996   8.044   8.983   1.00 5.09  ? 100 ALA A O   1 
ATOM   737  C CB  . ALA A 1 103 ? 3.827   7.454   10.674  1.00 6.80  ? 100 ALA A CB  1 
ATOM   738  N N   . LEU A 1 104 ? 2.146   6.217   8.375   1.00 3.77  ? 101 LEU A N   1 
ATOM   739  C CA  . LEU A 1 104 ? 1.630   6.268   7.011   1.00 4.29  ? 101 LEU A CA  1 
ATOM   740  C C   . LEU A 1 104 ? 0.140   5.930   6.994   1.00 4.90  ? 101 LEU A C   1 
ATOM   741  O O   . LEU A 1 104 ? -0.633  6.551   6.262   1.00 5.53  ? 101 LEU A O   1 
ATOM   742  C CB  . LEU A 1 104 ? 2.400   5.298   6.109   1.00 4.49  ? 101 LEU A CB  1 
ATOM   743  C CG  . LEU A 1 104 ? 2.164   5.493   4.607   1.00 3.73  ? 101 LEU A CG  1 
ATOM   744  C CD1 . LEU A 1 104 ? 2.666   6.875   4.186   1.00 6.21  ? 101 LEU A CD1 1 
ATOM   745  C CD2 . LEU A 1 104 ? 2.882   4.406   3.827   1.00 6.75  ? 101 LEU A CD2 1 
ATOM   746  N N   . CYS A 1 105 ? -0.256  4.949   7.801   1.00 4.16  ? 102 CYS A N   1 
ATOM   747  C CA  . CYS A 1 105 ? -1.656  4.544   7.885   1.00 3.87  ? 102 CYS A CA  1 
ATOM   748  C C   . CYS A 1 105 ? -2.539  5.721   8.289   1.00 5.10  ? 102 CYS A C   1 
ATOM   749  O O   . CYS A 1 105 ? -3.593  5.946   7.699   1.00 4.46  ? 102 CYS A O   1 
ATOM   750  C CB  . CYS A 1 105 ? -1.836  3.409   8.902   1.00 4.79  ? 102 CYS A CB  1 
ATOM   751  S SG  . CYS A 1 105 ? -1.280  1.773   8.347   1.00 6.41  ? 102 CYS A SG  1 
ATOM   752  N N   . ARG A 1 106 ? -2.107  6.468   9.301   1.00 5.73  ? 103 ARG A N   1 
ATOM   753  C CA  . ARG A 1 106 ? -2.883  7.616   9.756   1.00 5.48  ? 103 ARG A CA  1 
ATOM   754  C C   . ARG A 1 106 ? -2.952  8.710   8.694   1.00 4.89  ? 103 ARG A C   1 
ATOM   755  O O   . ARG A 1 106 ? -3.985  9.358   8.528   1.00 6.45  ? 103 ARG A O   1 
ATOM   756  C CB  . ARG A 1 106 ? -2.300  8.190   11.050  1.00 6.97  ? 103 ARG A CB  1 
ATOM   757  C CG  . ARG A 1 106 ? -2.553  7.328   12.287  1.00 7.67  ? 103 ARG A CG  1 
ATOM   758  C CD  . ARG A 1 106 ? -2.237  8.102   13.559  1.00 8.85  ? 103 ARG A CD  1 
ATOM   759  N NE  . ARG A 1 106 ? -0.840  8.516   13.606  1.00 8.43  ? 103 ARG A NE  1 
ATOM   760  C CZ  . ARG A 1 106 ? 0.163   7.723   13.967  1.00 7.88  ? 103 ARG A CZ  1 
ATOM   761  N NH1 . ARG A 1 106 ? 1.406   8.187   13.968  1.00 8.41  ? 103 ARG A NH1 1 
ATOM   762  N NH2 . ARG A 1 106 ? -0.079  6.473   14.351  1.00 8.05  ? 103 ARG A NH2 1 
ATOM   763  N N   . ALA A 1 107 ? -1.856  8.908   7.967   1.00 5.00  ? 104 ALA A N   1 
ATOM   764  C CA  . ALA A 1 107 ? -1.817  9.926   6.920   1.00 5.25  ? 104 ALA A CA  1 
ATOM   765  C C   . ALA A 1 107 ? -2.877  9.651   5.855   1.00 5.19  ? 104 ALA A C   1 
ATOM   766  O O   . ALA A 1 107 ? -3.518  10.577  5.344   1.00 6.95  ? 104 ALA A O   1 
ATOM   767  C CB  . ALA A 1 107 ? -0.435  9.963   6.281   1.00 5.69  ? 104 ALA A CB  1 
ATOM   768  N N   . PHE A 1 108 ? -3.056  8.377   5.517   1.00 5.59  ? 105 PHE A N   1 
ATOM   769  C CA  . PHE A 1 108 ? -4.046  7.986   4.521   1.00 5.88  ? 105 PHE A CA  1 
ATOM   770  C C   . PHE A 1 108 ? -5.394  7.676   5.164   1.00 5.82  ? 105 PHE A C   1 
ATOM   771  O O   . PHE A 1 108 ? -6.331  7.242   4.493   1.00 6.31  ? 105 PHE A O   1 
ATOM   772  C CB  . PHE A 1 108 ? -3.554  6.774   3.722   1.00 5.35  ? 105 PHE A CB  1 
ATOM   773  C CG  . PHE A 1 108 ? -2.546  7.119   2.662   1.00 6.13  ? 105 PHE A CG  1 
ATOM   774  C CD1 . PHE A 1 108 ? -1.205  7.319   2.983   1.00 5.30  ? 105 PHE A CD1 1 
ATOM   775  C CD2 . PHE A 1 108 ? -2.949  7.284   1.341   1.00 4.85  ? 105 PHE A CD2 1 
ATOM   776  C CE1 . PHE A 1 108 ? -0.285  7.678   2.003   1.00 6.50  ? 105 PHE A CE1 1 
ATOM   777  C CE2 . PHE A 1 108 ? -2.039  7.643   0.356   1.00 4.06  ? 105 PHE A CE2 1 
ATOM   778  C CZ  . PHE A 1 108 ? -0.702  7.842   0.685   1.00 5.66  ? 105 PHE A CZ  1 
ATOM   779  N N   . ASP A 1 109 ? -5.472  7.907   6.471   1.00 4.75  ? 106 ASP A N   1 
ATOM   780  C CA  . ASP A 1 109 ? -6.681  7.688   7.259   1.00 6.82  ? 106 ASP A CA  1 
ATOM   781  C C   . ASP A 1 109 ? -7.269  6.281   7.109   1.00 6.37  ? 106 ASP A C   1 
ATOM   782  O O   . ASP A 1 109 ? -8.484  6.114   6.982   1.00 7.30  ? 106 ASP A O   1 
ATOM   783  C CB  . ASP A 1 109 ? -7.723  8.754   6.890   1.00 8.74  ? 106 ASP A CB  1 
ATOM   784  C CG  . ASP A 1 109 ? -8.865  8.826   7.885   1.00 10.16 ? 106 ASP A CG  1 
ATOM   785  O OD1 . ASP A 1 109 ? -8.619  8.632   9.095   1.00 12.21 ? 106 ASP A OD1 1 
ATOM   786  O OD2 . ASP A 1 109 ? -10.007 9.096   7.455   1.00 13.78 ? 106 ASP A OD2 1 
ATOM   787  N N   . VAL A 1 110 ? -6.410  5.266   7.139   1.00 4.72  ? 107 VAL A N   1 
ATOM   788  C CA  . VAL A 1 110 ? -6.884  3.893   7.006   1.00 5.39  ? 107 VAL A CA  1 
ATOM   789  C C   . VAL A 1 110 ? -7.104  3.208   8.351   1.00 5.93  ? 107 VAL A C   1 
ATOM   790  O O   . VAL A 1 110 ? -7.518  2.051   8.400   1.00 6.42  ? 107 VAL A O   1 
ATOM   791  C CB  . VAL A 1 110 ? -5.928  3.029   6.148   1.00 6.28  ? 107 VAL A CB  1 
ATOM   792  C CG1 . VAL A 1 110 ? -5.759  3.657   4.775   1.00 7.17  ? 107 VAL A CG1 1 
ATOM   793  C CG2 . VAL A 1 110 ? -4.587  2.874   6.841   1.00 7.05  ? 107 VAL A CG2 1 
ATOM   794  N N   . ILE A 1 111 ? -6.815  3.907   9.445   1.00 4.71  ? 108 ILE A N   1 
ATOM   795  C CA  . ILE A 1 111 ? -7.046  3.330   10.768  1.00 5.99  ? 108 ILE A CA  1 
ATOM   796  C C   . ILE A 1 111 ? -8.483  3.702   11.111  1.00 7.35  ? 108 ILE A C   1 
ATOM   797  O O   . ILE A 1 111 ? -8.781  4.860   11.422  1.00 7.60  ? 108 ILE A O   1 
ATOM   798  C CB  . ILE A 1 111 ? -6.091  3.908   11.839  1.00 6.62  ? 108 ILE A CB  1 
ATOM   799  C CG1 . ILE A 1 111 ? -4.635  3.621   11.457  1.00 5.78  ? 108 ILE A CG1 1 
ATOM   800  C CG2 . ILE A 1 111 ? -6.407  3.295   13.201  1.00 7.75  ? 108 ILE A CG2 1 
ATOM   801  C CD1 . ILE A 1 111 ? -4.350  2.164   11.159  1.00 5.92  ? 108 ILE A CD1 1 
ATOM   802  N N   . LYS A 1 112 ? -9.370  2.717   11.035  1.00 7.58  ? 109 LYS A N   1 
ATOM   803  C CA  . LYS A 1 112 ? -10.782 2.941   11.296  1.00 8.87  ? 109 LYS A CA  1 
ATOM   804  C C   . LYS A 1 112 ? -11.219 2.433   12.660  1.00 10.72 ? 109 LYS A C   1 
ATOM   805  O O   . LYS A 1 112 ? -10.665 1.469   13.188  1.00 9.81  ? 109 LYS A O   1 
ATOM   806  C CB  . LYS A 1 112 ? -11.619 2.278   10.199  1.00 8.71  ? 109 LYS A CB  1 
ATOM   807  C CG  . LYS A 1 112 ? -11.301 2.770   8.790   1.00 9.71  ? 109 LYS A CG  1 
ATOM   808  C CD  . LYS A 1 112 ? -11.448 4.284   8.676   1.00 10.19 ? 109 LYS A CD  1 
ATOM   809  C CE  . LYS A 1 112 ? -11.300 4.748   7.234   1.00 8.14  ? 109 LYS A CE  1 
ATOM   810  N NZ  . LYS A 1 112 ? -11.312 6.236   7.126   1.00 11.15 ? 109 LYS A NZ  1 
ATOM   811  N N   . GLU A 1 113 ? -12.222 3.095   13.220  1.00 13.18 ? 110 GLU A N   1 
ATOM   812  C CA  . GLU A 1 113 ? -12.744 2.741   14.530  1.00 16.82 ? 110 GLU A CA  1 
ATOM   813  C C   . GLU A 1 113 ? -14.117 2.103   14.388  1.00 17.43 ? 110 GLU A C   1 
ATOM   814  O O   . GLU A 1 113 ? -14.942 2.552   13.595  1.00 18.50 ? 110 GLU A O   1 
ATOM   815  C CB  . GLU A 1 113 ? -12.833 3.995   15.399  1.00 18.69 ? 110 GLU A CB  1 
ATOM   816  C CG  . GLU A 1 113 ? -13.239 3.745   16.838  1.00 23.78 ? 110 GLU A CG  1 
ATOM   817  C CD  . GLU A 1 113 ? -13.231 5.017   17.661  1.00 25.85 ? 110 GLU A CD  1 
ATOM   818  O OE1 . GLU A 1 113 ? -13.976 5.956   17.309  1.00 29.08 ? 110 GLU A OE1 1 
ATOM   819  O OE2 . GLU A 1 113 ? -12.480 5.082   18.657  1.00 28.92 ? 110 GLU A OE2 1 
ATOM   820  N N   . LYS A 1 114 ? -14.355 1.048   15.157  1.00 18.29 ? 111 LYS A N   1 
ATOM   821  C CA  . LYS A 1 114 ? -15.635 0.357   15.111  1.00 18.70 ? 111 LYS A CA  1 
ATOM   822  C C   . LYS A 1 114 ? -16.085 -0.046  16.505  1.00 18.69 ? 111 LYS A C   1 
ATOM   823  O O   . LYS A 1 114 ? -15.274 -0.467  17.330  1.00 19.26 ? 111 LYS A O   1 
ATOM   824  C CB  . LYS A 1 114 ? -15.533 -0.893  14.234  1.00 20.29 ? 111 LYS A CB  1 
ATOM   825  C CG  . LYS A 1 114 ? -15.203 -0.609  12.780  1.00 23.10 ? 111 LYS A CG  1 
ATOM   826  C CD  . LYS A 1 114 ? -15.163 -1.891  11.968  1.00 26.00 ? 111 LYS A CD  1 
ATOM   827  C CE  . LYS A 1 114 ? -14.868 -1.605  10.504  1.00 26.95 ? 111 LYS A CE  1 
ATOM   828  N NZ  . LYS A 1 114 ? -14.867 -2.848  9.684   1.00 28.63 ? 111 LYS A NZ  1 
ATOM   829  N N   . ASN A 1 115 ? -17.379 0.102   16.768  1.00 17.78 ? 112 ASN A N   1 
ATOM   830  C CA  . ASN A 1 115 ? -17.939 -0.283  18.056  1.00 17.98 ? 112 ASN A CA  1 
ATOM   831  C C   . ASN A 1 115 ? -18.088 -1.796  18.002  1.00 16.98 ? 112 ASN A C   1 
ATOM   832  O O   . ASN A 1 115 ? -18.962 -2.326  17.314  1.00 16.54 ? 112 ASN A O   1 
ATOM   833  C CB  . ASN A 1 115 ? -19.294 0.394   18.272  1.00 19.96 ? 112 ASN A CB  1 
ATOM   834  C CG  . ASN A 1 115 ? -19.170 1.897   18.444  1.00 22.13 ? 112 ASN A CG  1 
ATOM   835  O OD1 . ASN A 1 115 ? -20.167 2.606   18.577  1.00 26.05 ? 112 ASN A OD1 1 
ATOM   836  N ND2 . ASN A 1 115 ? -17.938 2.391   18.446  1.00 23.79 ? 112 ASN A ND2 1 
ATOM   837  N N   . MET A 1 116 ? -17.217 -2.486  18.728  1.00 15.62 ? 113 MET A N   1 
ATOM   838  C CA  . MET A 1 116 ? -17.211 -3.940  18.731  1.00 15.67 ? 113 MET A CA  1 
ATOM   839  C C   . MET A 1 116 ? -16.737 -4.421  20.101  1.00 13.45 ? 113 MET A C   1 
ATOM   840  O O   . MET A 1 116 ? -15.927 -3.758  20.745  1.00 13.34 ? 113 MET A O   1 
ATOM   841  C CB  . MET A 1 116 ? -16.265 -4.410  17.621  1.00 18.96 ? 113 MET A CB  1 
ATOM   842  C CG  . MET A 1 116 ? -16.343 -5.868  17.234  1.00 21.59 ? 113 MET A CG  1 
ATOM   843  S SD  . MET A 1 116 ? -15.486 -6.122  15.654  1.00 24.98 ? 113 MET A SD  1 
ATOM   844  C CE  . MET A 1 116 ? -13.853 -5.507  16.058  1.00 23.14 ? 113 MET A CE  1 
ATOM   845  N N   . TYR A 1 117 ? -17.256 -5.561  20.546  1.00 12.24 ? 114 TYR A N   1 
ATOM   846  C CA  . TYR A 1 117 ? -16.889 -6.124  21.842  1.00 11.50 ? 114 TYR A CA  1 
ATOM   847  C C   . TYR A 1 117 ? -17.151 -5.154  22.991  1.00 11.73 ? 114 TYR A C   1 
ATOM   848  O O   . TYR A 1 117 ? -16.439 -5.153  23.998  1.00 10.78 ? 114 TYR A O   1 
ATOM   849  C CB  . TYR A 1 117 ? -15.415 -6.556  21.840  1.00 11.02 ? 114 TYR A CB  1 
ATOM   850  C CG  . TYR A 1 117 ? -15.110 -7.608  20.799  1.00 9.38  ? 114 TYR A CG  1 
ATOM   851  C CD1 . TYR A 1 117 ? -14.435 -7.280  19.624  1.00 10.48 ? 114 TYR A CD1 1 
ATOM   852  C CD2 . TYR A 1 117 ? -15.548 -8.921  20.964  1.00 8.06  ? 114 TYR A CD2 1 
ATOM   853  C CE1 . TYR A 1 117 ? -14.207 -8.235  18.636  1.00 10.26 ? 114 TYR A CE1 1 
ATOM   854  C CE2 . TYR A 1 117 ? -15.326 -9.885  19.980  1.00 9.18  ? 114 TYR A CE2 1 
ATOM   855  C CZ  . TYR A 1 117 ? -14.655 -9.532  18.818  1.00 9.32  ? 114 TYR A CZ  1 
ATOM   856  O OH  . TYR A 1 117 ? -14.450 -10.469 17.830  1.00 11.88 ? 114 TYR A OH  1 
ATOM   857  N N   . GLY A 1 118 ? -18.178 -4.325  22.831  1.00 11.99 ? 115 GLY A N   1 
ATOM   858  C CA  . GLY A 1 118 ? -18.534 -3.374  23.869  1.00 12.41 ? 115 GLY A CA  1 
ATOM   859  C C   . GLY A 1 118 ? -17.593 -2.200  24.044  1.00 14.11 ? 115 GLY A C   1 
ATOM   860  O O   . GLY A 1 118 ? -17.614 -1.537  25.080  1.00 14.16 ? 115 GLY A O   1 
ATOM   861  N N   . LYS A 1 119 ? -16.762 -1.935  23.042  1.00 14.41 ? 116 LYS A N   1 
ATOM   862  C CA  . LYS A 1 119 ? -15.831 -0.817  23.118  1.00 15.52 ? 116 LYS A CA  1 
ATOM   863  C C   . LYS A 1 119 ? -15.424 -0.332  21.735  1.00 14.85 ? 116 LYS A C   1 
ATOM   864  O O   . LYS A 1 119 ? -15.938 -0.809  20.723  1.00 16.28 ? 116 LYS A O   1 
ATOM   865  C CB  . LYS A 1 119 ? -14.591 -1.214  23.923  1.00 18.34 ? 116 LYS A CB  1 
ATOM   866  C CG  . LYS A 1 119 ? -13.919 -2.493  23.458  1.00 19.72 ? 116 LYS A CG  1 
ATOM   867  C CD  . LYS A 1 119 ? -12.816 -2.909  24.423  1.00 23.67 ? 116 LYS A CD  1 
ATOM   868  C CE  . LYS A 1 119 ? -12.240 -4.268  24.060  1.00 24.14 ? 116 LYS A CE  1 
ATOM   869  N NZ  . LYS A 1 119 ? -11.129 -4.671  24.976  1.00 27.96 ? 116 LYS A NZ  1 
ATOM   870  N N   . GLN A 1 120 ? -14.509 0.633   21.709  1.00 14.48 ? 117 GLN A N   1 
ATOM   871  C CA  . GLN A 1 120 ? -14.011 1.205   20.465  1.00 15.63 ? 117 GLN A CA  1 
ATOM   872  C C   . GLN A 1 120 ? -12.771 0.429   20.038  1.00 14.29 ? 117 GLN A C   1 
ATOM   873  O O   . GLN A 1 120 ? -11.765 0.425   20.745  1.00 15.91 ? 117 GLN A O   1 
ATOM   874  C CB  . GLN A 1 120 ? -13.645 2.678   20.675  1.00 17.05 ? 117 GLN A CB  1 
ATOM   875  C CG  . GLN A 1 120 ? -14.800 3.554   21.138  1.00 22.56 ? 117 GLN A CG  1 
ATOM   876  C CD  . GLN A 1 120 ? -15.823 3.806   20.048  1.00 25.46 ? 117 GLN A CD  1 
ATOM   877  O OE1 . GLN A 1 120 ? -16.856 4.435   20.285  1.00 27.15 ? 117 GLN A OE1 1 
ATOM   878  N NE2 . GLN A 1 120 ? -15.538 3.324   18.843  1.00 27.18 ? 117 GLN A NE2 1 
ATOM   879  N N   . VAL A 1 121 ? -12.847 -0.227  18.885  1.00 11.56 ? 118 VAL A N   1 
ATOM   880  C CA  . VAL A 1 121 ? -11.723 -1.010  18.383  1.00 10.22 ? 118 VAL A CA  1 
ATOM   881  C C   . VAL A 1 121 ? -11.168 -0.399  17.103  1.00 10.39 ? 118 VAL A C   1 
ATOM   882  O O   . VAL A 1 121 ? -11.907 -0.173  16.144  1.00 11.37 ? 118 VAL A O   1 
ATOM   883  C CB  . VAL A 1 121 ? -12.141 -2.464  18.085  1.00 10.94 ? 118 VAL A CB  1 
ATOM   884  C CG1 . VAL A 1 121 ? -10.941 -3.255  17.592  1.00 10.51 ? 118 VAL A CG1 1 
ATOM   885  C CG2 . VAL A 1 121 ? -12.732 -3.101  19.336  1.00 11.42 ? 118 VAL A CG2 1 
ATOM   886  N N   . LEU A 1 122 ? -9.867  -0.133  17.097  1.00 9.94  ? 119 LEU A N   1 
ATOM   887  C CA  . LEU A 1 122 ? -9.211  0.446   15.931  1.00 9.69  ? 119 LEU A CA  1 
ATOM   888  C C   . LEU A 1 122 ? -8.438  -0.606  15.157  1.00 9.68  ? 119 LEU A C   1 
ATOM   889  O O   . LEU A 1 122 ? -7.911  -1.560  15.731  1.00 11.43 ? 119 LEU A O   1 
ATOM   890  C CB  . LEU A 1 122 ? -8.260  1.568   16.354  1.00 9.98  ? 119 LEU A CB  1 
ATOM   891  C CG  . LEU A 1 122 ? -8.896  2.882   16.811  1.00 12.04 ? 119 LEU A CG  1 
ATOM   892  C CD1 . LEU A 1 122 ? -9.736  2.664   18.059  1.00 15.71 ? 119 LEU A CD1 1 
ATOM   893  C CD2 . LEU A 1 122 ? -7.799  3.894   17.083  1.00 12.92 ? 119 LEU A CD2 1 
ATOM   894  N N   . GLY A 1 123 ? -8.371  -0.431  13.842  1.00 8.96  ? 120 GLY A N   1 
ATOM   895  C CA  . GLY A 1 123 ? -7.651  -1.377  13.018  1.00 8.82  ? 120 GLY A CA  1 
ATOM   896  C C   . GLY A 1 123 ? -7.443  -0.882  11.602  1.00 7.59  ? 120 GLY A C   1 
ATOM   897  O O   . GLY A 1 123 ? -8.126  0.035   11.144  1.00 8.21  ? 120 GLY A O   1 
ATOM   898  N N   . ILE A 1 124 ? -6.488  -1.490  10.913  1.00 8.09  ? 121 ILE A N   1 
ATOM   899  C CA  . ILE A 1 124 ? -6.190  -1.130  9.535   1.00 7.53  ? 121 ILE A CA  1 
ATOM   900  C C   . ILE A 1 124 ? -7.294  -1.647  8.629   1.00 6.90  ? 121 ILE A C   1 
ATOM   901  O O   . ILE A 1 124 ? -7.610  -2.835  8.643   1.00 8.65  ? 121 ILE A O   1 
ATOM   902  C CB  . ILE A 1 124 ? -4.862  -1.759  9.060   1.00 7.94  ? 121 ILE A CB  1 
ATOM   903  C CG1 . ILE A 1 124 ? -3.691  -1.163  9.840   1.00 9.12  ? 121 ILE A CG1 1 
ATOM   904  C CG2 . ILE A 1 124 ? -4.678  -1.526  7.561   1.00 8.05  ? 121 ILE A CG2 1 
ATOM   905  C CD1 . ILE A 1 124 ? -2.362  -1.842  9.562   1.00 10.80 ? 121 ILE A CD1 1 
ATOM   906  N N   . GLU A 1 125 ? -7.890  -0.748  7.856   1.00 5.40  ? 122 GLU A N   1 
ATOM   907  C CA  . GLU A 1 125 ? -8.927  -1.125  6.913   1.00 5.81  ? 122 GLU A CA  1 
ATOM   908  C C   . GLU A 1 125 ? -8.226  -1.311  5.568   1.00 5.93  ? 122 GLU A C   1 
ATOM   909  O O   . GLU A 1 125 ? -7.526  -0.411  5.105   1.00 6.98  ? 122 GLU A O   1 
ATOM   910  C CB  . GLU A 1 125 ? -9.985  -0.022  6.815   1.00 7.39  ? 122 GLU A CB  1 
ATOM   911  C CG  . GLU A 1 125 ? -10.973 -0.214  5.675   1.00 8.82  ? 122 GLU A CG  1 
ATOM   912  C CD  . GLU A 1 125 ? -12.119 0.777   5.724   1.00 11.12 ? 122 GLU A CD  1 
ATOM   913  O OE1 . GLU A 1 125 ? -13.017 0.612   6.578   1.00 12.94 ? 122 GLU A OE1 1 
ATOM   914  O OE2 . GLU A 1 125 ? -12.115 1.726   4.913   1.00 11.81 ? 122 GLU A OE2 1 
ATOM   915  N N   . ARG A 1 126 ? -8.395  -2.482  4.957   1.00 5.36  ? 123 ARG A N   1 
ATOM   916  C CA  . ARG A 1 126 ? -7.761  -2.766  3.675   1.00 5.41  ? 123 ARG A CA  1 
ATOM   917  C C   . ARG A 1 126 ? -8.128  -1.647  2.706   1.00 4.77  ? 123 ARG A C   1 
ATOM   918  O O   . ARG A 1 126 ? -9.305  -1.428  2.412   1.00 5.08  ? 123 ARG A O   1 
ATOM   919  C CB  . ARG A 1 126 ? -8.235  -4.121  3.140   1.00 4.45  ? 123 ARG A CB  1 
ATOM   920  C CG  . ARG A 1 126 ? -7.340  -4.713  2.058   1.00 5.72  ? 123 ARG A CG  1 
ATOM   921  C CD  . ARG A 1 126 ? -7.915  -6.022  1.514   1.00 6.29  ? 123 ARG A CD  1 
ATOM   922  N NE  . ARG A 1 126 ? -8.040  -7.063  2.536   1.00 7.24  ? 123 ARG A NE  1 
ATOM   923  C CZ  . ARG A 1 126 ? -7.037  -7.814  2.982   1.00 6.94  ? 123 ARG A CZ  1 
ATOM   924  N NH1 . ARG A 1 126 ? -5.810  -7.660  2.497   1.00 6.85  ? 123 ARG A NH1 1 
ATOM   925  N NH2 . ARG A 1 126 ? -7.257  -8.724  3.921   1.00 9.68  ? 123 ARG A NH2 1 
ATOM   926  N N   . SER A 1 127 ? -7.109  -0.940  2.222   1.00 4.42  ? 124 SER A N   1 
ATOM   927  C CA  . SER A 1 127 ? -7.302  0.200   1.329   1.00 4.61  ? 124 SER A CA  1 
ATOM   928  C C   . SER A 1 127 ? -6.139  0.321   0.358   1.00 3.68  ? 124 SER A C   1 
ATOM   929  O O   . SER A 1 127 ? -5.029  -0.107  0.659   1.00 5.31  ? 124 SER A O   1 
ATOM   930  C CB  . SER A 1 127 ? -7.370  1.492   2.146   1.00 6.91  ? 124 SER A CB  1 
ATOM   931  O OG  . SER A 1 127 ? -8.297  1.388   3.208   1.00 6.76  ? 124 SER A OG  1 
ATOM   932  N N   . THR A 1 128 ? -6.394  0.926   -0.796  1.00 4.33  ? 125 THR A N   1 
ATOM   933  C CA  . THR A 1 128 ? -5.351  1.108   -1.795  1.00 4.27  ? 125 THR A CA  1 
ATOM   934  C C   . THR A 1 128 ? -5.446  2.501   -2.394  1.00 4.52  ? 125 THR A C   1 
ATOM   935  O O   . THR A 1 128 ? -6.539  3.071   -2.507  1.00 4.09  ? 125 THR A O   1 
ATOM   936  C CB  . THR A 1 128 ? -5.471  0.048   -2.908  1.00 5.13  ? 125 THR A CB  1 
ATOM   937  O OG1 . THR A 1 128 ? -5.348  -1.254  -2.321  1.00 5.40  ? 125 THR A OG1 1 
ATOM   938  C CG2 . THR A 1 128 ? -4.378  0.226   -3.954  1.00 6.31  ? 125 THR A CG2 1 
ATOM   939  N N   . PHE A 1 129 ? -4.297  3.051   -2.768  1.00 4.50  ? 126 PHE A N   1 
ATOM   940  C CA  . PHE A 1 129 ? -4.241  4.386   -3.348  1.00 3.72  ? 126 PHE A CA  1 
ATOM   941  C C   . PHE A 1 129 ? -3.277  4.483   -4.522  1.00 4.05  ? 126 PHE A C   1 
ATOM   942  O O   . PHE A 1 129 ? -2.276  3.768   -4.588  1.00 4.73  ? 126 PHE A O   1 
ATOM   943  C CB  . PHE A 1 129 ? -3.817  5.406   -2.287  1.00 4.61  ? 126 PHE A CB  1 
ATOM   944  C CG  . PHE A 1 129 ? -4.664  5.382   -1.053  1.00 4.45  ? 126 PHE A CG  1 
ATOM   945  C CD1 . PHE A 1 129 ? -4.408  4.467   -0.035  1.00 4.25  ? 126 PHE A CD1 1 
ATOM   946  C CD2 . PHE A 1 129 ? -5.741  6.252   -0.919  1.00 5.01  ? 126 PHE A CD2 1 
ATOM   947  C CE1 . PHE A 1 129 ? -5.211  4.418   1.099   1.00 4.80  ? 126 PHE A CE1 1 
ATOM   948  C CE2 . PHE A 1 129 ? -6.555  6.213   0.211   1.00 5.51  ? 126 PHE A CE2 1 
ATOM   949  C CZ  . PHE A 1 129 ? -6.290  5.294   1.224   1.00 5.44  ? 126 PHE A CZ  1 
ATOM   950  N N   . LEU A 1 130 ? -3.593  5.377   -5.448  1.00 5.47  ? 127 LEU A N   1 
ATOM   951  C CA  . LEU A 1 130 ? -2.749  5.610   -6.608  1.00 5.66  ? 127 LEU A CA  1 
ATOM   952  C C   . LEU A 1 130 ? -2.161  7.013   -6.473  1.00 6.27  ? 127 LEU A C   1 
ATOM   953  O O   . LEU A 1 130 ? -2.900  7.998   -6.398  1.00 5.93  ? 127 LEU A O   1 
ATOM   954  C CB  . LEU A 1 130 ? -3.574  5.499   -7.896  1.00 7.88  ? 127 LEU A CB  1 
ATOM   955  C CG  . LEU A 1 130 ? -2.826  5.613   -9.225  1.00 10.52 ? 127 LEU A CG  1 
ATOM   956  C CD1 . LEU A 1 130 ? -1.730  4.557   -9.302  1.00 11.74 ? 127 LEU A CD1 1 
ATOM   957  C CD2 . LEU A 1 130 ? -3.815  5.436   -10.372 1.00 11.79 ? 127 LEU A CD2 1 
ATOM   958  N N   . LEU A 1 131 ? -0.833  7.088   -6.412  1.00 5.44  ? 128 LEU A N   1 
ATOM   959  C CA  . LEU A 1 131 ? -0.122  8.359   -6.293  1.00 6.47  ? 128 LEU A CA  1 
ATOM   960  C C   . LEU A 1 131 ? 0.474   8.692   -7.658  1.00 5.86  ? 128 LEU A C   1 
ATOM   961  O O   . LEU A 1 131 ? 1.180   7.875   -8.249  1.00 6.91  ? 128 LEU A O   1 
ATOM   962  C CB  . LEU A 1 131 ? 1.000   8.246   -5.253  1.00 9.36  ? 128 LEU A CB  1 
ATOM   963  C CG  . LEU A 1 131 ? 1.745   9.529   -4.864  1.00 11.81 ? 128 LEU A CG  1 
ATOM   964  C CD1 . LEU A 1 131 ? 0.818   10.426  -4.053  1.00 14.02 ? 128 LEU A CD1 1 
ATOM   965  C CD2 . LEU A 1 131 ? 2.987   9.186   -4.050  1.00 13.24 ? 128 LEU A CD2 1 
ATOM   966  N N   . SER A 1 132 ? 0.195   9.891   -8.156  1.00 6.35  ? 129 SER A N   1 
ATOM   967  C CA  . SER A 1 132 ? 0.703   10.307  -9.460  1.00 5.95  ? 129 SER A CA  1 
ATOM   968  C C   . SER A 1 132 ? 2.186   10.649  -9.393  1.00 7.06  ? 129 SER A C   1 
ATOM   969  O O   . SER A 1 132 ? 2.757   10.768  -8.312  1.00 6.79  ? 129 SER A O   1 
ATOM   970  C CB  . SER A 1 132 ? -0.066  11.532  -9.957  1.00 7.94  ? 129 SER A CB  1 
ATOM   971  O OG  . SER A 1 132 ? 0.320   12.687  -9.233  1.00 7.06  ? 129 SER A OG  1 
ATOM   972  N N   . PRO A 1 133 ? 2.833   10.799  -10.558 1.00 7.14  ? 130 PRO A N   1 
ATOM   973  C CA  . PRO A 1 133 ? 4.259   11.135  -10.601 1.00 7.74  ? 130 PRO A CA  1 
ATOM   974  C C   . PRO A 1 133 ? 4.529   12.467  -9.898  1.00 8.07  ? 130 PRO A C   1 
ATOM   975  O O   . PRO A 1 133 ? 5.651   12.732  -9.461  1.00 9.13  ? 130 PRO A O   1 
ATOM   976  C CB  . PRO A 1 133 ? 4.548   11.208  -12.096 1.00 8.04  ? 130 PRO A CB  1 
ATOM   977  C CG  . PRO A 1 133 ? 3.603   10.194  -12.664 1.00 8.70  ? 130 PRO A CG  1 
ATOM   978  C CD  . PRO A 1 133 ? 2.329   10.481  -11.907 1.00 7.77  ? 130 PRO A CD  1 
ATOM   979  N N   . GLU A 1 134 ? 3.491   13.295  -9.795  1.00 9.09  ? 131 GLU A N   1 
ATOM   980  C CA  . GLU A 1 134 ? 3.595   14.602  -9.151  1.00 11.50 ? 131 GLU A CA  1 
ATOM   981  C C   . GLU A 1 134 ? 3.275   14.544  -7.657  1.00 11.15 ? 131 GLU A C   1 
ATOM   982  O O   . GLU A 1 134 ? 3.230   15.573  -6.985  1.00 13.03 ? 131 GLU A O   1 
ATOM   983  C CB  . GLU A 1 134 ? 2.661   15.608  -9.831  1.00 14.22 ? 131 GLU A CB  1 
ATOM   984  C CG  . GLU A 1 134 ? 3.001   15.920  -11.284 1.00 17.89 ? 131 GLU A CG  1 
ATOM   985  C CD  . GLU A 1 134 ? 2.836   14.726  -12.204 1.00 19.85 ? 131 GLU A CD  1 
ATOM   986  O OE1 . GLU A 1 134 ? 1.753   14.101  -12.184 1.00 21.12 ? 131 GLU A OE1 1 
ATOM   987  O OE2 . GLU A 1 134 ? 3.789   14.416  -12.952 1.00 22.90 ? 131 GLU A OE2 1 
ATOM   988  N N   . GLY A 1 135 ? 3.032   13.344  -7.142  1.00 9.11  ? 132 GLY A N   1 
ATOM   989  C CA  . GLY A 1 135 ? 2.749   13.196  -5.726  1.00 9.82  ? 132 GLY A CA  1 
ATOM   990  C C   . GLY A 1 135 ? 1.324   13.457  -5.275  1.00 10.03 ? 132 GLY A C   1 
ATOM   991  O O   . GLY A 1 135 ? 1.092   13.758  -4.104  1.00 12.09 ? 132 GLY A O   1 
ATOM   992  N N   . GLN A 1 136 ? 0.366   13.343  -6.187  1.00 9.00  ? 133 GLN A N   1 
ATOM   993  C CA  . GLN A 1 136 ? -1.030  13.554  -5.824  1.00 7.80  ? 133 GLN A CA  1 
ATOM   994  C C   . GLN A 1 136 ? -1.768  12.224  -5.739  1.00 6.33  ? 133 GLN A C   1 
ATOM   995  O O   . GLN A 1 136 ? -1.579  11.349  -6.580  1.00 5.96  ? 133 GLN A O   1 
ATOM   996  C CB  . GLN A 1 136 ? -1.737  14.444  -6.853  1.00 10.76 ? 133 GLN A CB  1 
ATOM   997  C CG  . GLN A 1 136 ? -1.116  15.817  -7.040  1.00 14.49 ? 133 GLN A CG  1 
ATOM   998  C CD  . GLN A 1 136 ? -2.058  16.789  -7.730  1.00 19.03 ? 133 GLN A CD  1 
ATOM   999  O OE1 . GLN A 1 136 ? -2.974  17.328  -7.109  1.00 21.54 ? 133 GLN A OE1 1 
ATOM   1000 N NE2 . GLN A 1 136 ? -1.843  17.008  -9.022  1.00 21.60 ? 133 GLN A NE2 1 
ATOM   1001 N N   . VAL A 1 137 ? -2.605  12.075  -4.718  1.00 6.33  ? 134 VAL A N   1 
ATOM   1002 C CA  . VAL A 1 137 ? -3.396  10.859  -4.556  1.00 5.43  ? 134 VAL A CA  1 
ATOM   1003 C C   . VAL A 1 137 ? -4.595  11.057  -5.480  1.00 6.86  ? 134 VAL A C   1 
ATOM   1004 O O   . VAL A 1 137 ? -5.520  11.805  -5.152  1.00 6.37  ? 134 VAL A O   1 
ATOM   1005 C CB  . VAL A 1 137 ? -3.877  10.692  -3.096  1.00 5.61  ? 134 VAL A CB  1 
ATOM   1006 C CG1 . VAL A 1 137 ? -4.677  9.406   -2.956  1.00 6.65  ? 134 VAL A CG1 1 
ATOM   1007 C CG2 . VAL A 1 137 ? -2.680  10.677  -2.150  1.00 6.99  ? 134 VAL A CG2 1 
ATOM   1008 N N   . VAL A 1 138 ? -4.572  10.393  -6.635  1.00 6.93  ? 135 VAL A N   1 
ATOM   1009 C CA  . VAL A 1 138 ? -5.634  10.547  -7.631  1.00 8.13  ? 135 VAL A CA  1 
ATOM   1010 C C   . VAL A 1 138 ? -6.775  9.539   -7.595  1.00 7.61  ? 135 VAL A C   1 
ATOM   1011 O O   . VAL A 1 138 ? -7.797  9.735   -8.255  1.00 8.11  ? 135 VAL A O   1 
ATOM   1012 C CB  . VAL A 1 138 ? -5.049  10.578  -9.058  1.00 7.47  ? 135 VAL A CB  1 
ATOM   1013 C CG1 . VAL A 1 138 ? -4.065  11.734  -9.182  1.00 10.67 ? 135 VAL A CG1 1 
ATOM   1014 C CG2 . VAL A 1 138 ? -4.366  9.259   -9.379  1.00 11.27 ? 135 VAL A CG2 1 
ATOM   1015 N N   . GLN A 1 139 ? -6.600  8.450   -6.855  1.00 6.20  ? 136 GLN A N   1 
ATOM   1016 C CA  . GLN A 1 139 ? -7.668  7.468   -6.726  1.00 5.45  ? 136 GLN A CA  1 
ATOM   1017 C C   . GLN A 1 139 ? -7.490  6.679   -5.446  1.00 6.40  ? 136 GLN A C   1 
ATOM   1018 O O   . GLN A 1 139 ? -6.368  6.433   -5.004  1.00 5.44  ? 136 GLN A O   1 
ATOM   1019 C CB  . GLN A 1 139 ? -7.735  6.519   -7.932  1.00 6.47  ? 136 GLN A CB  1 
ATOM   1020 C CG  . GLN A 1 139 ? -9.018  5.682   -7.920  1.00 7.41  ? 136 GLN A CG  1 
ATOM   1021 C CD  . GLN A 1 139 ? -9.379  5.068   -9.265  1.00 8.66  ? 136 GLN A CD  1 
ATOM   1022 O OE1 . GLN A 1 139 ? -8.881  5.479   -10.310 1.00 10.15 ? 136 GLN A OE1 1 
ATOM   1023 N NE2 . GLN A 1 139 ? -10.272 4.085   -9.238  1.00 10.19 ? 136 GLN A NE2 1 
ATOM   1024 N N   . ALA A 1 140 ? -8.612  6.302   -4.849  1.00 5.61  ? 137 ALA A N   1 
ATOM   1025 C CA  . ALA A 1 140 ? -8.609  5.555   -3.606  1.00 4.66  ? 137 ALA A CA  1 
ATOM   1026 C C   . ALA A 1 140 ? -9.655  4.454   -3.616  1.00 5.42  ? 137 ALA A C   1 
ATOM   1027 O O   . ALA A 1 140 ? -10.720 4.594   -4.223  1.00 7.18  ? 137 ALA A O   1 
ATOM   1028 C CB  . ALA A 1 140 ? -8.865  6.500   -2.433  1.00 6.36  ? 137 ALA A CB  1 
ATOM   1029 N N   . TRP A 1 141 ? -9.324  3.359   -2.941  1.00 5.81  ? 138 TRP A N   1 
ATOM   1030 C CA  . TRP A 1 141 ? -10.201 2.206   -2.794  1.00 5.81  ? 138 TRP A CA  1 
ATOM   1031 C C   . TRP A 1 141 ? -10.182 1.893   -1.301  1.00 6.39  ? 138 TRP A C   1 
ATOM   1032 O O   . TRP A 1 141 ? -9.124  1.605   -0.744  1.00 7.21  ? 138 TRP A O   1 
ATOM   1033 C CB  . TRP A 1 141 ? -9.650  0.988   -3.543  1.00 7.35  ? 138 TRP A CB  1 
ATOM   1034 C CG  . TRP A 1 141 ? -9.669  1.061   -5.042  1.00 7.19  ? 138 TRP A CG  1 
ATOM   1035 C CD1 . TRP A 1 141 ? -10.633 0.566   -5.878  1.00 7.75  ? 138 TRP A CD1 1 
ATOM   1036 C CD2 . TRP A 1 141 ? -8.646  1.600   -5.887  1.00 7.26  ? 138 TRP A CD2 1 
ATOM   1037 N NE1 . TRP A 1 141 ? -10.268 0.756   -7.188  1.00 7.95  ? 138 TRP A NE1 1 
ATOM   1038 C CE2 . TRP A 1 141 ? -9.053  1.389   -7.224  1.00 7.59  ? 138 TRP A CE2 1 
ATOM   1039 C CE3 . TRP A 1 141 ? -7.422  2.238   -5.645  1.00 7.46  ? 138 TRP A CE3 1 
ATOM   1040 C CZ2 . TRP A 1 141 ? -8.278  1.793   -8.317  1.00 7.84  ? 138 TRP A CZ2 1 
ATOM   1041 C CZ3 . TRP A 1 141 ? -6.650  2.641   -6.731  1.00 6.94  ? 138 TRP A CZ3 1 
ATOM   1042 C CH2 . TRP A 1 141 ? -7.082  2.417   -8.051  1.00 8.37  ? 138 TRP A CH2 1 
ATOM   1043 N N   . ARG A 1 142 ? -11.336 1.961   -0.649  1.00 7.34  ? 139 ARG A N   1 
ATOM   1044 C CA  . ARG A 1 142 ? -11.409 1.659   0.778   1.00 7.20  ? 139 ARG A CA  1 
ATOM   1045 C C   . ARG A 1 142 ? -12.337 0.465   0.997   1.00 8.51  ? 139 ARG A C   1 
ATOM   1046 O O   . ARG A 1 142 ? -13.184 0.171   0.151   1.00 9.80  ? 139 ARG A O   1 
ATOM   1047 C CB  . ARG A 1 142 ? -11.879 2.893   1.559   1.00 6.70  ? 139 ARG A CB  1 
ATOM   1048 C CG  . ARG A 1 142 ? -10.875 4.054   1.500   1.00 7.59  ? 139 ARG A CG  1 
ATOM   1049 C CD  . ARG A 1 142 ? -11.367 5.287   2.244   1.00 8.49  ? 139 ARG A CD  1 
ATOM   1050 N NE  . ARG A 1 142 ? -10.454 6.424   2.109   1.00 8.22  ? 139 ARG A NE  1 
ATOM   1051 C CZ  . ARG A 1 142 ? -9.373  6.624   2.859   1.00 7.14  ? 139 ARG A CZ  1 
ATOM   1052 N NH1 . ARG A 1 142 ? -8.614  7.693   2.648   1.00 7.86  ? 139 ARG A NH1 1 
ATOM   1053 N NH2 . ARG A 1 142 ? -9.058  5.773   3.826   1.00 7.35  ? 139 ARG A NH2 1 
ATOM   1054 N N   . LYS A 1 143 ? -12.170 -0.223  2.126   1.00 8.68  ? 140 LYS A N   1 
ATOM   1055 C CA  . LYS A 1 143 ? -12.965 -1.417  2.429   1.00 9.62  ? 140 LYS A CA  1 
ATOM   1056 C C   . LYS A 1 143 ? -12.829 -2.356  1.234   1.00 8.91  ? 140 LYS A C   1 
ATOM   1057 O O   . LYS A 1 143 ? -13.808 -2.888  0.713   1.00 10.72 ? 140 LYS A O   1 
ATOM   1058 C CB  . LYS A 1 143 ? -14.437 -1.055  2.654   1.00 12.17 ? 140 LYS A CB  1 
ATOM   1059 C CG  . LYS A 1 143 ? -14.672 -0.149  3.851   1.00 16.32 ? 140 LYS A CG  1 
ATOM   1060 C CD  . LYS A 1 143 ? -16.158 0.036   4.121   1.00 20.64 ? 140 LYS A CD  1 
ATOM   1061 C CE  . LYS A 1 143 ? -16.402 1.016   5.259   1.00 21.42 ? 140 LYS A CE  1 
ATOM   1062 N NZ  . LYS A 1 143 ? -15.767 0.573   6.531   1.00 23.97 ? 140 LYS A NZ  1 
ATOM   1063 N N   . VAL A 1 144 ? -11.583 -2.546  0.818   1.00 7.98  ? 141 VAL A N   1 
ATOM   1064 C CA  . VAL A 1 144 ? -11.232 -3.376  -0.324  1.00 7.97  ? 141 VAL A CA  1 
ATOM   1065 C C   . VAL A 1 144 ? -11.597 -4.852  -0.241  1.00 7.55  ? 141 VAL A C   1 
ATOM   1066 O O   . VAL A 1 144 ? -11.406 -5.500  0.788   1.00 8.87  ? 141 VAL A O   1 
ATOM   1067 C CB  . VAL A 1 144 ? -9.708  -3.281  -0.602  1.00 6.34  ? 141 VAL A CB  1 
ATOM   1068 C CG1 . VAL A 1 144 ? -9.297  -4.282  -1.672  1.00 8.13  ? 141 VAL A CG1 1 
ATOM   1069 C CG2 . VAL A 1 144 ? -9.344  -1.863  -1.026  1.00 8.06  ? 141 VAL A CG2 1 
ATOM   1070 N N   . LYS A 1 145 ? -12.133 -5.363  -1.346  1.00 9.08  ? 142 LYS A N   1 
ATOM   1071 C CA  . LYS A 1 145 ? -12.473 -6.776  -1.485  1.00 10.32 ? 142 LYS A CA  1 
ATOM   1072 C C   . LYS A 1 145 ? -11.292 -7.304  -2.300  1.00 9.03  ? 142 LYS A C   1 
ATOM   1073 O O   . LYS A 1 145 ? -11.044 -6.839  -3.415  1.00 9.71  ? 142 LYS A O   1 
ATOM   1074 C CB  . LYS A 1 145 ? -13.774 -6.942  -2.269  1.00 14.81 ? 142 LYS A CB  1 
ATOM   1075 C CG  . LYS A 1 145 ? -14.992 -6.363  -1.565  1.00 20.61 ? 142 LYS A CG  1 
ATOM   1076 C CD  . LYS A 1 145 ? -16.198 -6.308  -2.492  1.00 24.06 ? 142 LYS A CD  1 
ATOM   1077 C CE  . LYS A 1 145 ? -15.942 -5.374  -3.669  1.00 26.09 ? 142 LYS A CE  1 
ATOM   1078 N NZ  . LYS A 1 145 ? -15.620 -3.988  -3.225  1.00 26.85 ? 142 LYS A NZ  1 
ATOM   1079 N N   . VAL A 1 146 ? -10.561 -8.264  -1.743  1.00 8.06  ? 143 VAL A N   1 
ATOM   1080 C CA  . VAL A 1 146 ? -9.381  -8.798  -2.418  1.00 8.18  ? 143 VAL A CA  1 
ATOM   1081 C C   . VAL A 1 146 ? -9.586  -9.356  -3.823  1.00 8.30  ? 143 VAL A C   1 
ATOM   1082 O O   . VAL A 1 146 ? -8.837  -9.017  -4.739  1.00 8.33  ? 143 VAL A O   1 
ATOM   1083 C CB  . VAL A 1 146 ? -8.696  -9.881  -1.557  1.00 8.63  ? 143 VAL A CB  1 
ATOM   1084 C CG1 . VAL A 1 146 ? -7.507  -10.465 -2.304  1.00 8.65  ? 143 VAL A CG1 1 
ATOM   1085 C CG2 . VAL A 1 146 ? -8.239  -9.277  -0.237  1.00 9.89  ? 143 VAL A CG2 1 
ATOM   1086 N N   . ALA A 1 147 ? -10.590 -10.207 -4.002  1.00 7.42  ? 144 ALA A N   1 
ATOM   1087 C CA  . ALA A 1 147 ? -10.836 -10.806 -5.312  1.00 9.05  ? 144 ALA A CA  1 
ATOM   1088 C C   . ALA A 1 147 ? -10.974 -9.781  -6.436  1.00 9.49  ? 144 ALA A C   1 
ATOM   1089 O O   . ALA A 1 147 ? -11.875 -8.945  -6.420  1.00 10.61 ? 144 ALA A O   1 
ATOM   1090 C CB  . ALA A 1 147 ? -12.079 -11.686 -5.254  1.00 9.98  ? 144 ALA A CB  1 
ATOM   1091 N N   . GLY A 1 148 ? -10.067 -9.862  -7.408  1.00 10.68 ? 145 GLY A N   1 
ATOM   1092 C CA  . GLY A 1 148 ? -10.092 -8.958  -8.545  1.00 10.43 ? 145 GLY A CA  1 
ATOM   1093 C C   . GLY A 1 148 ? -9.580  -7.551  -8.290  1.00 8.65  ? 145 GLY A C   1 
ATOM   1094 O O   . GLY A 1 148 ? -9.589  -6.709  -9.192  1.00 9.44  ? 145 GLY A O   1 
ATOM   1095 N N   . HIS A 1 149 ? -9.117  -7.288  -7.073  1.00 8.16  ? 146 HIS A N   1 
ATOM   1096 C CA  . HIS A 1 149 ? -8.635  -5.953  -6.742  1.00 6.36  ? 146 HIS A CA  1 
ATOM   1097 C C   . HIS A 1 149 ? -7.399  -5.495  -7.513  1.00 5.41  ? 146 HIS A C   1 
ATOM   1098 O O   . HIS A 1 149 ? -7.395  -4.412  -8.096  1.00 5.68  ? 146 HIS A O   1 
ATOM   1099 C CB  . HIS A 1 149 ? -8.357  -5.831  -5.246  1.00 6.02  ? 146 HIS A CB  1 
ATOM   1100 C CG  . HIS A 1 149 ? -8.027  -4.435  -4.826  1.00 5.98  ? 146 HIS A CG  1 
ATOM   1101 N ND1 . HIS A 1 149 ? -6.862  -4.107  -4.170  1.00 7.95  ? 146 HIS A ND1 1 
ATOM   1102 C CD2 . HIS A 1 149 ? -8.700  -3.273  -5.003  1.00 3.79  ? 146 HIS A CD2 1 
ATOM   1103 C CE1 . HIS A 1 149 ? -6.829  -2.802  -3.965  1.00 2.57  ? 146 HIS A CE1 1 
ATOM   1104 N NE2 . HIS A 1 149 ? -7.933  -2.274  -4.459  1.00 8.33  ? 146 HIS A NE2 1 
ATOM   1105 N N   . ALA A 1 150 ? -6.342  -6.303  -7.508  1.00 5.48  ? 147 ALA A N   1 
ATOM   1106 C CA  . ALA A 1 150 ? -5.127  -5.928  -8.221  1.00 5.73  ? 147 ALA A CA  1 
ATOM   1107 C C   . ALA A 1 150 ? -5.420  -5.658  -9.701  1.00 6.42  ? 147 ALA A C   1 
ATOM   1108 O O   . ALA A 1 150 ? -4.859  -4.734  -10.295 1.00 7.56  ? 147 ALA A O   1 
ATOM   1109 C CB  . ALA A 1 150 ? -4.071  -7.018  -8.067  1.00 5.76  ? 147 ALA A CB  1 
ATOM   1110 N N   . ASP A 1 151 ? -6.308  -6.454  -10.293 1.00 7.42  ? 148 ASP A N   1 
ATOM   1111 C CA  . ASP A 1 151 ? -6.672  -6.265  -11.693 1.00 8.50  ? 148 ASP A CA  1 
ATOM   1112 C C   . ASP A 1 151 ? -7.341  -4.903  -11.880 1.00 6.72  ? 148 ASP A C   1 
ATOM   1113 O O   . ASP A 1 151 ? -7.075  -4.197  -12.853 1.00 6.54  ? 148 ASP A O   1 
ATOM   1114 C CB  . ASP A 1 151 ? -7.632  -7.367  -12.146 1.00 10.65 ? 148 ASP A CB  1 
ATOM   1115 C CG  . ASP A 1 151 ? -6.946  -8.707  -12.327 1.00 15.32 ? 148 ASP A CG  1 
ATOM   1116 O OD1 . ASP A 1 151 ? -7.633  -9.743  -12.209 1.00 18.68 ? 148 ASP A OD1 1 
ATOM   1117 O OD2 . ASP A 1 151 ? -5.728  -8.727  -12.604 1.00 16.34 ? 148 ASP A OD2 1 
ATOM   1118 N N   . ALA A 1 152 ? -8.210  -4.538  -10.941 1.00 6.50  ? 149 ALA A N   1 
ATOM   1119 C CA  . ALA A 1 152 ? -8.916  -3.263  -11.012 1.00 7.19  ? 149 ALA A CA  1 
ATOM   1120 C C   . ALA A 1 152 ? -7.960  -2.085  -10.846 1.00 6.36  ? 149 ALA A C   1 
ATOM   1121 O O   . ALA A 1 152 ? -8.072  -1.075  -11.543 1.00 6.76  ? 149 ALA A O   1 
ATOM   1122 C CB  . ALA A 1 152 ? -10.009 -3.211  -9.945  1.00 6.26  ? 149 ALA A CB  1 
ATOM   1123 N N   . VAL A 1 153 ? -7.017  -2.216  -9.918  1.00 6.11  ? 150 VAL A N   1 
ATOM   1124 C CA  . VAL A 1 153 ? -6.045  -1.157  -9.678  1.00 6.02  ? 150 VAL A CA  1 
ATOM   1125 C C   . VAL A 1 153 ? -5.182  -0.962  -10.925 1.00 5.61  ? 150 VAL A C   1 
ATOM   1126 O O   . VAL A 1 153 ? -4.894  0.166   -11.319 1.00 6.08  ? 150 VAL A O   1 
ATOM   1127 C CB  . VAL A 1 153 ? -5.159  -1.495  -8.462  1.00 5.04  ? 150 VAL A CB  1 
ATOM   1128 C CG1 . VAL A 1 153 ? -4.051  -0.467  -8.314  1.00 4.88  ? 150 VAL A CG1 1 
ATOM   1129 C CG2 . VAL A 1 153 ? -6.015  -1.533  -7.203  1.00 6.16  ? 150 VAL A CG2 1 
ATOM   1130 N N   . LEU A 1 154 ? -4.776  -2.062  -11.552 1.00 4.96  ? 151 LEU A N   1 
ATOM   1131 C CA  . LEU A 1 154 ? -3.965  -1.968  -12.760 1.00 5.18  ? 151 LEU A CA  1 
ATOM   1132 C C   . LEU A 1 154 ? -4.733  -1.247  -13.863 1.00 5.81  ? 151 LEU A C   1 
ATOM   1133 O O   . LEU A 1 154 ? -4.191  -0.370  -14.537 1.00 5.55  ? 151 LEU A O   1 
ATOM   1134 C CB  . LEU A 1 154 ? -3.560  -3.361  -13.251 1.00 5.67  ? 151 LEU A CB  1 
ATOM   1135 C CG  . LEU A 1 154 ? -2.852  -3.409  -14.610 1.00 5.95  ? 151 LEU A CG  1 
ATOM   1136 C CD1 . LEU A 1 154 ? -1.549  -2.618  -14.558 1.00 6.93  ? 151 LEU A CD1 1 
ATOM   1137 C CD2 . LEU A 1 154 ? -2.582  -4.856  -14.984 1.00 7.27  ? 151 LEU A CD2 1 
ATOM   1138 N N   . ALA A 1 155 ? -5.998  -1.619  -14.041 1.00 5.86  ? 152 ALA A N   1 
ATOM   1139 C CA  . ALA A 1 155 ? -6.832  -0.999  -15.067 1.00 6.79  ? 152 ALA A CA  1 
ATOM   1140 C C   . ALA A 1 155 ? -6.962  0.502   -14.826 1.00 6.96  ? 152 ALA A C   1 
ATOM   1141 O O   . ALA A 1 155 ? -6.850  1.304   -15.757 1.00 6.70  ? 152 ALA A O   1 
ATOM   1142 C CB  . ALA A 1 155 ? -8.213  -1.653  -15.084 1.00 8.40  ? 152 ALA A CB  1 
ATOM   1143 N N   . ALA A 1 156 ? -7.190  0.880   -13.572 1.00 5.72  ? 153 ALA A N   1 
ATOM   1144 C CA  . ALA A 1 156 ? -7.327  2.288   -13.210 1.00 6.06  ? 153 ALA A CA  1 
ATOM   1145 C C   . ALA A 1 156 ? -6.021  3.032   -13.462 1.00 7.07  ? 153 ALA A C   1 
ATOM   1146 O O   . ALA A 1 156 ? -6.022  4.153   -13.965 1.00 6.95  ? 153 ALA A O   1 
ATOM   1147 C CB  . ALA A 1 156 ? -7.733  2.414   -11.745 1.00 6.60  ? 153 ALA A CB  1 
ATOM   1148 N N   . LEU A 1 157 ? -4.907  2.402   -13.107 1.00 6.39  ? 154 LEU A N   1 
ATOM   1149 C CA  . LEU A 1 157 ? -3.603  3.009   -13.321 1.00 6.50  ? 154 LEU A CA  1 
ATOM   1150 C C   . LEU A 1 157 ? -3.408  3.306   -14.804 1.00 6.85  ? 154 LEU A C   1 
ATOM   1151 O O   . LEU A 1 157 ? -2.995  4.402   -15.176 1.00 7.52  ? 154 LEU A O   1 
ATOM   1152 C CB  . LEU A 1 157 ? -2.496  2.072   -12.831 1.00 7.25  ? 154 LEU A CB  1 
ATOM   1153 C CG  . LEU A 1 157 ? -1.077  2.415   -13.290 1.00 8.63  ? 154 LEU A CG  1 
ATOM   1154 C CD1 . LEU A 1 157 ? -0.661  3.777   -12.768 1.00 9.90  ? 154 LEU A CD1 1 
ATOM   1155 C CD2 . LEU A 1 157 ? -0.127  1.338   -12.802 1.00 9.68  ? 154 LEU A CD2 1 
ATOM   1156 N N   . LYS A 1 158 ? -3.710  2.323   -15.645 1.00 7.52  ? 155 LYS A N   1 
ATOM   1157 C CA  . LYS A 1 158 ? -3.553  2.491   -17.082 1.00 8.90  ? 155 LYS A CA  1 
ATOM   1158 C C   . LYS A 1 158 ? -4.435  3.621   -17.595 1.00 8.61  ? 155 LYS A C   1 
ATOM   1159 O O   . LYS A 1 158 ? -4.026  4.399   -18.456 1.00 10.45 ? 155 LYS A O   1 
ATOM   1160 C CB  . LYS A 1 158 ? -3.878  1.180   -17.802 1.00 9.72  ? 155 LYS A CB  1 
ATOM   1161 C CG  . LYS A 1 158 ? -2.924  0.046   -17.427 1.00 12.96 ? 155 LYS A CG  1 
ATOM   1162 C CD  . LYS A 1 158 ? -3.213  -1.233  -18.196 1.00 16.89 ? 155 LYS A CD  1 
ATOM   1163 C CE  . LYS A 1 158 ? -2.917  -1.072  -19.676 1.00 18.99 ? 155 LYS A CE  1 
ATOM   1164 N NZ  . LYS A 1 158 ? -3.193  -2.325  -20.431 1.00 24.01 ? 155 LYS A NZ  1 
ATOM   1165 N N   . ALA A 1 159 ? -5.641  3.725   -17.049 1.00 8.41  ? 156 ALA A N   1 
ATOM   1166 C CA  . ALA A 1 159 ? -6.559  4.778   -17.456 1.00 9.38  ? 156 ALA A CA  1 
ATOM   1167 C C   . ALA A 1 159 ? -5.991  6.149   -17.089 1.00 10.32 ? 156 ALA A C   1 
ATOM   1168 O O   . ALA A 1 159 ? -6.022  7.075   -17.897 1.00 11.77 ? 156 ALA A O   1 
ATOM   1169 C CB  . ALA A 1 159 ? -7.917  4.574   -16.796 1.00 8.92  ? 156 ALA A CB  1 
ATOM   1170 N N   . HIS A 1 160 ? -5.465  6.271   -15.872 1.00 9.24  ? 157 HIS A N   1 
ATOM   1171 C CA  . HIS A 1 160 ? -4.886  7.532   -15.409 1.00 10.53 ? 157 HIS A CA  1 
ATOM   1172 C C   . HIS A 1 160 ? -3.616  7.909   -16.162 1.00 12.76 ? 157 HIS A C   1 
ATOM   1173 O O   . HIS A 1 160 ? -3.418  9.072   -16.522 1.00 13.84 ? 157 HIS A O   1 
ATOM   1174 C CB  . HIS A 1 160 ? -4.552  7.465   -13.916 1.00 10.51 ? 157 HIS A CB  1 
ATOM   1175 C CG  . HIS A 1 160 ? -5.701  7.794   -13.014 1.00 10.06 ? 157 HIS A CG  1 
ATOM   1176 N ND1 . HIS A 1 160 ? -6.498  6.832   -12.434 1.00 11.90 ? 157 HIS A ND1 1 
ATOM   1177 C CD2 . HIS A 1 160 ? -6.169  8.986   -12.572 1.00 9.94  ? 157 HIS A CD2 1 
ATOM   1178 C CE1 . HIS A 1 160 ? -7.405  7.415   -11.672 1.00 8.34  ? 157 HIS A CE1 1 
ATOM   1179 N NE2 . HIS A 1 160 ? -7.227  8.722   -11.738 1.00 12.90 ? 157 HIS A NE2 1 
ATOM   1180 N N   . ALA A 1 161 ? -2.746  6.928   -16.373 1.00 14.93 ? 158 ALA A N   1 
ATOM   1181 C CA  . ALA A 1 161 ? -1.486  7.154   -17.068 1.00 18.07 ? 158 ALA A CA  1 
ATOM   1182 C C   . ALA A 1 161 ? -1.729  7.538   -18.522 1.00 21.97 ? 158 ALA A C   1 
ATOM   1183 O O   . ALA A 1 161 ? -0.849  8.094   -19.180 1.00 23.73 ? 158 ALA A O   1 
ATOM   1184 C CB  . ALA A 1 161 ? -0.615  5.902   -16.990 1.00 16.17 ? 158 ALA A CB  1 
ATOM   1185 N N   . LYS A 1 162 ? -2.929  7.238   -19.011 1.00 25.82 ? 159 LYS A N   1 
ATOM   1186 C CA  . LYS A 1 162 ? -3.324  7.544   -20.382 1.00 29.93 ? 159 LYS A CA  1 
ATOM   1187 C C   . LYS A 1 162 ? -2.570  6.680   -21.387 1.00 31.60 ? 159 LYS A C   1 
ATOM   1188 O O   . LYS A 1 162 ? -3.241  5.993   -22.189 1.00 34.00 ? 159 LYS A O   1 
ATOM   1189 C CB  . LYS A 1 162 ? -3.082  9.027   -20.689 1.00 30.35 ? 159 LYS A CB  1 
ATOM   1190 C CG  . LYS A 1 162 ? -3.665  9.982   -19.654 1.00 30.98 ? 159 LYS A CG  1 
ATOM   1191 C CD  . LYS A 1 162 ? -5.157  9.754   -19.452 1.00 32.54 ? 159 LYS A CD  1 
ATOM   1192 C CE  . LYS A 1 162 ? -5.712  10.662  -18.365 1.00 32.79 ? 159 LYS A CE  1 
ATOM   1193 N NZ  . LYS A 1 162 ? -7.155  10.401  -18.101 1.00 34.21 ? 159 LYS A NZ  1 
HETATM 1194 C C   . FMT B 2 .   ? 9.779   -12.414 -9.349  1.00 23.94 ? 408 FMT A C   1 
HETATM 1195 O O1  . FMT B 2 .   ? 8.771   -13.071 -9.444  1.00 24.70 ? 408 FMT A O1  1 
HETATM 1196 O O2  . FMT B 2 .   ? 9.914   -11.292 -10.067 1.00 24.50 ? 408 FMT A O2  1 
HETATM 1197 C C   . FMT C 2 .   ? -9.808  9.373   0.199   1.00 25.37 ? 409 FMT A C   1 
HETATM 1198 O O1  . FMT C 2 .   ? -10.421 8.363   -0.038  1.00 26.23 ? 409 FMT A O1  1 
HETATM 1199 O O2  . FMT C 2 .   ? -9.844  9.900   1.429   1.00 27.10 ? 409 FMT A O2  1 
HETATM 1200 C C   . FMT D 2 .   ? 8.598   0.124   12.081  1.00 29.61 ? 410 FMT A C   1 
HETATM 1201 O O1  . FMT D 2 .   ? 9.687   0.135   11.557  1.00 30.79 ? 410 FMT A O1  1 
HETATM 1202 O O2  . FMT D 2 .   ? 7.935   -1.032  12.221  1.00 27.82 ? 410 FMT A O2  1 
HETATM 1203 C C   . FMT E 2 .   ? -5.891  -9.709  6.772   1.00 21.24 ? 411 FMT A C   1 
HETATM 1204 O O1  . FMT E 2 .   ? -6.284  -10.463 5.908   1.00 22.51 ? 411 FMT A O1  1 
HETATM 1205 O O2  . FMT E 2 .   ? -4.628  -9.255  6.738   1.00 17.76 ? 411 FMT A O2  1 
HETATM 1206 C C   . FMT F 2 .   ? -0.356  20.822  2.593   1.00 22.16 ? 412 FMT A C   1 
HETATM 1207 O O1  . FMT F 2 .   ? -0.253  20.047  3.513   1.00 25.12 ? 412 FMT A O1  1 
HETATM 1208 O O2  . FMT F 2 .   ? -1.073  20.490  1.512   1.00 21.73 ? 412 FMT A O2  1 
HETATM 1209 C C   . FMT G 2 .   ? -0.205  19.151  7.879   1.00 28.80 ? 413 FMT A C   1 
HETATM 1210 O O1  . FMT G 2 .   ? -1.185  18.529  8.216   1.00 29.24 ? 413 FMT A O1  1 
HETATM 1211 O O2  . FMT G 2 .   ? -0.034  19.499  6.592   1.00 27.11 ? 413 FMT A O2  1 
HETATM 1212 C C   . FMT H 2 .   ? -13.731 6.152   -6.791  1.00 40.67 ? 414 FMT A C   1 
HETATM 1213 O O1  . FMT H 2 .   ? -13.022 6.423   -7.729  1.00 40.31 ? 414 FMT A O1  1 
HETATM 1214 O O2  . FMT H 2 .   ? -13.183 5.706   -5.650  1.00 40.50 ? 414 FMT A O2  1 
HETATM 1215 C C   . FMT I 2 .   ? 8.647   -3.414  14.889  1.00 26.91 ? 415 FMT A C   1 
HETATM 1216 O O1  . FMT I 2 .   ? 7.501   -3.677  14.616  1.00 28.68 ? 415 FMT A O1  1 
HETATM 1217 O O2  . FMT I 2 .   ? 9.268   -2.404  14.269  1.00 26.51 ? 415 FMT A O2  1 
HETATM 1218 C C   . FMT J 2 .   ? -8.989  15.639  2.752   1.00 20.47 ? 416 FMT A C   1 
HETATM 1219 O O1  . FMT J 2 .   ? -10.165 15.784  2.987   1.00 22.24 ? 416 FMT A O1  1 
HETATM 1220 O O2  . FMT J 2 .   ? -8.603  15.122  1.581   1.00 19.40 ? 416 FMT A O2  1 
HETATM 1221 C C   . FMT K 2 .   ? 12.404  -4.624  -0.683  1.00 20.22 ? 417 FMT A C   1 
HETATM 1222 O O1  . FMT K 2 .   ? 12.990  -4.439  -1.723  1.00 23.19 ? 417 FMT A O1  1 
HETATM 1223 O O2  . FMT K 2 .   ? 11.938  -5.845  -0.378  1.00 17.67 ? 417 FMT A O2  1 
HETATM 1224 C C   . FMT L 2 .   ? 12.422  5.541   -5.467  1.00 32.44 ? 418 FMT A C   1 
HETATM 1225 O O1  . FMT L 2 .   ? 13.529  5.574   -4.986  1.00 32.98 ? 418 FMT A O1  1 
HETATM 1226 O O2  . FMT L 2 .   ? 12.267  5.599   -6.797  1.00 31.81 ? 418 FMT A O2  1 
HETATM 1227 C C   . FMT M 2 .   ? -3.986  -1.209  15.440  1.00 22.44 ? 419 FMT A C   1 
HETATM 1228 O O1  . FMT M 2 .   ? -4.842  -1.479  16.247  1.00 21.69 ? 419 FMT A O1  1 
HETATM 1229 O O2  . FMT M 2 .   ? -4.313  -0.547  14.325  1.00 18.87 ? 419 FMT A O2  1 
HETATM 1230 O O   . HOH N 3 .   ? 7.405   6.795   9.202   1.00 6.92  ? 161 HOH A O   1 
HETATM 1231 O O   . HOH N 3 .   ? 13.951  -1.300  6.983   1.00 9.07  ? 162 HOH A O   1 
HETATM 1232 O O   . HOH N 3 .   ? -7.016  6.850   10.380  1.00 10.31 ? 163 HOH A O   1 
HETATM 1233 O O   . HOH N 3 .   ? -6.545  -5.202  -15.341 1.00 13.06 ? 164 HOH A O   1 
HETATM 1234 O O   . HOH N 3 .   ? 10.746  -3.900  12.501  1.00 9.56  ? 165 HOH A O   1 
HETATM 1235 O O   . HOH N 3 .   ? 4.954   9.390   -7.049  1.00 11.26 ? 166 HOH A O   1 
HETATM 1236 O O   . HOH N 3 .   ? 7.214   9.098   3.100   1.00 5.89  ? 167 HOH A O   1 
HETATM 1237 O O   . HOH N 3 .   ? -2.929  14.394  -2.917  1.00 9.64  ? 168 HOH A O   1 
HETATM 1238 O O   . HOH N 3 .   ? 0.166   -8.365  1.144   1.00 6.37  ? 169 HOH A O   1 
HETATM 1239 O O   . HOH N 3 .   ? 8.310   2.715   8.904   1.00 6.92  ? 170 HOH A O   1 
HETATM 1240 O O   . HOH N 3 .   ? -10.537 -0.208  -12.396 1.00 11.77 ? 171 HOH A O   1 
HETATM 1241 O O   . HOH N 3 .   ? 15.142  -2.922  1.345   1.00 14.28 ? 172 HOH A O   1 
HETATM 1242 O O   . HOH N 3 .   ? -12.428 -11.296 -1.997  1.00 15.08 ? 173 HOH A O   1 
HETATM 1243 O O   . HOH N 3 .   ? -11.822 3.592   -6.772  1.00 11.89 ? 174 HOH A O   1 
HETATM 1244 O O   . HOH N 3 .   ? -2.451  4.813   14.819  1.00 8.05  ? 175 HOH A O   1 
HETATM 1245 O O   . HOH N 3 .   ? 10.217  6.685   12.138  1.00 16.84 ? 176 HOH A O   1 
HETATM 1246 O O   . HOH N 3 .   ? -9.758  3.162   4.618   1.00 8.78  ? 177 HOH A O   1 
HETATM 1247 O O   . HOH N 3 .   ? 5.222   -8.190  13.183  1.00 16.23 ? 178 HOH A O   1 
HETATM 1248 O O   . HOH N 3 .   ? -13.706 2.817   -2.060  1.00 13.90 ? 179 HOH A O   1 
HETATM 1249 O O   . HOH N 3 .   ? 9.122   -3.990  -8.022  1.00 13.38 ? 180 HOH A O   1 
HETATM 1250 O O   . HOH N 3 .   ? 11.476  12.773  1.441   1.00 6.09  ? 181 HOH A O   1 
HETATM 1251 O O   . HOH N 3 .   ? 6.351   17.668  1.593   1.00 11.92 ? 182 HOH A O   1 
HETATM 1252 O O   . HOH N 3 .   ? 12.872  -11.494 2.348   1.00 15.74 ? 183 HOH A O   1 
HETATM 1253 O O   . HOH N 3 .   ? 0.489   -1.516  -18.201 1.00 14.51 ? 184 HOH A O   1 
HETATM 1254 O O   . HOH N 3 .   ? 1.958   12.468  8.135   1.00 13.27 ? 185 HOH A O   1 
HETATM 1255 O O   . HOH N 3 .   ? 8.663   16.584  0.354   1.00 12.34 ? 186 HOH A O   1 
HETATM 1256 O O   . HOH N 3 .   ? 3.618   -16.153 4.373   1.00 16.59 ? 187 HOH A O   1 
HETATM 1257 O O   . HOH N 3 .   ? -11.630 -9.574  0.553   1.00 14.05 ? 188 HOH A O   1 
HETATM 1258 O O   . HOH N 3 .   ? -1.438  15.108  -0.778  1.00 14.08 ? 189 HOH A O   1 
HETATM 1259 O O   . HOH N 3 .   ? -12.315 -6.086  -6.060  1.00 19.06 ? 190 HOH A O   1 
HETATM 1260 O O   . HOH N 3 .   ? 6.243   3.521   -19.261 1.00 16.50 ? 191 HOH A O   1 
HETATM 1261 O O   . HOH N 3 .   ? 9.417   -19.899 -0.516  1.00 23.43 ? 192 HOH A O   1 
HETATM 1262 O O   . HOH N 3 .   ? 10.159  -17.182 5.028   1.00 20.90 ? 193 HOH A O   1 
HETATM 1263 O O   . HOH N 3 .   ? -4.722  19.371  -4.656  1.00 19.65 ? 194 HOH A O   1 
HETATM 1264 O O   . HOH N 3 .   ? 17.928  3.158   3.045   1.00 13.91 ? 195 HOH A O   1 
HETATM 1265 O O   . HOH N 3 .   ? -20.033 -3.764  20.718  1.00 20.48 ? 196 HOH A O   1 
HETATM 1266 O O   . HOH N 3 .   ? 17.040  -4.104  -0.228  1.00 20.72 ? 197 HOH A O   1 
HETATM 1267 O O   . HOH N 3 .   ? -11.174 -6.675  -11.444 1.00 15.22 ? 198 HOH A O   1 
HETATM 1268 O O   . HOH N 3 .   ? -12.698 -0.670  -2.708  1.00 15.46 ? 199 HOH A O   1 
HETATM 1269 O O   . HOH N 3 .   ? -12.736 -3.342  -3.519  1.00 15.23 ? 200 HOH A O   1 
HETATM 1270 O O   . HOH N 3 .   ? 0.787   18.130  1.331   1.00 16.22 ? 201 HOH A O   1 
HETATM 1271 O O   . HOH N 3 .   ? -12.535 7.205   4.609   1.00 15.04 ? 202 HOH A O   1 
HETATM 1272 O O   . HOH N 3 .   ? -12.756 -1.952  -7.809  1.00 21.80 ? 203 HOH A O   1 
HETATM 1273 O O   . HOH N 3 .   ? 2.408   -14.129 -7.647  1.00 16.48 ? 204 HOH A O   1 
HETATM 1274 O O   . HOH N 3 .   ? 11.563  -6.331  -8.819  1.00 16.56 ? 205 HOH A O   1 
HETATM 1275 O O   . HOH N 3 .   ? -10.427 -4.337  5.877   1.00 13.46 ? 206 HOH A O   1 
HETATM 1276 O O   . HOH N 3 .   ? 12.566  12.901  -5.349  1.00 19.80 ? 207 HOH A O   1 
HETATM 1277 O O   . HOH N 3 .   ? -14.304 3.123   4.620   1.00 20.81 ? 208 HOH A O   1 
HETATM 1278 O O   . HOH N 3 .   ? -10.280 -13.320 -2.177  1.00 21.80 ? 209 HOH A O   1 
HETATM 1279 O O   . HOH N 3 .   ? 1.252   9.107   -16.763 1.00 29.67 ? 210 HOH A O   1 
HETATM 1280 O O   . HOH N 3 .   ? 8.594   3.693   12.594  1.00 19.11 ? 211 HOH A O   1 
HETATM 1281 O O   . HOH N 3 .   ? -2.731  -11.257 -10.431 1.00 13.23 ? 212 HOH A O   1 
HETATM 1282 O O   . HOH N 3 .   ? -12.735 -11.947 -8.630  1.00 20.54 ? 213 HOH A O   1 
HETATM 1283 O O   . HOH N 3 .   ? 10.811  1.987   -2.512  1.00 15.79 ? 214 HOH A O   1 
HETATM 1284 O O   . HOH N 3 .   ? 14.022  -14.403 -0.716  1.00 21.16 ? 215 HOH A O   1 
HETATM 1285 O O   . HOH N 3 .   ? 7.466   10.236  12.517  1.00 19.46 ? 216 HOH A O   1 
HETATM 1286 O O   . HOH N 3 .   ? -8.630  17.113  -2.660  1.00 21.00 ? 217 HOH A O   1 
HETATM 1287 O O   . HOH N 3 .   ? -13.426 5.302   11.827  1.00 22.92 ? 218 HOH A O   1 
HETATM 1288 O O   . HOH N 3 .   ? 16.841  -5.292  8.482   1.00 19.58 ? 219 HOH A O   1 
HETATM 1289 O O   . HOH N 3 .   ? -13.224 5.982   -10.366 1.00 23.55 ? 220 HOH A O   1 
HETATM 1290 O O   . HOH N 3 .   ? 12.649  -10.879 -5.568  1.00 23.74 ? 221 HOH A O   1 
HETATM 1291 O O   . HOH N 3 .   ? 11.888  8.450   -8.203  1.00 20.67 ? 222 HOH A O   1 
HETATM 1292 O O   . HOH N 3 .   ? 1.805   17.214  -5.360  1.00 21.22 ? 223 HOH A O   1 
HETATM 1293 O O   . HOH N 3 .   ? -0.210  -17.379 3.514   1.00 18.51 ? 224 HOH A O   1 
HETATM 1294 O O   . HOH N 3 .   ? -6.154  7.649   12.986  1.00 17.80 ? 225 HOH A O   1 
HETATM 1295 O O   . HOH N 3 .   ? 10.840  13.187  7.955   1.00 27.55 ? 226 HOH A O   1 
HETATM 1296 O O   . HOH N 3 .   ? -3.360  -7.884  -17.271 1.00 28.79 ? 227 HOH A O   1 
HETATM 1297 O O   . HOH N 3 .   ? -10.931 -4.725  -13.552 1.00 17.08 ? 228 HOH A O   1 
HETATM 1298 O O   . HOH N 3 .   ? -0.848  11.148  12.460  1.00 30.04 ? 229 HOH A O   1 
HETATM 1299 O O   . HOH N 3 .   ? 13.248  -13.962 5.801   1.00 23.51 ? 230 HOH A O   1 
HETATM 1300 O O   . HOH N 3 .   ? 8.457   -0.642  -12.528 1.00 20.04 ? 231 HOH A O   1 
HETATM 1301 O O   . HOH N 3 .   ? 11.772  2.293   12.464  1.00 15.10 ? 232 HOH A O   1 
HETATM 1302 O O   . HOH N 3 .   ? 13.889  -7.742  0.201   1.00 17.41 ? 233 HOH A O   1 
HETATM 1303 O O   . HOH N 3 .   ? 19.670  -3.265  0.710   1.00 25.51 ? 234 HOH A O   1 
HETATM 1304 O O   . HOH N 3 .   ? -7.972  -4.530  10.754  1.00 23.30 ? 235 HOH A O   1 
HETATM 1305 O O   . HOH N 3 .   ? -12.980 -1.498  8.150   1.00 33.81 ? 236 HOH A O   1 
HETATM 1306 O O   . HOH N 3 .   ? -9.483  -15.459 6.133   1.00 32.05 ? 237 HOH A O   1 
HETATM 1307 O O   . HOH N 3 .   ? 6.973   14.217  10.479  1.00 27.57 ? 238 HOH A O   1 
HETATM 1308 O O   . HOH N 3 .   ? -5.003  -15.059 -10.689 1.00 31.72 ? 239 HOH A O   1 
HETATM 1309 O O   . HOH N 3 .   ? 2.679   18.192  7.568   1.00 19.15 ? 240 HOH A O   1 
HETATM 1310 O O   . HOH N 3 .   ? 5.481   -13.324 8.518   1.00 24.05 ? 241 HOH A O   1 
HETATM 1311 O O   . HOH N 3 .   ? -5.961  18.831  -6.985  1.00 23.85 ? 242 HOH A O   1 
HETATM 1312 O O   . HOH N 3 .   ? 0.797   2.989   -19.134 1.00 24.27 ? 243 HOH A O   1 
HETATM 1313 O O   . HOH N 3 .   ? 17.280  -7.451  -2.651  1.00 37.55 ? 244 HOH A O   1 
HETATM 1314 O O   . HOH N 3 .   ? 14.563  -6.164  11.914  1.00 34.55 ? 245 HOH A O   1 
HETATM 1315 O O   . HOH N 3 .   ? -4.991  12.124  6.953   1.00 29.62 ? 246 HOH A O   1 
HETATM 1316 O O   . HOH N 3 .   ? 20.403  -4.557  -2.325  1.00 20.72 ? 247 HOH A O   1 
HETATM 1317 O O   . HOH N 3 .   ? 11.854  -13.130 -3.251  1.00 30.21 ? 248 HOH A O   1 
HETATM 1318 O O   . HOH N 3 .   ? -4.770  11.417  -13.163 1.00 24.36 ? 249 HOH A O   1 
HETATM 1319 O O   . HOH N 3 .   ? -5.083  -3.365  12.381  1.00 24.57 ? 250 HOH A O   1 
HETATM 1320 O O   . HOH N 3 .   ? 18.164  -7.120  2.128   1.00 22.02 ? 251 HOH A O   1 
HETATM 1321 O O   . HOH N 3 .   ? 17.558  -8.755  9.414   1.00 33.97 ? 252 HOH A O   1 
HETATM 1322 O O   . HOH N 3 .   ? -3.186  -16.469 8.941   1.00 31.01 ? 253 HOH A O   1 
HETATM 1323 O O   . HOH N 3 .   ? -9.055  6.089   13.812  1.00 28.41 ? 254 HOH A O   1 
HETATM 1324 O O   . HOH N 3 .   ? 10.567  3.248   15.242  1.00 30.13 ? 255 HOH A O   1 
HETATM 1325 O O   . HOH N 3 .   ? -18.729 0.335   21.435  1.00 33.03 ? 256 HOH A O   1 
HETATM 1326 O O   . HOH N 3 .   ? 19.008  1.791   7.067   1.00 22.14 ? 257 HOH A O   1 
HETATM 1327 O O   . HOH N 3 .   ? 15.102  0.688   -1.034  1.00 21.71 ? 258 HOH A O   1 
HETATM 1328 O O   . HOH N 3 .   ? 11.159  -2.208  -8.038  1.00 39.74 ? 259 HOH A O   1 
HETATM 1329 O O   . HOH N 3 .   ? -8.636  11.899  -9.613  1.00 17.28 ? 260 HOH A O   1 
HETATM 1330 O O   . HOH N 3 .   ? -4.570  22.794  -7.488  1.00 32.93 ? 261 HOH A O   1 
HETATM 1331 O O   . HOH N 3 .   ? 7.928   11.642  -14.914 1.00 34.67 ? 262 HOH A O   1 
HETATM 1332 O O   . HOH N 3 .   ? 14.606  1.907   -4.878  1.00 31.70 ? 263 HOH A O   1 
HETATM 1333 O O   . HOH N 3 .   ? 11.926  -19.226 -1.412  1.00 40.65 ? 264 HOH A O   1 
HETATM 1334 O O   . HOH N 3 .   ? 13.121  0.909   -11.910 1.00 36.26 ? 265 HOH A O   1 
HETATM 1335 O O   . HOH N 3 .   ? 4.645   -17.941 -4.420  1.00 19.12 ? 266 HOH A O   1 
HETATM 1336 O O   . HOH N 3 .   ? 15.989  -6.824  6.209   1.00 11.37 ? 267 HOH A O   1 
HETATM 1337 O O   . HOH N 3 .   ? 13.963  1.729   9.389   1.00 15.58 ? 268 HOH A O   1 
HETATM 1338 O O   . HOH N 3 .   ? 10.008  2.650   10.811  1.00 5.33  ? 269 HOH A O   1 
HETATM 1339 O O   . HOH N 3 .   ? 10.822  4.820   10.084  1.00 11.50 ? 270 HOH A O   1 
HETATM 1340 O O   . HOH N 3 .   ? 7.528   7.531   11.775  1.00 10.28 ? 271 HOH A O   1 
HETATM 1341 O O   . HOH N 3 .   ? 6.218   4.389   9.685   1.00 6.56  ? 272 HOH A O   1 
HETATM 1342 O O   . HOH N 3 .   ? 4.360   7.992   14.737  1.00 17.71 ? 273 HOH A O   1 
HETATM 1343 O O   . HOH N 3 .   ? 0.947   10.586  9.910   1.00 13.60 ? 274 HOH A O   1 
HETATM 1344 O O   . HOH N 3 .   ? 13.308  -8.853  2.447   1.00 19.29 ? 275 HOH A O   1 
HETATM 1345 O O   . HOH N 3 .   ? 13.586  4.988   -2.312  1.00 14.12 ? 276 HOH A O   1 
HETATM 1346 O O   . HOH N 3 .   ? 5.802   11.223  -5.083  1.00 8.79  ? 277 HOH A O   1 
HETATM 1347 O O   . HOH N 3 .   ? -5.313  -2.976  -0.116  1.00 6.19  ? 278 HOH A O   1 
HETATM 1348 O O   . HOH N 3 .   ? -0.098  -5.183  10.529  1.00 12.31 ? 279 HOH A O   1 
HETATM 1349 O O   . HOH N 3 .   ? -6.430  -8.801  -5.990  1.00 10.46 ? 280 HOH A O   1 
HETATM 1350 O O   . HOH N 3 .   ? -7.007  -9.085  -8.944  1.00 12.77 ? 281 HOH A O   1 
HETATM 1351 O O   . HOH N 3 .   ? 12.341  16.131  1.351   1.00 12.52 ? 282 HOH A O   1 
HETATM 1352 O O   . HOH N 3 .   ? 13.230  17.106  4.609   1.00 15.90 ? 283 HOH A O   1 
HETATM 1353 O O   . HOH N 3 .   ? 6.061   -2.350  -10.775 1.00 11.36 ? 284 HOH A O   1 
HETATM 1354 O O   . HOH N 3 .   ? 10.881  -11.240 -1.793  1.00 9.10  ? 285 HOH A O   1 
HETATM 1355 O O   . HOH N 3 .   ? 9.259   -7.401  -0.182  1.00 15.67 ? 286 HOH A O   1 
HETATM 1356 O O   . HOH N 3 .   ? -10.752 -7.514  2.797   1.00 17.05 ? 287 HOH A O   1 
HETATM 1357 O O   . HOH N 3 .   ? -11.082 7.635   -5.795  1.00 9.23  ? 288 HOH A O   1 
HETATM 1358 O O   . HOH N 3 .   ? -11.317 -3.564  -6.071  1.00 11.97 ? 289 HOH A O   1 
HETATM 1359 O O   . HOH N 3 .   ? 19.207  -4.006  7.986   1.00 27.52 ? 290 HOH A O   1 
HETATM 1360 O O   . HOH N 3 .   ? -12.185 -2.277  -12.901 1.00 23.52 ? 291 HOH A O   1 
HETATM 1361 O O   . HOH N 3 .   ? 11.658  18.032  2.875   1.00 12.66 ? 292 HOH A O   1 
HETATM 1362 O O   . HOH N 3 .   ? 13.439  11.644  8.272   1.00 22.48 ? 293 HOH A O   1 
HETATM 1363 O O   . HOH N 3 .   ? 13.409  4.519   10.255  1.00 17.28 ? 294 HOH A O   1 
HETATM 1364 O O   . HOH N 3 .   ? 13.645  3.964   12.973  1.00 24.42 ? 295 HOH A O   1 
HETATM 1365 O O   . HOH N 3 .   ? 11.953  -6.366  12.684  1.00 10.22 ? 296 HOH A O   1 
HETATM 1366 O O   . HOH N 3 .   ? 4.743   -4.330  14.652  1.00 23.60 ? 297 HOH A O   1 
HETATM 1367 O O   . HOH N 3 .   ? -1.301  -4.822  15.127  1.00 23.23 ? 298 HOH A O   1 
HETATM 1368 O O   . HOH N 3 .   ? 9.192   -9.388  14.540  1.00 23.73 ? 299 HOH A O   1 
HETATM 1369 O O   . HOH N 3 .   ? 16.532  -7.042  -0.148  1.00 24.89 ? 300 HOH A O   1 
HETATM 1370 O O   . HOH N 3 .   ? 17.290  0.362   8.247   1.00 15.68 ? 301 HOH A O   1 
HETATM 1371 O O   . HOH N 3 .   ? 18.741  5.426   4.755   1.00 18.99 ? 302 HOH A O   1 
HETATM 1372 O O   . HOH N 3 .   ? 12.856  17.348  -1.038  1.00 20.69 ? 303 HOH A O   1 
HETATM 1373 O O   . HOH N 3 .   ? 14.617  9.273   -5.866  1.00 25.73 ? 304 HOH A O   1 
HETATM 1374 O O   . HOH N 3 .   ? 10.996  7.996   -11.754 1.00 21.16 ? 305 HOH A O   1 
HETATM 1375 O O   . HOH N 3 .   ? 2.780   5.282   -17.631 1.00 26.17 ? 306 HOH A O   1 
HETATM 1376 O O   . HOH N 3 .   ? 7.009   -2.397  -8.133  1.00 10.67 ? 307 HOH A O   1 
HETATM 1377 O O   . HOH N 3 .   ? 5.526   -20.473 -0.956  1.00 10.19 ? 308 HOH A O   1 
HETATM 1378 O O   . HOH N 3 .   ? -0.858  14.653  -10.548 1.00 17.92 ? 309 HOH A O   1 
HETATM 1379 O O   . HOH N 3 .   ? -12.110 -4.636  3.565   1.00 18.61 ? 310 HOH A O   1 
HETATM 1380 O O   . HOH N 3 .   ? -7.771  20.760  -2.264  1.00 13.25 ? 311 HOH A O   1 
HETATM 1381 O O   . HOH N 3 .   ? -4.544  22.035  -4.928  1.00 20.79 ? 312 HOH A O   1 
HETATM 1382 O O   . HOH N 3 .   ? -5.108  -7.720  -15.175 1.00 16.48 ? 313 HOH A O   1 
HETATM 1383 O O   . HOH N 3 .   ? -11.682 0.459   -9.774  1.00 18.07 ? 314 HOH A O   1 
HETATM 1384 O O   . HOH N 3 .   ? -12.248 3.705   -11.206 1.00 21.68 ? 315 HOH A O   1 
HETATM 1385 O O   . HOH N 3 .   ? -9.934  -11.360 4.517   1.00 39.11 ? 316 HOH A O   1 
HETATM 1386 O O   . HOH N 3 .   ? 11.926  -15.773 -2.034  1.00 20.00 ? 317 HOH A O   1 
HETATM 1387 O O   . HOH N 3 .   ? -2.567  16.996  -3.898  1.00 16.94 ? 318 HOH A O   1 
HETATM 1388 O O   . HOH N 3 .   ? -5.192  14.466  5.741   1.00 26.53 ? 319 HOH A O   1 
HETATM 1389 O O   . HOH N 3 .   ? -10.438 17.036  5.471   1.00 22.32 ? 320 HOH A O   1 
HETATM 1390 O O   . HOH N 3 .   ? -0.111  17.627  -1.220  1.00 20.23 ? 321 HOH A O   1 
HETATM 1391 O O   . HOH N 3 .   ? 0.604   16.173  -3.265  1.00 26.88 ? 322 HOH A O   1 
HETATM 1392 O O   . HOH N 3 .   ? 8.033   13.897  7.926   1.00 17.71 ? 323 HOH A O   1 
HETATM 1393 O O   . HOH N 3 .   ? 11.580  5.152   13.873  1.00 22.32 ? 324 HOH A O   1 
HETATM 1394 O O   . HOH N 3 .   ? 12.758  -12.019 -0.249  1.00 28.74 ? 325 HOH A O   1 
HETATM 1395 O O   . HOH N 3 .   ? 12.046  -9.125  -2.566  1.00 29.17 ? 326 HOH A O   1 
HETATM 1396 O O   . HOH N 3 .   ? 15.148  -12.300 -5.695  1.00 29.63 ? 327 HOH A O   1 
HETATM 1397 O O   . HOH N 3 .   ? 15.282  -1.008  9.249   1.00 22.01 ? 328 HOH A O   1 
HETATM 1398 O O   . HOH N 3 .   ? 8.072   4.847   -17.571 1.00 23.53 ? 329 HOH A O   1 
HETATM 1399 O O   . HOH N 3 .   ? 19.494  -3.150  3.646   1.00 27.18 ? 330 HOH A O   1 
HETATM 1400 O O   . HOH N 3 .   ? 19.818  1.587   4.377   1.00 24.97 ? 331 HOH A O   1 
HETATM 1401 O O   . HOH N 3 .   ? 15.295  0.719   11.172  1.00 19.71 ? 332 HOH A O   1 
HETATM 1402 O O   . HOH N 3 .   ? 5.843   -11.501 -11.304 1.00 28.19 ? 333 HOH A O   1 
HETATM 1403 O O   . HOH N 3 .   ? 13.192  -12.512 9.141   1.00 30.17 ? 334 HOH A O   1 
HETATM 1404 O O   . HOH N 3 .   ? 7.704   -14.104 10.747  1.00 26.03 ? 335 HOH A O   1 
HETATM 1405 O O   . HOH N 3 .   ? 6.453   -15.726 7.212   1.00 28.25 ? 336 HOH A O   1 
HETATM 1406 O O   . HOH N 3 .   ? 14.706  -12.801 3.596   1.00 27.50 ? 337 HOH A O   1 
HETATM 1407 O O   . HOH N 3 .   ? 13.047  -16.524 5.250   1.00 26.30 ? 338 HOH A O   1 
HETATM 1408 O O   . HOH N 3 .   ? 11.126  -18.895 2.809   1.00 32.29 ? 339 HOH A O   1 
HETATM 1409 O O   . HOH N 3 .   ? 10.995  -12.893 -5.989  1.00 31.19 ? 340 HOH A O   1 
HETATM 1410 O O   . HOH N 3 .   ? -1.526  12.052  10.022  1.00 33.79 ? 341 HOH A O   1 
HETATM 1411 O O   . HOH N 3 .   ? 1.826   10.730  12.447  1.00 25.18 ? 342 HOH A O   1 
HETATM 1412 O O   . HOH N 3 .   ? -1.135  11.212  15.765  1.00 35.72 ? 343 HOH A O   1 
HETATM 1413 O O   . HOH N 3 .   ? -11.811 10.198  9.072   1.00 31.18 ? 344 HOH A O   1 
HETATM 1414 O O   . HOH N 3 .   ? -14.527 5.697   3.847   1.00 20.62 ? 345 HOH A O   1 
HETATM 1415 O O   . HOH N 3 .   ? -15.564 -1.490  -0.957  1.00 29.34 ? 346 HOH A O   1 
HETATM 1416 O O   . HOH N 3 .   ? -12.366 6.601   -0.569  1.00 21.56 ? 347 HOH A O   1 
HETATM 1417 O O   . HOH N 3 .   ? 10.540  0.474   -4.867  1.00 19.23 ? 348 HOH A O   1 
HETATM 1418 O O   . HOH N 3 .   ? 10.379  6.717   -13.997 1.00 27.56 ? 349 HOH A O   1 
HETATM 1419 O O   . HOH N 3 .   ? 9.850   4.070   -12.653 1.00 22.66 ? 350 HOH A O   1 
HETATM 1420 O O   . HOH N 3 .   ? 11.060  4.425   -17.308 1.00 24.63 ? 351 HOH A O   1 
HETATM 1421 O O   . HOH N 3 .   ? 8.030   7.143   -15.168 1.00 38.14 ? 352 HOH A O   1 
HETATM 1422 O O   . HOH N 3 .   ? 5.380   10.064  -15.975 1.00 32.94 ? 353 HOH A O   1 
HETATM 1423 O O   . HOH N 3 .   ? 1.675   -10.021 -15.615 1.00 29.49 ? 354 HOH A O   1 
HETATM 1424 O O   . HOH N 3 .   ? -5.010  -6.489  16.064  1.00 33.08 ? 355 HOH A O   1 
HETATM 1425 O O   . HOH N 3 .   ? 12.402  18.217  -6.634  1.00 32.81 ? 356 HOH A O   1 
HETATM 1426 O O   . HOH N 3 .   ? -3.879  -5.892  12.001  1.00 25.08 ? 357 HOH A O   1 
HETATM 1427 O O   . HOH N 3 .   ? -1.023  -9.880  -17.037 1.00 29.44 ? 358 HOH A O   1 
HETATM 1428 O O   . HOH N 3 .   ? 0.295   -12.472 -18.580 1.00 39.84 ? 359 HOH A O   1 
HETATM 1429 O O   . HOH N 3 .   ? -0.892  -3.572  -19.481 1.00 26.17 ? 360 HOH A O   1 
HETATM 1430 O O   . HOH N 3 .   ? -0.331  -2.724  -22.555 1.00 30.53 ? 361 HOH A O   1 
HETATM 1431 O O   . HOH N 3 .   ? 8.877   -12.144 13.166  1.00 39.93 ? 362 HOH A O   1 
HETATM 1432 O O   . HOH N 3 .   ? 14.906  -10.469 8.500   1.00 24.55 ? 363 HOH A O   1 
HETATM 1433 O O   . HOH N 3 .   ? -12.885 7.552   9.165   1.00 28.21 ? 364 HOH A O   1 
HETATM 1434 O O   . HOH N 3 .   ? -15.340 1.341   10.310  1.00 24.91 ? 365 HOH A O   1 
HETATM 1435 O O   . HOH N 3 .   ? -13.024 5.419   -2.941  1.00 24.83 ? 366 HOH A O   1 
HETATM 1436 O O   . HOH N 3 .   ? -5.389  -11.135 -10.264 1.00 24.66 ? 367 HOH A O   1 
HETATM 1437 O O   . HOH N 3 .   ? -11.012 -1.258  10.961  1.00 16.87 ? 368 HOH A O   1 
HETATM 1438 O O   . HOH N 3 .   ? 8.189   -0.823  -5.657  1.00 21.25 ? 369 HOH A O   1 
HETATM 1439 O O   . HOH N 3 .   ? 3.624   -10.354 12.028  1.00 32.71 ? 370 HOH A O   1 
HETATM 1440 O O   . HOH N 3 .   ? 14.164  -13.761 15.413  1.00 36.07 ? 371 HOH A O   1 
HETATM 1441 O O   . HOH N 3 .   ? -13.082 -5.523  27.362  1.00 26.55 ? 372 HOH A O   1 
HETATM 1442 O O   . HOH N 3 .   ? -0.597  7.525   -2.918  1.00 28.59 ? 373 HOH A O   1 
HETATM 1443 O O   . HOH N 3 .   ? 5.681   -15.015 -6.163  1.00 21.95 ? 374 HOH A O   1 
HETATM 1444 O O   . HOH N 3 .   ? 9.171   16.731  -8.327  1.00 30.20 ? 375 HOH A O   1 
HETATM 1445 O O   . HOH N 3 .   ? 4.383   5.330   -20.424 1.00 30.09 ? 376 HOH A O   1 
HETATM 1446 O O   . HOH N 3 .   ? 13.440  2.055   -2.392  1.00 32.23 ? 377 HOH A O   1 
HETATM 1447 O O   . HOH N 3 .   ? 12.248  1.578   -6.653  1.00 29.32 ? 378 HOH A O   1 
HETATM 1448 O O   . HOH N 3 .   ? 1.971   -18.105 4.876   1.00 27.99 ? 379 HOH A O   1 
HETATM 1449 O O   . HOH N 3 .   ? 2.366   13.506  -14.886 1.00 38.22 ? 380 HOH A O   1 
HETATM 1450 O O   . HOH N 3 .   ? -3.757  19.570  -8.422  1.00 27.05 ? 381 HOH A O   1 
HETATM 1451 O O   . HOH N 3 .   ? -14.320 -9.924  -8.143  1.00 31.38 ? 382 HOH A O   1 
HETATM 1452 O O   . HOH N 3 .   ? 3.088   -9.575  -17.882 1.00 27.59 ? 383 HOH A O   1 
HETATM 1453 O O   . HOH N 3 .   ? 8.783   -11.757 17.065  1.00 24.11 ? 384 HOH A O   1 
HETATM 1454 O O   . HOH N 3 .   ? 14.678  -10.538 -1.622  1.00 42.02 ? 385 HOH A O   1 
HETATM 1455 O O   . HOH N 3 .   ? 0.826   12.766  13.779  1.00 33.04 ? 386 HOH A O   1 
HETATM 1456 O O   . HOH N 3 .   ? -16.985 4.193   13.852  1.00 38.61 ? 387 HOH A O   1 
HETATM 1457 O O   . HOH N 3 .   ? 6.242   -15.490 -8.633  1.00 26.75 ? 388 HOH A O   1 
HETATM 1458 O O   . HOH N 3 .   ? -0.478  14.740  10.943  1.00 37.38 ? 389 HOH A O   1 
HETATM 1459 O O   . HOH N 3 .   ? -9.666  -8.817  5.610   1.00 34.34 ? 390 HOH A O   1 
HETATM 1460 O O   . HOH N 3 .   ? 8.407   -14.849 -7.401  1.00 12.43 ? 391 HOH A O   1 
HETATM 1461 O O   . HOH N 3 .   ? 5.349   6.063   -14.151 1.00 21.10 ? 392 HOH A O   1 
HETATM 1462 O O   . HOH N 3 .   ? 11.396  -5.477  -3.820  1.00 26.98 ? 393 HOH A O   1 
HETATM 1463 O O   . HOH N 3 .   ? 7.407   -5.639  16.745  1.00 22.69 ? 394 HOH A O   1 
HETATM 1464 O O   . HOH N 3 .   ? 13.023  -8.350  -6.519  1.00 20.20 ? 395 HOH A O   1 
HETATM 1465 O O   . HOH N 3 .   ? -7.638  -13.136 5.449   1.00 15.61 ? 396 HOH A O   1 
HETATM 1466 O O   . HOH N 3 .   ? 10.780  16.075  -6.415  1.00 27.98 ? 397 HOH A O   1 
HETATM 1467 O O   . HOH N 3 .   ? -2.782  -13.802 -10.439 1.00 35.08 ? 398 HOH A O   1 
HETATM 1468 O O   . HOH N 3 .   ? 2.153   16.961  9.970   1.00 23.33 ? 399 HOH A O   1 
HETATM 1469 O O   . HOH N 3 .   ? 15.479  -3.865  10.526  1.00 32.04 ? 400 HOH A O   1 
HETATM 1470 O O   . HOH N 3 .   ? -5.987  -3.923  15.348  1.00 39.42 ? 401 HOH A O   1 
HETATM 1471 O O   . HOH N 3 .   ? -5.012  -4.213  18.240  1.00 31.80 ? 402 HOH A O   1 
HETATM 1472 O O   . HOH N 3 .   ? 10.366  1.237   16.779  1.00 32.01 ? 403 HOH A O   1 
HETATM 1473 O O   . HOH N 3 .   ? 12.559  1.993   18.469  1.00 32.44 ? 404 HOH A O   1 
HETATM 1474 O O   . HOH N 3 .   ? 6.963   -8.353  15.738  1.00 32.69 ? 405 HOH A O   1 
HETATM 1475 O O   . HOH N 3 .   ? 5.536   -12.331 -13.787 1.00 34.95 ? 406 HOH A O   1 
HETATM 1476 O O   . HOH N 3 .   ? 12.695  -2.011  12.318  1.00 25.95 ? 407 HOH A O   1 
# 
loop_
_pdbx_poly_seq_scheme.asym_id 
_pdbx_poly_seq_scheme.entity_id 
_pdbx_poly_seq_scheme.seq_id 
_pdbx_poly_seq_scheme.mon_id 
_pdbx_poly_seq_scheme.ndb_seq_num 
_pdbx_poly_seq_scheme.pdb_seq_num 
_pdbx_poly_seq_scheme.auth_seq_num 
_pdbx_poly_seq_scheme.pdb_mon_id 
_pdbx_poly_seq_scheme.auth_mon_id 
_pdbx_poly_seq_scheme.pdb_strand_id 
_pdbx_poly_seq_scheme.pdb_ins_code 
_pdbx_poly_seq_scheme.hetero 
A 1 1   SER 1   -2  ?   ?   ?   A . n 
A 1 2   ASN 2   -1  ?   ?   ?   A . n 
A 1 3   ALA 3   0   ?   ?   ?   A . n 
A 1 4   MET 4   1   ?   ?   ?   A . n 
A 1 5   THR 5   2   ?   ?   ?   A . n 
A 1 6   ASP 6   3   3   ASP ASP A . n 
A 1 7   ALA 7   4   4   ALA ALA A . n 
A 1 8   VAL 8   5   5   VAL VAL A . n 
A 1 9   LEU 9   6   6   LEU LEU A . n 
A 1 10  GLU 10  7   7   GLU GLU A . n 
A 1 11  LEU 11  8   8   LEU LEU A . n 
A 1 12  PRO 12  9   9   PRO PRO A . n 
A 1 13  ALA 13  10  10  ALA ALA A . n 
A 1 14  ALA 14  11  11  ALA ALA A . n 
A 1 15  THR 15  12  12  THR THR A . n 
A 1 16  PHE 16  13  13  PHE PHE A . n 
A 1 17  ASP 17  14  14  ASP ASP A . n 
A 1 18  LEU 18  15  15  LEU LEU A . n 
A 1 19  PRO 19  16  16  PRO PRO A . n 
A 1 20  LEU 20  17  17  LEU LEU A . n 
A 1 21  SER 21  18  18  SER SER A . n 
A 1 22  LEU 22  19  19  LEU LEU A . n 
A 1 23  SER 23  20  20  SER SER A . n 
A 1 24  GLY 24  21  21  GLY GLY A . n 
A 1 25  GLY 25  22  22  GLY GLY A . n 
A 1 26  THR 26  23  23  THR THR A . n 
A 1 27  GLN 27  24  24  GLN GLN A . n 
A 1 28  THR 28  25  25  THR THR A . n 
A 1 29  THR 29  26  26  THR THR A . n 
A 1 30  LEU 30  27  27  LEU LEU A . n 
A 1 31  ARG 31  28  28  ARG ARG A . n 
A 1 32  ALA 32  29  29  ALA ALA A . n 
A 1 33  HIS 33  30  30  HIS HIS A . n 
A 1 34  ALA 34  31  31  ALA ALA A . n 
A 1 35  GLY 35  32  32  GLY GLY A . n 
A 1 36  HIS 36  33  33  HIS HIS A . n 
A 1 37  TRP 37  34  34  TRP TRP A . n 
A 1 38  LEU 38  35  35  LEU LEU A . n 
A 1 39  VAL 39  36  36  VAL VAL A . n 
A 1 40  ILE 40  37  37  ILE ILE A . n 
A 1 41  TYR 41  38  38  TYR TYR A . n 
A 1 42  PHE 42  39  39  PHE PHE A . n 
A 1 43  TYR 43  40  40  TYR TYR A . n 
A 1 44  PRO 44  41  41  PRO PRO A . n 
A 1 45  LYS 45  42  42  LYS LYS A . n 
A 1 46  ASP 46  43  43  ASP ASP A . n 
A 1 47  SER 47  44  44  SER SER A . n 
A 1 48  THR 48  45  45  THR THR A . n 
A 1 49  PRO 49  46  46  PRO PRO A . n 
A 1 50  GLY 50  47  47  GLY GLY A . n 
A 1 51  SER 51  48  48  SER SER A . n 
A 1 52  THR 52  49  49  THR THR A . n 
A 1 53  THR 53  50  50  THR THR A . n 
A 1 54  GLU 54  51  51  GLU GLU A . n 
A 1 55  GLY 55  52  52  GLY GLY A . n 
A 1 56  LEU 56  53  53  LEU LEU A . n 
A 1 57  ASP 57  54  54  ASP ASP A . n 
A 1 58  PHE 58  55  55  PHE PHE A . n 
A 1 59  ASN 59  56  56  ASN ASN A . n 
A 1 60  ALA 60  57  57  ALA ALA A . n 
A 1 61  LEU 61  58  58  LEU LEU A . n 
A 1 62  LEU 62  59  59  LEU LEU A . n 
A 1 63  PRO 63  60  60  PRO PRO A . n 
A 1 64  GLU 64  61  61  GLU GLU A . n 
A 1 65  PHE 65  62  62  PHE PHE A . n 
A 1 66  ASP 66  63  63  ASP ASP A . n 
A 1 67  LYS 67  64  64  LYS LYS A . n 
A 1 68  ALA 68  65  65  ALA ALA A . n 
A 1 69  GLY 69  66  66  GLY GLY A . n 
A 1 70  ALA 70  67  67  ALA ALA A . n 
A 1 71  LYS 71  68  68  LYS LYS A . n 
A 1 72  ILE 72  69  69  ILE ILE A . n 
A 1 73  LEU 73  70  70  LEU LEU A . n 
A 1 74  GLY 74  71  71  GLY GLY A . n 
A 1 75  VAL 75  72  72  VAL VAL A . n 
A 1 76  SER 76  73  73  SER SER A . n 
A 1 77  ARG 77  74  74  ARG ARG A . n 
A 1 78  ASP 78  75  75  ASP ASP A . n 
A 1 79  SER 79  76  76  SER SER A . n 
A 1 80  VAL 80  77  77  VAL VAL A . n 
A 1 81  LYS 81  78  78  LYS LYS A . n 
A 1 82  SER 82  79  79  SER SER A . n 
A 1 83  HIS 83  80  80  HIS HIS A . n 
A 1 84  ASP 84  81  81  ASP ASP A . n 
A 1 85  ASN 85  82  82  ASN ASN A . n 
A 1 86  PHE 86  83  83  PHE PHE A . n 
A 1 87  SER 87  84  84  SER SER A . n 
A 1 88  ALA 88  85  85  ALA ALA A . n 
A 1 89  LYS 89  86  86  LYS LYS A . n 
A 1 90  GLN 90  87  87  GLN GLN A . n 
A 1 91  GLY 91  88  88  GLY GLY A . n 
A 1 92  PHE 92  89  89  PHE PHE A . n 
A 1 93  ALA 93  90  90  ALA ALA A . n 
A 1 94  PHE 94  91  91  PHE PHE A . n 
A 1 95  PRO 95  92  92  PRO PRO A . n 
A 1 96  LEU 96  93  93  LEU LEU A . n 
A 1 97  VAL 97  94  94  VAL VAL A . n 
A 1 98  SER 98  95  95  SER SER A . n 
A 1 99  ASP 99  96  96  ASP ASP A . n 
A 1 100 GLY 100 97  97  GLY GLY A . n 
A 1 101 ASP 101 98  98  ASP ASP A . n 
A 1 102 GLU 102 99  99  GLU GLU A . n 
A 1 103 ALA 103 100 100 ALA ALA A . n 
A 1 104 LEU 104 101 101 LEU LEU A . n 
A 1 105 CYS 105 102 102 CYS CYS A . n 
A 1 106 ARG 106 103 103 ARG ARG A . n 
A 1 107 ALA 107 104 104 ALA ALA A . n 
A 1 108 PHE 108 105 105 PHE PHE A . n 
A 1 109 ASP 109 106 106 ASP ASP A . n 
A 1 110 VAL 110 107 107 VAL VAL A . n 
A 1 111 ILE 111 108 108 ILE ILE A . n 
A 1 112 LYS 112 109 109 LYS LYS A . n 
A 1 113 GLU 113 110 110 GLU GLU A . n 
A 1 114 LYS 114 111 111 LYS LYS A . n 
A 1 115 ASN 115 112 112 ASN ASN A . n 
A 1 116 MET 116 113 113 MET MET A . n 
A 1 117 TYR 117 114 114 TYR TYR A . n 
A 1 118 GLY 118 115 115 GLY GLY A . n 
A 1 119 LYS 119 116 116 LYS LYS A . n 
A 1 120 GLN 120 117 117 GLN GLN A . n 
A 1 121 VAL 121 118 118 VAL VAL A . n 
A 1 122 LEU 122 119 119 LEU LEU A . n 
A 1 123 GLY 123 120 120 GLY GLY A . n 
A 1 124 ILE 124 121 121 ILE ILE A . n 
A 1 125 GLU 125 122 122 GLU GLU A . n 
A 1 126 ARG 126 123 123 ARG ARG A . n 
A 1 127 SER 127 124 124 SER SER A . n 
A 1 128 THR 128 125 125 THR THR A . n 
A 1 129 PHE 129 126 126 PHE PHE A . n 
A 1 130 LEU 130 127 127 LEU LEU A . n 
A 1 131 LEU 131 128 128 LEU LEU A . n 
A 1 132 SER 132 129 129 SER SER A . n 
A 1 133 PRO 133 130 130 PRO PRO A . n 
A 1 134 GLU 134 131 131 GLU GLU A . n 
A 1 135 GLY 135 132 132 GLY GLY A . n 
A 1 136 GLN 136 133 133 GLN GLN A . n 
A 1 137 VAL 137 134 134 VAL VAL A . n 
A 1 138 VAL 138 135 135 VAL VAL A . n 
A 1 139 GLN 139 136 136 GLN GLN A . n 
A 1 140 ALA 140 137 137 ALA ALA A . n 
A 1 141 TRP 141 138 138 TRP TRP A . n 
A 1 142 ARG 142 139 139 ARG ARG A . n 
A 1 143 LYS 143 140 140 LYS LYS A . n 
A 1 144 VAL 144 141 141 VAL VAL A . n 
A 1 145 LYS 145 142 142 LYS LYS A . n 
A 1 146 VAL 146 143 143 VAL VAL A . n 
A 1 147 ALA 147 144 144 ALA ALA A . n 
A 1 148 GLY 148 145 145 GLY GLY A . n 
A 1 149 HIS 149 146 146 HIS HIS A . n 
A 1 150 ALA 150 147 147 ALA ALA A . n 
A 1 151 ASP 151 148 148 ASP ASP A . n 
A 1 152 ALA 152 149 149 ALA ALA A . n 
A 1 153 VAL 153 150 150 VAL VAL A . n 
A 1 154 LEU 154 151 151 LEU LEU A . n 
A 1 155 ALA 155 152 152 ALA ALA A . n 
A 1 156 ALA 156 153 153 ALA ALA A . n 
A 1 157 LEU 157 154 154 LEU LEU A . n 
A 1 158 LYS 158 155 155 LYS LYS A . n 
A 1 159 ALA 159 156 156 ALA ALA A . n 
A 1 160 HIS 160 157 157 HIS HIS A . n 
A 1 161 ALA 161 158 158 ALA ALA A . n 
A 1 162 LYS 162 159 159 LYS LYS A . n 
A 1 163 GLN 163 160 ?   ?   ?   A . n 
# 
loop_
_pdbx_nonpoly_scheme.asym_id 
_pdbx_nonpoly_scheme.entity_id 
_pdbx_nonpoly_scheme.mon_id 
_pdbx_nonpoly_scheme.ndb_seq_num 
_pdbx_nonpoly_scheme.pdb_seq_num 
_pdbx_nonpoly_scheme.auth_seq_num 
_pdbx_nonpoly_scheme.pdb_mon_id 
_pdbx_nonpoly_scheme.auth_mon_id 
_pdbx_nonpoly_scheme.pdb_strand_id 
_pdbx_nonpoly_scheme.pdb_ins_code 
B 2 FMT 1   408 408 FMT FMT A . 
C 2 FMT 1   409 409 FMT FMT A . 
D 2 FMT 1   410 410 FMT FMT A . 
E 2 FMT 1   411 411 FMT FMT A . 
F 2 FMT 1   412 412 FMT FMT A . 
G 2 FMT 1   413 413 FMT FMT A . 
H 2 FMT 1   414 414 FMT FMT A . 
I 2 FMT 1   415 415 FMT FMT A . 
J 2 FMT 1   416 416 FMT FMT A . 
K 2 FMT 1   417 417 FMT FMT A . 
L 2 FMT 1   418 418 FMT FMT A . 
M 2 FMT 1   419 419 FMT FMT A . 
N 3 HOH 1   161 161 HOH HOH A . 
N 3 HOH 2   162 162 HOH HOH A . 
N 3 HOH 3   163 163 HOH HOH A . 
N 3 HOH 4   164 164 HOH HOH A . 
N 3 HOH 5   165 165 HOH HOH A . 
N 3 HOH 6   166 166 HOH HOH A . 
N 3 HOH 7   167 167 HOH HOH A . 
N 3 HOH 8   168 168 HOH HOH A . 
N 3 HOH 9   169 169 HOH HOH A . 
N 3 HOH 10  170 170 HOH HOH A . 
N 3 HOH 11  171 171 HOH HOH A . 
N 3 HOH 12  172 172 HOH HOH A . 
N 3 HOH 13  173 173 HOH HOH A . 
N 3 HOH 14  174 174 HOH HOH A . 
N 3 HOH 15  175 175 HOH HOH A . 
N 3 HOH 16  176 176 HOH HOH A . 
N 3 HOH 17  177 177 HOH HOH A . 
N 3 HOH 18  178 178 HOH HOH A . 
N 3 HOH 19  179 179 HOH HOH A . 
N 3 HOH 20  180 180 HOH HOH A . 
N 3 HOH 21  181 181 HOH HOH A . 
N 3 HOH 22  182 182 HOH HOH A . 
N 3 HOH 23  183 183 HOH HOH A . 
N 3 HOH 24  184 184 HOH HOH A . 
N 3 HOH 25  185 185 HOH HOH A . 
N 3 HOH 26  186 186 HOH HOH A . 
N 3 HOH 27  187 187 HOH HOH A . 
N 3 HOH 28  188 188 HOH HOH A . 
N 3 HOH 29  189 189 HOH HOH A . 
N 3 HOH 30  190 190 HOH HOH A . 
N 3 HOH 31  191 191 HOH HOH A . 
N 3 HOH 32  192 192 HOH HOH A . 
N 3 HOH 33  193 193 HOH HOH A . 
N 3 HOH 34  194 194 HOH HOH A . 
N 3 HOH 35  195 195 HOH HOH A . 
N 3 HOH 36  196 196 HOH HOH A . 
N 3 HOH 37  197 197 HOH HOH A . 
N 3 HOH 38  198 198 HOH HOH A . 
N 3 HOH 39  199 199 HOH HOH A . 
N 3 HOH 40  200 200 HOH HOH A . 
N 3 HOH 41  201 201 HOH HOH A . 
N 3 HOH 42  202 202 HOH HOH A . 
N 3 HOH 43  203 203 HOH HOH A . 
N 3 HOH 44  204 204 HOH HOH A . 
N 3 HOH 45  205 205 HOH HOH A . 
N 3 HOH 46  206 206 HOH HOH A . 
N 3 HOH 47  207 207 HOH HOH A . 
N 3 HOH 48  208 208 HOH HOH A . 
N 3 HOH 49  209 209 HOH HOH A . 
N 3 HOH 50  210 210 HOH HOH A . 
N 3 HOH 51  211 211 HOH HOH A . 
N 3 HOH 52  212 212 HOH HOH A . 
N 3 HOH 53  213 213 HOH HOH A . 
N 3 HOH 54  214 214 HOH HOH A . 
N 3 HOH 55  215 215 HOH HOH A . 
N 3 HOH 56  216 216 HOH HOH A . 
N 3 HOH 57  217 217 HOH HOH A . 
N 3 HOH 58  218 218 HOH HOH A . 
N 3 HOH 59  219 219 HOH HOH A . 
N 3 HOH 60  220 220 HOH HOH A . 
N 3 HOH 61  221 221 HOH HOH A . 
N 3 HOH 62  222 222 HOH HOH A . 
N 3 HOH 63  223 223 HOH HOH A . 
N 3 HOH 64  224 224 HOH HOH A . 
N 3 HOH 65  225 225 HOH HOH A . 
N 3 HOH 66  226 226 HOH HOH A . 
N 3 HOH 67  227 227 HOH HOH A . 
N 3 HOH 68  228 228 HOH HOH A . 
N 3 HOH 69  229 229 HOH HOH A . 
N 3 HOH 70  230 230 HOH HOH A . 
N 3 HOH 71  231 231 HOH HOH A . 
N 3 HOH 72  232 232 HOH HOH A . 
N 3 HOH 73  233 233 HOH HOH A . 
N 3 HOH 74  234 234 HOH HOH A . 
N 3 HOH 75  235 235 HOH HOH A . 
N 3 HOH 76  236 236 HOH HOH A . 
N 3 HOH 77  237 237 HOH HOH A . 
N 3 HOH 78  238 238 HOH HOH A . 
N 3 HOH 79  239 239 HOH HOH A . 
N 3 HOH 80  240 240 HOH HOH A . 
N 3 HOH 81  241 241 HOH HOH A . 
N 3 HOH 82  242 242 HOH HOH A . 
N 3 HOH 83  243 243 HOH HOH A . 
N 3 HOH 84  244 244 HOH HOH A . 
N 3 HOH 85  245 245 HOH HOH A . 
N 3 HOH 86  246 246 HOH HOH A . 
N 3 HOH 87  247 247 HOH HOH A . 
N 3 HOH 88  248 248 HOH HOH A . 
N 3 HOH 89  249 249 HOH HOH A . 
N 3 HOH 90  250 250 HOH HOH A . 
N 3 HOH 91  251 251 HOH HOH A . 
N 3 HOH 92  252 252 HOH HOH A . 
N 3 HOH 93  253 253 HOH HOH A . 
N 3 HOH 94  254 254 HOH HOH A . 
N 3 HOH 95  255 255 HOH HOH A . 
N 3 HOH 96  256 256 HOH HOH A . 
N 3 HOH 97  257 257 HOH HOH A . 
N 3 HOH 98  258 258 HOH HOH A . 
N 3 HOH 99  259 259 HOH HOH A . 
N 3 HOH 100 260 260 HOH HOH A . 
N 3 HOH 101 261 261 HOH HOH A . 
N 3 HOH 102 262 262 HOH HOH A . 
N 3 HOH 103 263 263 HOH HOH A . 
N 3 HOH 104 264 264 HOH HOH A . 
N 3 HOH 105 265 265 HOH HOH A . 
N 3 HOH 106 266 266 HOH HOH A . 
N 3 HOH 107 267 267 HOH HOH A . 
N 3 HOH 108 268 268 HOH HOH A . 
N 3 HOH 109 269 269 HOH HOH A . 
N 3 HOH 110 270 270 HOH HOH A . 
N 3 HOH 111 271 271 HOH HOH A . 
N 3 HOH 112 272 272 HOH HOH A . 
N 3 HOH 113 273 273 HOH HOH A . 
N 3 HOH 114 274 274 HOH HOH A . 
N 3 HOH 115 275 275 HOH HOH A . 
N 3 HOH 116 276 276 HOH HOH A . 
N 3 HOH 117 277 277 HOH HOH A . 
N 3 HOH 118 278 278 HOH HOH A . 
N 3 HOH 119 279 279 HOH HOH A . 
N 3 HOH 120 280 280 HOH HOH A . 
N 3 HOH 121 281 281 HOH HOH A . 
N 3 HOH 122 282 282 HOH HOH A . 
N 3 HOH 123 283 283 HOH HOH A . 
N 3 HOH 124 284 284 HOH HOH A . 
N 3 HOH 125 285 285 HOH HOH A . 
N 3 HOH 126 286 286 HOH HOH A . 
N 3 HOH 127 287 287 HOH HOH A . 
N 3 HOH 128 288 288 HOH HOH A . 
N 3 HOH 129 289 289 HOH HOH A . 
N 3 HOH 130 290 290 HOH HOH A . 
N 3 HOH 131 291 291 HOH HOH A . 
N 3 HOH 132 292 292 HOH HOH A . 
N 3 HOH 133 293 293 HOH HOH A . 
N 3 HOH 134 294 294 HOH HOH A . 
N 3 HOH 135 295 295 HOH HOH A . 
N 3 HOH 136 296 296 HOH HOH A . 
N 3 HOH 137 297 297 HOH HOH A . 
N 3 HOH 138 298 298 HOH HOH A . 
N 3 HOH 139 299 299 HOH HOH A . 
N 3 HOH 140 300 300 HOH HOH A . 
N 3 HOH 141 301 301 HOH HOH A . 
N 3 HOH 142 302 302 HOH HOH A . 
N 3 HOH 143 303 303 HOH HOH A . 
N 3 HOH 144 304 304 HOH HOH A . 
N 3 HOH 145 305 305 HOH HOH A . 
N 3 HOH 146 306 306 HOH HOH A . 
N 3 HOH 147 307 307 HOH HOH A . 
N 3 HOH 148 308 308 HOH HOH A . 
N 3 HOH 149 309 309 HOH HOH A . 
N 3 HOH 150 310 310 HOH HOH A . 
N 3 HOH 151 311 311 HOH HOH A . 
N 3 HOH 152 312 312 HOH HOH A . 
N 3 HOH 153 313 313 HOH HOH A . 
N 3 HOH 154 314 314 HOH HOH A . 
N 3 HOH 155 315 315 HOH HOH A . 
N 3 HOH 156 316 316 HOH HOH A . 
N 3 HOH 157 317 317 HOH HOH A . 
N 3 HOH 158 318 318 HOH HOH A . 
N 3 HOH 159 319 319 HOH HOH A . 
N 3 HOH 160 320 320 HOH HOH A . 
N 3 HOH 161 321 321 HOH HOH A . 
N 3 HOH 162 322 322 HOH HOH A . 
N 3 HOH 163 323 323 HOH HOH A . 
N 3 HOH 164 324 324 HOH HOH A . 
N 3 HOH 165 325 325 HOH HOH A . 
N 3 HOH 166 326 326 HOH HOH A . 
N 3 HOH 167 327 327 HOH HOH A . 
N 3 HOH 168 328 328 HOH HOH A . 
N 3 HOH 169 329 329 HOH HOH A . 
N 3 HOH 170 330 330 HOH HOH A . 
N 3 HOH 171 331 331 HOH HOH A . 
N 3 HOH 172 332 332 HOH HOH A . 
N 3 HOH 173 333 333 HOH HOH A . 
N 3 HOH 174 334 334 HOH HOH A . 
N 3 HOH 175 335 335 HOH HOH A . 
N 3 HOH 176 336 336 HOH HOH A . 
N 3 HOH 177 337 337 HOH HOH A . 
N 3 HOH 178 338 338 HOH HOH A . 
N 3 HOH 179 339 339 HOH HOH A . 
N 3 HOH 180 340 340 HOH HOH A . 
N 3 HOH 181 341 341 HOH HOH A . 
N 3 HOH 182 342 342 HOH HOH A . 
N 3 HOH 183 343 343 HOH HOH A . 
N 3 HOH 184 344 344 HOH HOH A . 
N 3 HOH 185 345 345 HOH HOH A . 
N 3 HOH 186 346 346 HOH HOH A . 
N 3 HOH 187 347 347 HOH HOH A . 
N 3 HOH 188 348 348 HOH HOH A . 
N 3 HOH 189 349 349 HOH HOH A . 
N 3 HOH 190 350 350 HOH HOH A . 
N 3 HOH 191 351 351 HOH HOH A . 
N 3 HOH 192 352 352 HOH HOH A . 
N 3 HOH 193 353 353 HOH HOH A . 
N 3 HOH 194 354 354 HOH HOH A . 
N 3 HOH 195 355 355 HOH HOH A . 
N 3 HOH 196 356 356 HOH HOH A . 
N 3 HOH 197 357 357 HOH HOH A . 
N 3 HOH 198 358 358 HOH HOH A . 
N 3 HOH 199 359 359 HOH HOH A . 
N 3 HOH 200 360 360 HOH HOH A . 
N 3 HOH 201 361 361 HOH HOH A . 
N 3 HOH 202 362 362 HOH HOH A . 
N 3 HOH 203 363 363 HOH HOH A . 
N 3 HOH 204 364 364 HOH HOH A . 
N 3 HOH 205 365 365 HOH HOH A . 
N 3 HOH 206 366 366 HOH HOH A . 
N 3 HOH 207 367 367 HOH HOH A . 
N 3 HOH 208 368 368 HOH HOH A . 
N 3 HOH 209 369 369 HOH HOH A . 
N 3 HOH 210 370 370 HOH HOH A . 
N 3 HOH 211 371 371 HOH HOH A . 
N 3 HOH 212 372 372 HOH HOH A . 
N 3 HOH 213 373 373 HOH HOH A . 
N 3 HOH 214 374 374 HOH HOH A . 
N 3 HOH 215 375 375 HOH HOH A . 
N 3 HOH 216 376 376 HOH HOH A . 
N 3 HOH 217 377 377 HOH HOH A . 
N 3 HOH 218 378 378 HOH HOH A . 
N 3 HOH 219 379 379 HOH HOH A . 
N 3 HOH 220 380 380 HOH HOH A . 
N 3 HOH 221 381 381 HOH HOH A . 
N 3 HOH 222 382 382 HOH HOH A . 
N 3 HOH 223 383 383 HOH HOH A . 
N 3 HOH 224 384 384 HOH HOH A . 
N 3 HOH 225 385 385 HOH HOH A . 
N 3 HOH 226 386 386 HOH HOH A . 
N 3 HOH 227 387 387 HOH HOH A . 
N 3 HOH 228 388 388 HOH HOH A . 
N 3 HOH 229 389 389 HOH HOH A . 
N 3 HOH 230 390 390 HOH HOH A . 
N 3 HOH 231 391 391 HOH HOH A . 
N 3 HOH 232 392 392 HOH HOH A . 
N 3 HOH 233 393 393 HOH HOH A . 
N 3 HOH 234 394 394 HOH HOH A . 
N 3 HOH 235 395 395 HOH HOH A . 
N 3 HOH 236 396 396 HOH HOH A . 
N 3 HOH 237 397 397 HOH HOH A . 
N 3 HOH 238 398 398 HOH HOH A . 
N 3 HOH 239 399 399 HOH HOH A . 
N 3 HOH 240 400 400 HOH HOH A . 
N 3 HOH 241 401 401 HOH HOH A . 
N 3 HOH 242 402 402 HOH HOH A . 
N 3 HOH 243 403 403 HOH HOH A . 
N 3 HOH 244 404 404 HOH HOH A . 
N 3 HOH 245 405 405 HOH HOH A . 
N 3 HOH 246 406 406 HOH HOH A . 
N 3 HOH 247 407 407 HOH HOH A . 
# 
_pdbx_struct_assembly.id                   1 
_pdbx_struct_assembly.details              author_and_software_defined_assembly 
_pdbx_struct_assembly.method_details       PISA 
_pdbx_struct_assembly.oligomeric_details   monomeric 
_pdbx_struct_assembly.oligomeric_count     1 
# 
_pdbx_struct_assembly_gen.assembly_id       1 
_pdbx_struct_assembly_gen.oper_expression   1 
_pdbx_struct_assembly_gen.asym_id_list      A,B,C,D,E,F,G,H,I,J,K,L,M,N 
# 
_pdbx_struct_oper_list.id                   1 
_pdbx_struct_oper_list.type                 'identity operation' 
_pdbx_struct_oper_list.name                 1_555 
_pdbx_struct_oper_list.symmetry_operation   x,y,z 
_pdbx_struct_oper_list.matrix[1][1]         1.0000000000 
_pdbx_struct_oper_list.matrix[1][2]         0.0000000000 
_pdbx_struct_oper_list.matrix[1][3]         0.0000000000 
_pdbx_struct_oper_list.vector[1]            0.0000000000 
_pdbx_struct_oper_list.matrix[2][1]         0.0000000000 
_pdbx_struct_oper_list.matrix[2][2]         1.0000000000 
_pdbx_struct_oper_list.matrix[2][3]         0.0000000000 
_pdbx_struct_oper_list.vector[2]            0.0000000000 
_pdbx_struct_oper_list.matrix[3][1]         0.0000000000 
_pdbx_struct_oper_list.matrix[3][2]         0.0000000000 
_pdbx_struct_oper_list.matrix[3][3]         1.0000000000 
_pdbx_struct_oper_list.vector[3]            0.0000000000 
# 
loop_
_pdbx_audit_revision_history.ordinal 
_pdbx_audit_revision_history.data_content_type 
_pdbx_audit_revision_history.major_revision 
_pdbx_audit_revision_history.minor_revision 
_pdbx_audit_revision_history.revision_date 
1 'Structure model' 1 0 2009-06-16 
2 'Structure model' 1 1 2011-07-13 
3 'Structure model' 1 2 2017-11-01 
4 'Structure model' 1 3 2021-11-10 
5 'Structure model' 1 4 2023-11-01 
# 
_pdbx_audit_revision_details.ordinal             1 
_pdbx_audit_revision_details.revision_ordinal    1 
_pdbx_audit_revision_details.data_content_type   'Structure model' 
_pdbx_audit_revision_details.provider            repository 
_pdbx_audit_revision_details.type                'Initial release' 
_pdbx_audit_revision_details.description         ? 
_pdbx_audit_revision_details.details             ? 
# 
loop_
_pdbx_audit_revision_group.ordinal 
_pdbx_audit_revision_group.revision_ordinal 
_pdbx_audit_revision_group.data_content_type 
_pdbx_audit_revision_group.group 
1 2 'Structure model' 'Version format compliance' 
2 3 'Structure model' 'Refinement description'    
3 4 'Structure model' 'Database references'       
4 4 'Structure model' 'Derived calculations'      
5 5 'Structure model' 'Data collection'           
6 5 'Structure model' 'Refinement description'    
# 
loop_
_pdbx_audit_revision_category.ordinal 
_pdbx_audit_revision_category.revision_ordinal 
_pdbx_audit_revision_category.data_content_type 
_pdbx_audit_revision_category.category 
1 3 'Structure model' software                      
2 4 'Structure model' database_2                    
3 4 'Structure model' struct_ref_seq_dif            
4 4 'Structure model' struct_site                   
5 5 'Structure model' chem_comp_atom                
6 5 'Structure model' chem_comp_bond                
7 5 'Structure model' pdbx_initial_refinement_model 
# 
loop_
_pdbx_audit_revision_item.ordinal 
_pdbx_audit_revision_item.revision_ordinal 
_pdbx_audit_revision_item.data_content_type 
_pdbx_audit_revision_item.item 
1 4 'Structure model' '_database_2.pdbx_DOI'                
2 4 'Structure model' '_database_2.pdbx_database_accession' 
3 4 'Structure model' '_struct_ref_seq_dif.details'         
4 4 'Structure model' '_struct_site.pdbx_auth_asym_id'      
5 4 'Structure model' '_struct_site.pdbx_auth_comp_id'      
6 4 'Structure model' '_struct_site.pdbx_auth_seq_id'       
# 
_phasing.method   MAD 
# 
loop_
_software.name 
_software.version 
_software.date 
_software.type 
_software.contact_author 
_software.contact_author_email 
_software.classification 
_software.location 
_software.language 
_software.citation_id 
_software.pdbx_ordinal 
DENZO       .     ?               package 'Zbyszek Otwinowski' hkl@hkl-xray.com      'data reduction'  http://www.hkl-xray.com/ ? 
? 1 
SCALEPACK   .     ?               package 'Zbyszek Otwinowski' hkl@hkl-xray.com      'data scaling'    http://www.hkl-xray.com/ ? 
? 2 
SOLVE       .     ?               program 'Tom Terwilliger'    terwilliger@LANL.gov  phasing           http://www.solve.lanl.gov/ 
?          ? 3 
CNS         .     ?               package 'Axel T. Brunger'    axel.brunger@yale.edu refinement        http://cns-online.org/ 
Fortran_77 ? 4 
PDB_EXTRACT 3.006 'June 11, 2008' package PDB                  help@deposit.rcsb.org 'data extraction' 
http://sw-tools.pdb.org/apps/PDB_EXTRACT/ C++        ? 5 
HKL-2000    .     ?               ?       ?                    ?                     'data reduction'  ? ?          ? 6 
HKL-2000    .     ?               ?       ?                    ?                     'data scaling'    ? ?          ? 7 
MOLREP      .     ?               ?       ?                    ?                     phasing           ? ?          ? 8 
# 
loop_
_pdbx_unobs_or_zero_occ_residues.id 
_pdbx_unobs_or_zero_occ_residues.PDB_model_num 
_pdbx_unobs_or_zero_occ_residues.polymer_flag 
_pdbx_unobs_or_zero_occ_residues.occupancy_flag 
_pdbx_unobs_or_zero_occ_residues.auth_asym_id 
_pdbx_unobs_or_zero_occ_residues.auth_comp_id 
_pdbx_unobs_or_zero_occ_residues.auth_seq_id 
_pdbx_unobs_or_zero_occ_residues.PDB_ins_code 
_pdbx_unobs_or_zero_occ_residues.label_asym_id 
_pdbx_unobs_or_zero_occ_residues.label_comp_id 
_pdbx_unobs_or_zero_occ_residues.label_seq_id 
1 1 Y 1 A SER -2  ? A SER 1   
2 1 Y 1 A ASN -1  ? A ASN 2   
3 1 Y 1 A ALA 0   ? A ALA 3   
4 1 Y 1 A MET 1   ? A MET 4   
5 1 Y 1 A THR 2   ? A THR 5   
6 1 Y 1 A GLN 160 ? A GLN 163 
# 
loop_
_chem_comp_atom.comp_id 
_chem_comp_atom.atom_id 
_chem_comp_atom.type_symbol 
_chem_comp_atom.pdbx_aromatic_flag 
_chem_comp_atom.pdbx_stereo_config 
_chem_comp_atom.pdbx_ordinal 
ALA N    N N N 1   
ALA CA   C N S 2   
ALA C    C N N 3   
ALA O    O N N 4   
ALA CB   C N N 5   
ALA OXT  O N N 6   
ALA H    H N N 7   
ALA H2   H N N 8   
ALA HA   H N N 9   
ALA HB1  H N N 10  
ALA HB2  H N N 11  
ALA HB3  H N N 12  
ALA HXT  H N N 13  
ARG N    N N N 14  
ARG CA   C N S 15  
ARG C    C N N 16  
ARG O    O N N 17  
ARG CB   C N N 18  
ARG CG   C N N 19  
ARG CD   C N N 20  
ARG NE   N N N 21  
ARG CZ   C N N 22  
ARG NH1  N N N 23  
ARG NH2  N N N 24  
ARG OXT  O N N 25  
ARG H    H N N 26  
ARG H2   H N N 27  
ARG HA   H N N 28  
ARG HB2  H N N 29  
ARG HB3  H N N 30  
ARG HG2  H N N 31  
ARG HG3  H N N 32  
ARG HD2  H N N 33  
ARG HD3  H N N 34  
ARG HE   H N N 35  
ARG HH11 H N N 36  
ARG HH12 H N N 37  
ARG HH21 H N N 38  
ARG HH22 H N N 39  
ARG HXT  H N N 40  
ASN N    N N N 41  
ASN CA   C N S 42  
ASN C    C N N 43  
ASN O    O N N 44  
ASN CB   C N N 45  
ASN CG   C N N 46  
ASN OD1  O N N 47  
ASN ND2  N N N 48  
ASN OXT  O N N 49  
ASN H    H N N 50  
ASN H2   H N N 51  
ASN HA   H N N 52  
ASN HB2  H N N 53  
ASN HB3  H N N 54  
ASN HD21 H N N 55  
ASN HD22 H N N 56  
ASN HXT  H N N 57  
ASP N    N N N 58  
ASP CA   C N S 59  
ASP C    C N N 60  
ASP O    O N N 61  
ASP CB   C N N 62  
ASP CG   C N N 63  
ASP OD1  O N N 64  
ASP OD2  O N N 65  
ASP OXT  O N N 66  
ASP H    H N N 67  
ASP H2   H N N 68  
ASP HA   H N N 69  
ASP HB2  H N N 70  
ASP HB3  H N N 71  
ASP HD2  H N N 72  
ASP HXT  H N N 73  
CYS N    N N N 74  
CYS CA   C N R 75  
CYS C    C N N 76  
CYS O    O N N 77  
CYS CB   C N N 78  
CYS SG   S N N 79  
CYS OXT  O N N 80  
CYS H    H N N 81  
CYS H2   H N N 82  
CYS HA   H N N 83  
CYS HB2  H N N 84  
CYS HB3  H N N 85  
CYS HG   H N N 86  
CYS HXT  H N N 87  
FMT C    C N N 88  
FMT O1   O N N 89  
FMT O2   O N N 90  
FMT H    H N N 91  
FMT HO2  H N N 92  
GLN N    N N N 93  
GLN CA   C N S 94  
GLN C    C N N 95  
GLN O    O N N 96  
GLN CB   C N N 97  
GLN CG   C N N 98  
GLN CD   C N N 99  
GLN OE1  O N N 100 
GLN NE2  N N N 101 
GLN OXT  O N N 102 
GLN H    H N N 103 
GLN H2   H N N 104 
GLN HA   H N N 105 
GLN HB2  H N N 106 
GLN HB3  H N N 107 
GLN HG2  H N N 108 
GLN HG3  H N N 109 
GLN HE21 H N N 110 
GLN HE22 H N N 111 
GLN HXT  H N N 112 
GLU N    N N N 113 
GLU CA   C N S 114 
GLU C    C N N 115 
GLU O    O N N 116 
GLU CB   C N N 117 
GLU CG   C N N 118 
GLU CD   C N N 119 
GLU OE1  O N N 120 
GLU OE2  O N N 121 
GLU OXT  O N N 122 
GLU H    H N N 123 
GLU H2   H N N 124 
GLU HA   H N N 125 
GLU HB2  H N N 126 
GLU HB3  H N N 127 
GLU HG2  H N N 128 
GLU HG3  H N N 129 
GLU HE2  H N N 130 
GLU HXT  H N N 131 
GLY N    N N N 132 
GLY CA   C N N 133 
GLY C    C N N 134 
GLY O    O N N 135 
GLY OXT  O N N 136 
GLY H    H N N 137 
GLY H2   H N N 138 
GLY HA2  H N N 139 
GLY HA3  H N N 140 
GLY HXT  H N N 141 
HIS N    N N N 142 
HIS CA   C N S 143 
HIS C    C N N 144 
HIS O    O N N 145 
HIS CB   C N N 146 
HIS CG   C Y N 147 
HIS ND1  N Y N 148 
HIS CD2  C Y N 149 
HIS CE1  C Y N 150 
HIS NE2  N Y N 151 
HIS OXT  O N N 152 
HIS H    H N N 153 
HIS H2   H N N 154 
HIS HA   H N N 155 
HIS HB2  H N N 156 
HIS HB3  H N N 157 
HIS HD1  H N N 158 
HIS HD2  H N N 159 
HIS HE1  H N N 160 
HIS HE2  H N N 161 
HIS HXT  H N N 162 
HOH O    O N N 163 
HOH H1   H N N 164 
HOH H2   H N N 165 
ILE N    N N N 166 
ILE CA   C N S 167 
ILE C    C N N 168 
ILE O    O N N 169 
ILE CB   C N S 170 
ILE CG1  C N N 171 
ILE CG2  C N N 172 
ILE CD1  C N N 173 
ILE OXT  O N N 174 
ILE H    H N N 175 
ILE H2   H N N 176 
ILE HA   H N N 177 
ILE HB   H N N 178 
ILE HG12 H N N 179 
ILE HG13 H N N 180 
ILE HG21 H N N 181 
ILE HG22 H N N 182 
ILE HG23 H N N 183 
ILE HD11 H N N 184 
ILE HD12 H N N 185 
ILE HD13 H N N 186 
ILE HXT  H N N 187 
LEU N    N N N 188 
LEU CA   C N S 189 
LEU C    C N N 190 
LEU O    O N N 191 
LEU CB   C N N 192 
LEU CG   C N N 193 
LEU CD1  C N N 194 
LEU CD2  C N N 195 
LEU OXT  O N N 196 
LEU H    H N N 197 
LEU H2   H N N 198 
LEU HA   H N N 199 
LEU HB2  H N N 200 
LEU HB3  H N N 201 
LEU HG   H N N 202 
LEU HD11 H N N 203 
LEU HD12 H N N 204 
LEU HD13 H N N 205 
LEU HD21 H N N 206 
LEU HD22 H N N 207 
LEU HD23 H N N 208 
LEU HXT  H N N 209 
LYS N    N N N 210 
LYS CA   C N S 211 
LYS C    C N N 212 
LYS O    O N N 213 
LYS CB   C N N 214 
LYS CG   C N N 215 
LYS CD   C N N 216 
LYS CE   C N N 217 
LYS NZ   N N N 218 
LYS OXT  O N N 219 
LYS H    H N N 220 
LYS H2   H N N 221 
LYS HA   H N N 222 
LYS HB2  H N N 223 
LYS HB3  H N N 224 
LYS HG2  H N N 225 
LYS HG3  H N N 226 
LYS HD2  H N N 227 
LYS HD3  H N N 228 
LYS HE2  H N N 229 
LYS HE3  H N N 230 
LYS HZ1  H N N 231 
LYS HZ2  H N N 232 
LYS HZ3  H N N 233 
LYS HXT  H N N 234 
MET N    N N N 235 
MET CA   C N S 236 
MET C    C N N 237 
MET O    O N N 238 
MET CB   C N N 239 
MET CG   C N N 240 
MET SD   S N N 241 
MET CE   C N N 242 
MET OXT  O N N 243 
MET H    H N N 244 
MET H2   H N N 245 
MET HA   H N N 246 
MET HB2  H N N 247 
MET HB3  H N N 248 
MET HG2  H N N 249 
MET HG3  H N N 250 
MET HE1  H N N 251 
MET HE2  H N N 252 
MET HE3  H N N 253 
MET HXT  H N N 254 
PHE N    N N N 255 
PHE CA   C N S 256 
PHE C    C N N 257 
PHE O    O N N 258 
PHE CB   C N N 259 
PHE CG   C Y N 260 
PHE CD1  C Y N 261 
PHE CD2  C Y N 262 
PHE CE1  C Y N 263 
PHE CE2  C Y N 264 
PHE CZ   C Y N 265 
PHE OXT  O N N 266 
PHE H    H N N 267 
PHE H2   H N N 268 
PHE HA   H N N 269 
PHE HB2  H N N 270 
PHE HB3  H N N 271 
PHE HD1  H N N 272 
PHE HD2  H N N 273 
PHE HE1  H N N 274 
PHE HE2  H N N 275 
PHE HZ   H N N 276 
PHE HXT  H N N 277 
PRO N    N N N 278 
PRO CA   C N S 279 
PRO C    C N N 280 
PRO O    O N N 281 
PRO CB   C N N 282 
PRO CG   C N N 283 
PRO CD   C N N 284 
PRO OXT  O N N 285 
PRO H    H N N 286 
PRO HA   H N N 287 
PRO HB2  H N N 288 
PRO HB3  H N N 289 
PRO HG2  H N N 290 
PRO HG3  H N N 291 
PRO HD2  H N N 292 
PRO HD3  H N N 293 
PRO HXT  H N N 294 
SER N    N N N 295 
SER CA   C N S 296 
SER C    C N N 297 
SER O    O N N 298 
SER CB   C N N 299 
SER OG   O N N 300 
SER OXT  O N N 301 
SER H    H N N 302 
SER H2   H N N 303 
SER HA   H N N 304 
SER HB2  H N N 305 
SER HB3  H N N 306 
SER HG   H N N 307 
SER HXT  H N N 308 
THR N    N N N 309 
THR CA   C N S 310 
THR C    C N N 311 
THR O    O N N 312 
THR CB   C N R 313 
THR OG1  O N N 314 
THR CG2  C N N 315 
THR OXT  O N N 316 
THR H    H N N 317 
THR H2   H N N 318 
THR HA   H N N 319 
THR HB   H N N 320 
THR HG1  H N N 321 
THR HG21 H N N 322 
THR HG22 H N N 323 
THR HG23 H N N 324 
THR HXT  H N N 325 
TRP N    N N N 326 
TRP CA   C N S 327 
TRP C    C N N 328 
TRP O    O N N 329 
TRP CB   C N N 330 
TRP CG   C Y N 331 
TRP CD1  C Y N 332 
TRP CD2  C Y N 333 
TRP NE1  N Y N 334 
TRP CE2  C Y N 335 
TRP CE3  C Y N 336 
TRP CZ2  C Y N 337 
TRP CZ3  C Y N 338 
TRP CH2  C Y N 339 
TRP OXT  O N N 340 
TRP H    H N N 341 
TRP H2   H N N 342 
TRP HA   H N N 343 
TRP HB2  H N N 344 
TRP HB3  H N N 345 
TRP HD1  H N N 346 
TRP HE1  H N N 347 
TRP HE3  H N N 348 
TRP HZ2  H N N 349 
TRP HZ3  H N N 350 
TRP HH2  H N N 351 
TRP HXT  H N N 352 
TYR N    N N N 353 
TYR CA   C N S 354 
TYR C    C N N 355 
TYR O    O N N 356 
TYR CB   C N N 357 
TYR CG   C Y N 358 
TYR CD1  C Y N 359 
TYR CD2  C Y N 360 
TYR CE1  C Y N 361 
TYR CE2  C Y N 362 
TYR CZ   C Y N 363 
TYR OH   O N N 364 
TYR OXT  O N N 365 
TYR H    H N N 366 
TYR H2   H N N 367 
TYR HA   H N N 368 
TYR HB2  H N N 369 
TYR HB3  H N N 370 
TYR HD1  H N N 371 
TYR HD2  H N N 372 
TYR HE1  H N N 373 
TYR HE2  H N N 374 
TYR HH   H N N 375 
TYR HXT  H N N 376 
VAL N    N N N 377 
VAL CA   C N S 378 
VAL C    C N N 379 
VAL O    O N N 380 
VAL CB   C N N 381 
VAL CG1  C N N 382 
VAL CG2  C N N 383 
VAL OXT  O N N 384 
VAL H    H N N 385 
VAL H2   H N N 386 
VAL HA   H N N 387 
VAL HB   H N N 388 
VAL HG11 H N N 389 
VAL HG12 H N N 390 
VAL HG13 H N N 391 
VAL HG21 H N N 392 
VAL HG22 H N N 393 
VAL HG23 H N N 394 
VAL HXT  H N N 395 
# 
loop_
_chem_comp_bond.comp_id 
_chem_comp_bond.atom_id_1 
_chem_comp_bond.atom_id_2 
_chem_comp_bond.value_order 
_chem_comp_bond.pdbx_aromatic_flag 
_chem_comp_bond.pdbx_stereo_config 
_chem_comp_bond.pdbx_ordinal 
ALA N   CA   sing N N 1   
ALA N   H    sing N N 2   
ALA N   H2   sing N N 3   
ALA CA  C    sing N N 4   
ALA CA  CB   sing N N 5   
ALA CA  HA   sing N N 6   
ALA C   O    doub N N 7   
ALA C   OXT  sing N N 8   
ALA CB  HB1  sing N N 9   
ALA CB  HB2  sing N N 10  
ALA CB  HB3  sing N N 11  
ALA OXT HXT  sing N N 12  
ARG N   CA   sing N N 13  
ARG N   H    sing N N 14  
ARG N   H2   sing N N 15  
ARG CA  C    sing N N 16  
ARG CA  CB   sing N N 17  
ARG CA  HA   sing N N 18  
ARG C   O    doub N N 19  
ARG C   OXT  sing N N 20  
ARG CB  CG   sing N N 21  
ARG CB  HB2  sing N N 22  
ARG CB  HB3  sing N N 23  
ARG CG  CD   sing N N 24  
ARG CG  HG2  sing N N 25  
ARG CG  HG3  sing N N 26  
ARG CD  NE   sing N N 27  
ARG CD  HD2  sing N N 28  
ARG CD  HD3  sing N N 29  
ARG NE  CZ   sing N N 30  
ARG NE  HE   sing N N 31  
ARG CZ  NH1  sing N N 32  
ARG CZ  NH2  doub N N 33  
ARG NH1 HH11 sing N N 34  
ARG NH1 HH12 sing N N 35  
ARG NH2 HH21 sing N N 36  
ARG NH2 HH22 sing N N 37  
ARG OXT HXT  sing N N 38  
ASN N   CA   sing N N 39  
ASN N   H    sing N N 40  
ASN N   H2   sing N N 41  
ASN CA  C    sing N N 42  
ASN CA  CB   sing N N 43  
ASN CA  HA   sing N N 44  
ASN C   O    doub N N 45  
ASN C   OXT  sing N N 46  
ASN CB  CG   sing N N 47  
ASN CB  HB2  sing N N 48  
ASN CB  HB3  sing N N 49  
ASN CG  OD1  doub N N 50  
ASN CG  ND2  sing N N 51  
ASN ND2 HD21 sing N N 52  
ASN ND2 HD22 sing N N 53  
ASN OXT HXT  sing N N 54  
ASP N   CA   sing N N 55  
ASP N   H    sing N N 56  
ASP N   H2   sing N N 57  
ASP CA  C    sing N N 58  
ASP CA  CB   sing N N 59  
ASP CA  HA   sing N N 60  
ASP C   O    doub N N 61  
ASP C   OXT  sing N N 62  
ASP CB  CG   sing N N 63  
ASP CB  HB2  sing N N 64  
ASP CB  HB3  sing N N 65  
ASP CG  OD1  doub N N 66  
ASP CG  OD2  sing N N 67  
ASP OD2 HD2  sing N N 68  
ASP OXT HXT  sing N N 69  
CYS N   CA   sing N N 70  
CYS N   H    sing N N 71  
CYS N   H2   sing N N 72  
CYS CA  C    sing N N 73  
CYS CA  CB   sing N N 74  
CYS CA  HA   sing N N 75  
CYS C   O    doub N N 76  
CYS C   OXT  sing N N 77  
CYS CB  SG   sing N N 78  
CYS CB  HB2  sing N N 79  
CYS CB  HB3  sing N N 80  
CYS SG  HG   sing N N 81  
CYS OXT HXT  sing N N 82  
FMT C   O1   doub N N 83  
FMT C   O2   sing N N 84  
FMT C   H    sing N N 85  
FMT O2  HO2  sing N N 86  
GLN N   CA   sing N N 87  
GLN N   H    sing N N 88  
GLN N   H2   sing N N 89  
GLN CA  C    sing N N 90  
GLN CA  CB   sing N N 91  
GLN CA  HA   sing N N 92  
GLN C   O    doub N N 93  
GLN C   OXT  sing N N 94  
GLN CB  CG   sing N N 95  
GLN CB  HB2  sing N N 96  
GLN CB  HB3  sing N N 97  
GLN CG  CD   sing N N 98  
GLN CG  HG2  sing N N 99  
GLN CG  HG3  sing N N 100 
GLN CD  OE1  doub N N 101 
GLN CD  NE2  sing N N 102 
GLN NE2 HE21 sing N N 103 
GLN NE2 HE22 sing N N 104 
GLN OXT HXT  sing N N 105 
GLU N   CA   sing N N 106 
GLU N   H    sing N N 107 
GLU N   H2   sing N N 108 
GLU CA  C    sing N N 109 
GLU CA  CB   sing N N 110 
GLU CA  HA   sing N N 111 
GLU C   O    doub N N 112 
GLU C   OXT  sing N N 113 
GLU CB  CG   sing N N 114 
GLU CB  HB2  sing N N 115 
GLU CB  HB3  sing N N 116 
GLU CG  CD   sing N N 117 
GLU CG  HG2  sing N N 118 
GLU CG  HG3  sing N N 119 
GLU CD  OE1  doub N N 120 
GLU CD  OE2  sing N N 121 
GLU OE2 HE2  sing N N 122 
GLU OXT HXT  sing N N 123 
GLY N   CA   sing N N 124 
GLY N   H    sing N N 125 
GLY N   H2   sing N N 126 
GLY CA  C    sing N N 127 
GLY CA  HA2  sing N N 128 
GLY CA  HA3  sing N N 129 
GLY C   O    doub N N 130 
GLY C   OXT  sing N N 131 
GLY OXT HXT  sing N N 132 
HIS N   CA   sing N N 133 
HIS N   H    sing N N 134 
HIS N   H2   sing N N 135 
HIS CA  C    sing N N 136 
HIS CA  CB   sing N N 137 
HIS CA  HA   sing N N 138 
HIS C   O    doub N N 139 
HIS C   OXT  sing N N 140 
HIS CB  CG   sing N N 141 
HIS CB  HB2  sing N N 142 
HIS CB  HB3  sing N N 143 
HIS CG  ND1  sing Y N 144 
HIS CG  CD2  doub Y N 145 
HIS ND1 CE1  doub Y N 146 
HIS ND1 HD1  sing N N 147 
HIS CD2 NE2  sing Y N 148 
HIS CD2 HD2  sing N N 149 
HIS CE1 NE2  sing Y N 150 
HIS CE1 HE1  sing N N 151 
HIS NE2 HE2  sing N N 152 
HIS OXT HXT  sing N N 153 
HOH O   H1   sing N N 154 
HOH O   H2   sing N N 155 
ILE N   CA   sing N N 156 
ILE N   H    sing N N 157 
ILE N   H2   sing N N 158 
ILE CA  C    sing N N 159 
ILE CA  CB   sing N N 160 
ILE CA  HA   sing N N 161 
ILE C   O    doub N N 162 
ILE C   OXT  sing N N 163 
ILE CB  CG1  sing N N 164 
ILE CB  CG2  sing N N 165 
ILE CB  HB   sing N N 166 
ILE CG1 CD1  sing N N 167 
ILE CG1 HG12 sing N N 168 
ILE CG1 HG13 sing N N 169 
ILE CG2 HG21 sing N N 170 
ILE CG2 HG22 sing N N 171 
ILE CG2 HG23 sing N N 172 
ILE CD1 HD11 sing N N 173 
ILE CD1 HD12 sing N N 174 
ILE CD1 HD13 sing N N 175 
ILE OXT HXT  sing N N 176 
LEU N   CA   sing N N 177 
LEU N   H    sing N N 178 
LEU N   H2   sing N N 179 
LEU CA  C    sing N N 180 
LEU CA  CB   sing N N 181 
LEU CA  HA   sing N N 182 
LEU C   O    doub N N 183 
LEU C   OXT  sing N N 184 
LEU CB  CG   sing N N 185 
LEU CB  HB2  sing N N 186 
LEU CB  HB3  sing N N 187 
LEU CG  CD1  sing N N 188 
LEU CG  CD2  sing N N 189 
LEU CG  HG   sing N N 190 
LEU CD1 HD11 sing N N 191 
LEU CD1 HD12 sing N N 192 
LEU CD1 HD13 sing N N 193 
LEU CD2 HD21 sing N N 194 
LEU CD2 HD22 sing N N 195 
LEU CD2 HD23 sing N N 196 
LEU OXT HXT  sing N N 197 
LYS N   CA   sing N N 198 
LYS N   H    sing N N 199 
LYS N   H2   sing N N 200 
LYS CA  C    sing N N 201 
LYS CA  CB   sing N N 202 
LYS CA  HA   sing N N 203 
LYS C   O    doub N N 204 
LYS C   OXT  sing N N 205 
LYS CB  CG   sing N N 206 
LYS CB  HB2  sing N N 207 
LYS CB  HB3  sing N N 208 
LYS CG  CD   sing N N 209 
LYS CG  HG2  sing N N 210 
LYS CG  HG3  sing N N 211 
LYS CD  CE   sing N N 212 
LYS CD  HD2  sing N N 213 
LYS CD  HD3  sing N N 214 
LYS CE  NZ   sing N N 215 
LYS CE  HE2  sing N N 216 
LYS CE  HE3  sing N N 217 
LYS NZ  HZ1  sing N N 218 
LYS NZ  HZ2  sing N N 219 
LYS NZ  HZ3  sing N N 220 
LYS OXT HXT  sing N N 221 
MET N   CA   sing N N 222 
MET N   H    sing N N 223 
MET N   H2   sing N N 224 
MET CA  C    sing N N 225 
MET CA  CB   sing N N 226 
MET CA  HA   sing N N 227 
MET C   O    doub N N 228 
MET C   OXT  sing N N 229 
MET CB  CG   sing N N 230 
MET CB  HB2  sing N N 231 
MET CB  HB3  sing N N 232 
MET CG  SD   sing N N 233 
MET CG  HG2  sing N N 234 
MET CG  HG3  sing N N 235 
MET SD  CE   sing N N 236 
MET CE  HE1  sing N N 237 
MET CE  HE2  sing N N 238 
MET CE  HE3  sing N N 239 
MET OXT HXT  sing N N 240 
PHE N   CA   sing N N 241 
PHE N   H    sing N N 242 
PHE N   H2   sing N N 243 
PHE CA  C    sing N N 244 
PHE CA  CB   sing N N 245 
PHE CA  HA   sing N N 246 
PHE C   O    doub N N 247 
PHE C   OXT  sing N N 248 
PHE CB  CG   sing N N 249 
PHE CB  HB2  sing N N 250 
PHE CB  HB3  sing N N 251 
PHE CG  CD1  doub Y N 252 
PHE CG  CD2  sing Y N 253 
PHE CD1 CE1  sing Y N 254 
PHE CD1 HD1  sing N N 255 
PHE CD2 CE2  doub Y N 256 
PHE CD2 HD2  sing N N 257 
PHE CE1 CZ   doub Y N 258 
PHE CE1 HE1  sing N N 259 
PHE CE2 CZ   sing Y N 260 
PHE CE2 HE2  sing N N 261 
PHE CZ  HZ   sing N N 262 
PHE OXT HXT  sing N N 263 
PRO N   CA   sing N N 264 
PRO N   CD   sing N N 265 
PRO N   H    sing N N 266 
PRO CA  C    sing N N 267 
PRO CA  CB   sing N N 268 
PRO CA  HA   sing N N 269 
PRO C   O    doub N N 270 
PRO C   OXT  sing N N 271 
PRO CB  CG   sing N N 272 
PRO CB  HB2  sing N N 273 
PRO CB  HB3  sing N N 274 
PRO CG  CD   sing N N 275 
PRO CG  HG2  sing N N 276 
PRO CG  HG3  sing N N 277 
PRO CD  HD2  sing N N 278 
PRO CD  HD3  sing N N 279 
PRO OXT HXT  sing N N 280 
SER N   CA   sing N N 281 
SER N   H    sing N N 282 
SER N   H2   sing N N 283 
SER CA  C    sing N N 284 
SER CA  CB   sing N N 285 
SER CA  HA   sing N N 286 
SER C   O    doub N N 287 
SER C   OXT  sing N N 288 
SER CB  OG   sing N N 289 
SER CB  HB2  sing N N 290 
SER CB  HB3  sing N N 291 
SER OG  HG   sing N N 292 
SER OXT HXT  sing N N 293 
THR N   CA   sing N N 294 
THR N   H    sing N N 295 
THR N   H2   sing N N 296 
THR CA  C    sing N N 297 
THR CA  CB   sing N N 298 
THR CA  HA   sing N N 299 
THR C   O    doub N N 300 
THR C   OXT  sing N N 301 
THR CB  OG1  sing N N 302 
THR CB  CG2  sing N N 303 
THR CB  HB   sing N N 304 
THR OG1 HG1  sing N N 305 
THR CG2 HG21 sing N N 306 
THR CG2 HG22 sing N N 307 
THR CG2 HG23 sing N N 308 
THR OXT HXT  sing N N 309 
TRP N   CA   sing N N 310 
TRP N   H    sing N N 311 
TRP N   H2   sing N N 312 
TRP CA  C    sing N N 313 
TRP CA  CB   sing N N 314 
TRP CA  HA   sing N N 315 
TRP C   O    doub N N 316 
TRP C   OXT  sing N N 317 
TRP CB  CG   sing N N 318 
TRP CB  HB2  sing N N 319 
TRP CB  HB3  sing N N 320 
TRP CG  CD1  doub Y N 321 
TRP CG  CD2  sing Y N 322 
TRP CD1 NE1  sing Y N 323 
TRP CD1 HD1  sing N N 324 
TRP CD2 CE2  doub Y N 325 
TRP CD2 CE3  sing Y N 326 
TRP NE1 CE2  sing Y N 327 
TRP NE1 HE1  sing N N 328 
TRP CE2 CZ2  sing Y N 329 
TRP CE3 CZ3  doub Y N 330 
TRP CE3 HE3  sing N N 331 
TRP CZ2 CH2  doub Y N 332 
TRP CZ2 HZ2  sing N N 333 
TRP CZ3 CH2  sing Y N 334 
TRP CZ3 HZ3  sing N N 335 
TRP CH2 HH2  sing N N 336 
TRP OXT HXT  sing N N 337 
TYR N   CA   sing N N 338 
TYR N   H    sing N N 339 
TYR N   H2   sing N N 340 
TYR CA  C    sing N N 341 
TYR CA  CB   sing N N 342 
TYR CA  HA   sing N N 343 
TYR C   O    doub N N 344 
TYR C   OXT  sing N N 345 
TYR CB  CG   sing N N 346 
TYR CB  HB2  sing N N 347 
TYR CB  HB3  sing N N 348 
TYR CG  CD1  doub Y N 349 
TYR CG  CD2  sing Y N 350 
TYR CD1 CE1  sing Y N 351 
TYR CD1 HD1  sing N N 352 
TYR CD2 CE2  doub Y N 353 
TYR CD2 HD2  sing N N 354 
TYR CE1 CZ   doub Y N 355 
TYR CE1 HE1  sing N N 356 
TYR CE2 CZ   sing Y N 357 
TYR CE2 HE2  sing N N 358 
TYR CZ  OH   sing N N 359 
TYR OH  HH   sing N N 360 
TYR OXT HXT  sing N N 361 
VAL N   CA   sing N N 362 
VAL N   H    sing N N 363 
VAL N   H2   sing N N 364 
VAL CA  C    sing N N 365 
VAL CA  CB   sing N N 366 
VAL CA  HA   sing N N 367 
VAL C   O    doub N N 368 
VAL C   OXT  sing N N 369 
VAL CB  CG1  sing N N 370 
VAL CB  CG2  sing N N 371 
VAL CB  HB   sing N N 372 
VAL CG1 HG11 sing N N 373 
VAL CG1 HG12 sing N N 374 
VAL CG1 HG13 sing N N 375 
VAL CG2 HG21 sing N N 376 
VAL CG2 HG22 sing N N 377 
VAL CG2 HG23 sing N N 378 
VAL OXT HXT  sing N N 379 
# 
loop_
_pdbx_entity_nonpoly.entity_id 
_pdbx_entity_nonpoly.name 
_pdbx_entity_nonpoly.comp_id 
2 'FORMIC ACID' FMT 
3 water         HOH 
# 
_pdbx_initial_refinement_model.id               1 
_pdbx_initial_refinement_model.entity_id_list   ? 
_pdbx_initial_refinement_model.type             'experimental model' 
_pdbx_initial_refinement_model.source_name      PDB 
_pdbx_initial_refinement_model.accession_code   3GKK 
_pdbx_initial_refinement_model.details          'PDB ENTRY 3GKK' 
# 
